data_2O5Q
# 
_entry.id   2O5Q 
# 
_audit_conform.dict_name       mmcif_pdbx.dic 
_audit_conform.dict_version    5.383 
_audit_conform.dict_location   http://mmcif.pdb.org/dictionaries/ascii/mmcif_pdbx.dic 
# 
loop_
_database_2.database_id 
_database_2.database_code 
_database_2.pdbx_database_accession 
_database_2.pdbx_DOI 
PDB   2O5Q         pdb_00002o5q 10.2210/pdb2o5q/pdb 
RCSB  RCSB040720   ?            ?                   
WWPDB D_1000040720 ?            ?                   
# 
loop_
_pdbx_audit_revision_history.ordinal 
_pdbx_audit_revision_history.data_content_type 
_pdbx_audit_revision_history.major_revision 
_pdbx_audit_revision_history.minor_revision 
_pdbx_audit_revision_history.revision_date 
1 'Structure model' 1 0 2007-10-16 
2 'Structure model' 1 1 2011-07-13 
3 'Structure model' 1 2 2023-12-27 
# 
_pdbx_audit_revision_details.ordinal             1 
_pdbx_audit_revision_details.revision_ordinal    1 
_pdbx_audit_revision_details.data_content_type   'Structure model' 
_pdbx_audit_revision_details.provider            repository 
_pdbx_audit_revision_details.type                'Initial release' 
_pdbx_audit_revision_details.description         ? 
_pdbx_audit_revision_details.details             ? 
# 
loop_
_pdbx_audit_revision_group.ordinal 
_pdbx_audit_revision_group.revision_ordinal 
_pdbx_audit_revision_group.data_content_type 
_pdbx_audit_revision_group.group 
1 2 'Structure model' 'Version format compliance' 
2 3 'Structure model' 'Data collection'           
3 3 'Structure model' 'Database references'       
4 3 'Structure model' 'Derived calculations'      
# 
loop_
_pdbx_audit_revision_category.ordinal 
_pdbx_audit_revision_category.revision_ordinal 
_pdbx_audit_revision_category.data_content_type 
_pdbx_audit_revision_category.category 
1 3 'Structure model' chem_comp_atom 
2 3 'Structure model' chem_comp_bond 
3 3 'Structure model' database_2     
4 3 'Structure model' struct_site    
# 
loop_
_pdbx_audit_revision_item.ordinal 
_pdbx_audit_revision_item.revision_ordinal 
_pdbx_audit_revision_item.data_content_type 
_pdbx_audit_revision_item.item 
1 3 'Structure model' '_database_2.pdbx_DOI'                
2 3 'Structure model' '_database_2.pdbx_database_accession' 
3 3 'Structure model' '_struct_site.pdbx_auth_asym_id'      
4 3 'Structure model' '_struct_site.pdbx_auth_comp_id'      
5 3 'Structure model' '_struct_site.pdbx_auth_seq_id'       
# 
_pdbx_database_status.status_code                     REL 
_pdbx_database_status.entry_id                        2O5Q 
_pdbx_database_status.recvd_initial_deposition_date   2006-12-06 
_pdbx_database_status.deposit_site                    RCSB 
_pdbx_database_status.process_site                    RCSB 
_pdbx_database_status.status_code_sf                  REL 
_pdbx_database_status.status_code_mr                  ? 
_pdbx_database_status.SG_entry                        ? 
_pdbx_database_status.status_code_cs                  ? 
_pdbx_database_status.pdb_format_compatible           Y 
_pdbx_database_status.status_code_nmr_data            ? 
_pdbx_database_status.methods_development_category    ? 
# 
loop_
_pdbx_database_related.db_name 
_pdbx_database_related.db_id 
_pdbx_database_related.details 
_pdbx_database_related.content_type 
PDB 1MMB 'Complex of BB94 with the catalytic domain of matrix metalloproteinase-8' unspecified 
PDB 2O58 'Horse heart met manganese myoglobin'                                     unspecified 
PDB 2O5B 'Manganese horse heart myoglobin, reduced'                                unspecified 
PDB 2O5L 'Manganese horse heart myoglobin, methanol modified'                      unspecified 
PDB 2O5M 'Manganese horse heart myoglobin, azide modified'                         unspecified 
PDB 2O5O 'Manganese horse heart myoglobin, nitrite modified'                       unspecified 
PDB 2O5S 'Cobalt horse heart myoglobin, nitrite modified'                          unspecified 
PDB 2O5T 'Cobalt horse heart myoglobin, oxidized'                                  unspecified 
# 
loop_
_audit_author.name 
_audit_author.pdbx_ordinal 
'Richter-Addo, G.B.' 1 
'Zahran, Z.N.'       2 
'Chooback, L.'       3 
'Copeland, D.M.'     4 
'West, A.H.'         5 
# 
_citation.id                        primary 
_citation.title                     
;Crystal structures of manganese- and cobalt-substituted myoglobin in complex with NO and nitrite reveal unusual ligand conformations.
;
_citation.journal_abbrev            J.Inorg.Biochem. 
_citation.journal_volume            102 
_citation.page_first                216 
_citation.page_last                 233 
_citation.year                      2008 
_citation.journal_id_ASTM           JIBIDJ 
_citation.country                   US 
_citation.journal_id_ISSN           0162-0134 
_citation.journal_id_CSD            0525 
_citation.book_publisher            ? 
_citation.pdbx_database_id_PubMed   17905436 
_citation.pdbx_database_id_DOI      10.1016/j.jinorgbio.2007.08.002 
# 
loop_
_citation_author.citation_id 
_citation_author.name 
_citation_author.ordinal 
_citation_author.identifier_ORCID 
primary 'Zahran, Z.N.'       1 ? 
primary 'Chooback, L.'       2 ? 
primary 'Copeland, D.M.'     3 ? 
primary 'West, A.H.'         4 ? 
primary 'Richter-Addo, G.B.' 5 ? 
# 
loop_
_entity.id 
_entity.type 
_entity.src_method 
_entity.pdbx_description 
_entity.formula_weight 
_entity.pdbx_number_of_molecules 
_entity.pdbx_ec 
_entity.pdbx_mutation 
_entity.pdbx_fragment 
_entity.details 
1 polymer     nat Myoglobin                     16983.514 1   ? ? ? ? 
2 non-polymer syn 'SULFATE ION'                 96.063    2   ? ? ? ? 
3 non-polymer syn 'MANGANESE PROTOPORPHYRIN IX' 615.580   1   ? ? ? ? 
4 non-polymer syn 'NITRIC OXIDE'                30.006    1   ? ? ? ? 
5 water       nat water                         18.015    163 ? ? ? ? 
# 
_entity_poly.entity_id                      1 
_entity_poly.type                           'polypeptide(L)' 
_entity_poly.nstd_linkage                   no 
_entity_poly.nstd_monomer                   no 
_entity_poly.pdbx_seq_one_letter_code       
;GLSDGEWQQVLNVWGKVEADIAGHGQEVLIRLFTGHPETLEKFDKFKHLKTEAEMKASEDLKKHGTVVLTALGGILKKKG
HHEAELKPLAQSHATKHKIPIKYLEFISDAIIHVLHSKHPGDFGADAQGAMTKALELFRNDIAAKYKELGFQG
;
_entity_poly.pdbx_seq_one_letter_code_can   
;GLSDGEWQQVLNVWGKVEADIAGHGQEVLIRLFTGHPETLEKFDKFKHLKTEAEMKASEDLKKHGTVVLTALGGILKKKG
HHEAELKPLAQSHATKHKIPIKYLEFISDAIIHVLHSKHPGDFGADAQGAMTKALELFRNDIAAKYKELGFQG
;
_entity_poly.pdbx_strand_id                 X 
_entity_poly.pdbx_target_identifier         ? 
# 
loop_
_pdbx_entity_nonpoly.entity_id 
_pdbx_entity_nonpoly.name 
_pdbx_entity_nonpoly.comp_id 
2 'SULFATE ION'                 SO4 
3 'MANGANESE PROTOPORPHYRIN IX' MNH 
4 'NITRIC OXIDE'                NO  
5 water                         HOH 
# 
loop_
_entity_poly_seq.entity_id 
_entity_poly_seq.num 
_entity_poly_seq.mon_id 
_entity_poly_seq.hetero 
1 1   GLY n 
1 2   LEU n 
1 3   SER n 
1 4   ASP n 
1 5   GLY n 
1 6   GLU n 
1 7   TRP n 
1 8   GLN n 
1 9   GLN n 
1 10  VAL n 
1 11  LEU n 
1 12  ASN n 
1 13  VAL n 
1 14  TRP n 
1 15  GLY n 
1 16  LYS n 
1 17  VAL n 
1 18  GLU n 
1 19  ALA n 
1 20  ASP n 
1 21  ILE n 
1 22  ALA n 
1 23  GLY n 
1 24  HIS n 
1 25  GLY n 
1 26  GLN n 
1 27  GLU n 
1 28  VAL n 
1 29  LEU n 
1 30  ILE n 
1 31  ARG n 
1 32  LEU n 
1 33  PHE n 
1 34  THR n 
1 35  GLY n 
1 36  HIS n 
1 37  PRO n 
1 38  GLU n 
1 39  THR n 
1 40  LEU n 
1 41  GLU n 
1 42  LYS n 
1 43  PHE n 
1 44  ASP n 
1 45  LYS n 
1 46  PHE n 
1 47  LYS n 
1 48  HIS n 
1 49  LEU n 
1 50  LYS n 
1 51  THR n 
1 52  GLU n 
1 53  ALA n 
1 54  GLU n 
1 55  MET n 
1 56  LYS n 
1 57  ALA n 
1 58  SER n 
1 59  GLU n 
1 60  ASP n 
1 61  LEU n 
1 62  LYS n 
1 63  LYS n 
1 64  HIS n 
1 65  GLY n 
1 66  THR n 
1 67  VAL n 
1 68  VAL n 
1 69  LEU n 
1 70  THR n 
1 71  ALA n 
1 72  LEU n 
1 73  GLY n 
1 74  GLY n 
1 75  ILE n 
1 76  LEU n 
1 77  LYS n 
1 78  LYS n 
1 79  LYS n 
1 80  GLY n 
1 81  HIS n 
1 82  HIS n 
1 83  GLU n 
1 84  ALA n 
1 85  GLU n 
1 86  LEU n 
1 87  LYS n 
1 88  PRO n 
1 89  LEU n 
1 90  ALA n 
1 91  GLN n 
1 92  SER n 
1 93  HIS n 
1 94  ALA n 
1 95  THR n 
1 96  LYS n 
1 97  HIS n 
1 98  LYS n 
1 99  ILE n 
1 100 PRO n 
1 101 ILE n 
1 102 LYS n 
1 103 TYR n 
1 104 LEU n 
1 105 GLU n 
1 106 PHE n 
1 107 ILE n 
1 108 SER n 
1 109 ASP n 
1 110 ALA n 
1 111 ILE n 
1 112 ILE n 
1 113 HIS n 
1 114 VAL n 
1 115 LEU n 
1 116 HIS n 
1 117 SER n 
1 118 LYS n 
1 119 HIS n 
1 120 PRO n 
1 121 GLY n 
1 122 ASP n 
1 123 PHE n 
1 124 GLY n 
1 125 ALA n 
1 126 ASP n 
1 127 ALA n 
1 128 GLN n 
1 129 GLY n 
1 130 ALA n 
1 131 MET n 
1 132 THR n 
1 133 LYS n 
1 134 ALA n 
1 135 LEU n 
1 136 GLU n 
1 137 LEU n 
1 138 PHE n 
1 139 ARG n 
1 140 ASN n 
1 141 ASP n 
1 142 ILE n 
1 143 ALA n 
1 144 ALA n 
1 145 LYS n 
1 146 TYR n 
1 147 LYS n 
1 148 GLU n 
1 149 LEU n 
1 150 GLY n 
1 151 PHE n 
1 152 GLN n 
1 153 GLY n 
# 
_entity_src_nat.entity_id                  1 
_entity_src_nat.pdbx_src_id                1 
_entity_src_nat.pdbx_alt_source_flag       sample 
_entity_src_nat.pdbx_beg_seq_num           ? 
_entity_src_nat.pdbx_end_seq_num           ? 
_entity_src_nat.common_name                horse 
_entity_src_nat.pdbx_organism_scientific   'Equus caballus' 
_entity_src_nat.pdbx_ncbi_taxonomy_id      9796 
_entity_src_nat.genus                      Equus 
_entity_src_nat.species                    ? 
_entity_src_nat.strain                     ? 
_entity_src_nat.tissue                     ? 
_entity_src_nat.tissue_fraction            ? 
_entity_src_nat.pdbx_secretion             ? 
_entity_src_nat.pdbx_fragment              ? 
_entity_src_nat.pdbx_variant               ? 
_entity_src_nat.pdbx_cell_line             ? 
_entity_src_nat.pdbx_atcc                  ? 
_entity_src_nat.pdbx_cellular_location     ? 
_entity_src_nat.pdbx_organ                 Heart 
_entity_src_nat.pdbx_organelle             ? 
_entity_src_nat.pdbx_cell                  ? 
_entity_src_nat.pdbx_plasmid_name          ? 
_entity_src_nat.pdbx_plasmid_details       ? 
_entity_src_nat.details                    ? 
# 
loop_
_chem_comp.id 
_chem_comp.type 
_chem_comp.mon_nstd_flag 
_chem_comp.name 
_chem_comp.pdbx_synonyms 
_chem_comp.formula 
_chem_comp.formula_weight 
ALA 'L-peptide linking' y ALANINE                       ?                   'C3 H7 N O2'         89.093  
ARG 'L-peptide linking' y ARGININE                      ?                   'C6 H15 N4 O2 1'     175.209 
ASN 'L-peptide linking' y ASPARAGINE                    ?                   'C4 H8 N2 O3'        132.118 
ASP 'L-peptide linking' y 'ASPARTIC ACID'               ?                   'C4 H7 N O4'         133.103 
GLN 'L-peptide linking' y GLUTAMINE                     ?                   'C5 H10 N2 O3'       146.144 
GLU 'L-peptide linking' y 'GLUTAMIC ACID'               ?                   'C5 H9 N O4'         147.129 
GLY 'peptide linking'   y GLYCINE                       ?                   'C2 H5 N O2'         75.067  
HIS 'L-peptide linking' y HISTIDINE                     ?                   'C6 H10 N3 O2 1'     156.162 
HOH non-polymer         . WATER                         ?                   'H2 O'               18.015  
ILE 'L-peptide linking' y ISOLEUCINE                    ?                   'C6 H13 N O2'        131.173 
LEU 'L-peptide linking' y LEUCINE                       ?                   'C6 H13 N O2'        131.173 
LYS 'L-peptide linking' y LYSINE                        ?                   'C6 H15 N2 O2 1'     147.195 
MET 'L-peptide linking' y METHIONINE                    ?                   'C5 H11 N O2 S'      149.211 
MNH non-polymer         . 'MANGANESE PROTOPORPHYRIN IX' ?                   'C34 H32 Mn N4 O4 4' 615.580 
NO  non-polymer         . 'NITRIC OXIDE'                'Nitrogen monoxide' 'N O'                30.006  
PHE 'L-peptide linking' y PHENYLALANINE                 ?                   'C9 H11 N O2'        165.189 
PRO 'L-peptide linking' y PROLINE                       ?                   'C5 H9 N O2'         115.130 
SER 'L-peptide linking' y SERINE                        ?                   'C3 H7 N O3'         105.093 
SO4 non-polymer         . 'SULFATE ION'                 ?                   'O4 S -2'            96.063  
THR 'L-peptide linking' y THREONINE                     ?                   'C4 H9 N O3'         119.119 
TRP 'L-peptide linking' y TRYPTOPHAN                    ?                   'C11 H12 N2 O2'      204.225 
TYR 'L-peptide linking' y TYROSINE                      ?                   'C9 H11 N O3'        181.189 
VAL 'L-peptide linking' y VALINE                        ?                   'C5 H11 N O2'        117.146 
# 
loop_
_pdbx_poly_seq_scheme.asym_id 
_pdbx_poly_seq_scheme.entity_id 
_pdbx_poly_seq_scheme.seq_id 
_pdbx_poly_seq_scheme.mon_id 
_pdbx_poly_seq_scheme.ndb_seq_num 
_pdbx_poly_seq_scheme.pdb_seq_num 
_pdbx_poly_seq_scheme.auth_seq_num 
_pdbx_poly_seq_scheme.pdb_mon_id 
_pdbx_poly_seq_scheme.auth_mon_id 
_pdbx_poly_seq_scheme.pdb_strand_id 
_pdbx_poly_seq_scheme.pdb_ins_code 
_pdbx_poly_seq_scheme.hetero 
A 1 1   GLY 1   1   1   GLY GLY X . n 
A 1 2   LEU 2   2   2   LEU LEU X . n 
A 1 3   SER 3   3   3   SER SER X . n 
A 1 4   ASP 4   4   4   ASP ASP X . n 
A 1 5   GLY 5   5   5   GLY GLY X . n 
A 1 6   GLU 6   6   6   GLU GLU X . n 
A 1 7   TRP 7   7   7   TRP TRP X . n 
A 1 8   GLN 8   8   8   GLN GLN X . n 
A 1 9   GLN 9   9   9   GLN GLN X . n 
A 1 10  VAL 10  10  10  VAL VAL X . n 
A 1 11  LEU 11  11  11  LEU LEU X . n 
A 1 12  ASN 12  12  12  ASN ASN X . n 
A 1 13  VAL 13  13  13  VAL VAL X . n 
A 1 14  TRP 14  14  14  TRP TRP X . n 
A 1 15  GLY 15  15  15  GLY GLY X . n 
A 1 16  LYS 16  16  16  LYS LYS X . n 
A 1 17  VAL 17  17  17  VAL VAL X . n 
A 1 18  GLU 18  18  18  GLU GLU X . n 
A 1 19  ALA 19  19  19  ALA ALA X . n 
A 1 20  ASP 20  20  20  ASP ASP X . n 
A 1 21  ILE 21  21  21  ILE ILE X . n 
A 1 22  ALA 22  22  22  ALA ALA X . n 
A 1 23  GLY 23  23  23  GLY GLY X . n 
A 1 24  HIS 24  24  24  HIS HIS X . n 
A 1 25  GLY 25  25  25  GLY GLY X . n 
A 1 26  GLN 26  26  26  GLN GLN X . n 
A 1 27  GLU 27  27  27  GLU GLU X . n 
A 1 28  VAL 28  28  28  VAL VAL X . n 
A 1 29  LEU 29  29  29  LEU LEU X . n 
A 1 30  ILE 30  30  30  ILE ILE X . n 
A 1 31  ARG 31  31  31  ARG ARG X . n 
A 1 32  LEU 32  32  32  LEU LEU X . n 
A 1 33  PHE 33  33  33  PHE PHE X . n 
A 1 34  THR 34  34  34  THR THR X . n 
A 1 35  GLY 35  35  35  GLY GLY X . n 
A 1 36  HIS 36  36  36  HIS HIS X . n 
A 1 37  PRO 37  37  37  PRO PRO X . n 
A 1 38  GLU 38  38  38  GLU GLU X . n 
A 1 39  THR 39  39  39  THR THR X . n 
A 1 40  LEU 40  40  40  LEU LEU X . n 
A 1 41  GLU 41  41  41  GLU GLU X . n 
A 1 42  LYS 42  42  42  LYS LYS X . n 
A 1 43  PHE 43  43  43  PHE PHE X . n 
A 1 44  ASP 44  44  44  ASP ASP X . n 
A 1 45  LYS 45  45  45  LYS LYS X . n 
A 1 46  PHE 46  46  46  PHE PHE X . n 
A 1 47  LYS 47  47  47  LYS LYS X . n 
A 1 48  HIS 48  48  48  HIS HIS X . n 
A 1 49  LEU 49  49  49  LEU LEU X . n 
A 1 50  LYS 50  50  50  LYS LYS X . n 
A 1 51  THR 51  51  51  THR THR X . n 
A 1 52  GLU 52  52  52  GLU GLU X . n 
A 1 53  ALA 53  53  53  ALA ALA X . n 
A 1 54  GLU 54  54  54  GLU GLU X . n 
A 1 55  MET 55  55  55  MET MET X . n 
A 1 56  LYS 56  56  56  LYS LYS X . n 
A 1 57  ALA 57  57  57  ALA ALA X . n 
A 1 58  SER 58  58  58  SER SER X . n 
A 1 59  GLU 59  59  59  GLU GLU X . n 
A 1 60  ASP 60  60  60  ASP ASP X . n 
A 1 61  LEU 61  61  61  LEU LEU X . n 
A 1 62  LYS 62  62  62  LYS LYS X . n 
A 1 63  LYS 63  63  63  LYS LYS X . n 
A 1 64  HIS 64  64  64  HIS HIS X . n 
A 1 65  GLY 65  65  65  GLY GLY X . n 
A 1 66  THR 66  66  66  THR THR X . n 
A 1 67  VAL 67  67  67  VAL VAL X . n 
A 1 68  VAL 68  68  68  VAL VAL X . n 
A 1 69  LEU 69  69  69  LEU LEU X . n 
A 1 70  THR 70  70  70  THR THR X . n 
A 1 71  ALA 71  71  71  ALA ALA X . n 
A 1 72  LEU 72  72  72  LEU LEU X . n 
A 1 73  GLY 73  73  73  GLY GLY X . n 
A 1 74  GLY 74  74  74  GLY GLY X . n 
A 1 75  ILE 75  75  75  ILE ILE X . n 
A 1 76  LEU 76  76  76  LEU LEU X . n 
A 1 77  LYS 77  77  77  LYS LYS X . n 
A 1 78  LYS 78  78  78  LYS LYS X . n 
A 1 79  LYS 79  79  79  LYS LYS X . n 
A 1 80  GLY 80  80  80  GLY GLY X . n 
A 1 81  HIS 81  81  81  HIS HIS X . n 
A 1 82  HIS 82  82  82  HIS HIS X . n 
A 1 83  GLU 83  83  83  GLU GLU X . n 
A 1 84  ALA 84  84  84  ALA ALA X . n 
A 1 85  GLU 85  85  85  GLU GLU X . n 
A 1 86  LEU 86  86  86  LEU LEU X . n 
A 1 87  LYS 87  87  87  LYS LYS X . n 
A 1 88  PRO 88  88  88  PRO PRO X . n 
A 1 89  LEU 89  89  89  LEU LEU X . n 
A 1 90  ALA 90  90  90  ALA ALA X . n 
A 1 91  GLN 91  91  91  GLN GLN X . n 
A 1 92  SER 92  92  92  SER SER X . n 
A 1 93  HIS 93  93  93  HIS HIS X . n 
A 1 94  ALA 94  94  94  ALA ALA X . n 
A 1 95  THR 95  95  95  THR THR X . n 
A 1 96  LYS 96  96  96  LYS LYS X . n 
A 1 97  HIS 97  97  97  HIS HIS X . n 
A 1 98  LYS 98  98  98  LYS LYS X . n 
A 1 99  ILE 99  99  99  ILE ILE X . n 
A 1 100 PRO 100 100 100 PRO PRO X . n 
A 1 101 ILE 101 101 101 ILE ILE X . n 
A 1 102 LYS 102 102 102 LYS LYS X . n 
A 1 103 TYR 103 103 103 TYR TYR X . n 
A 1 104 LEU 104 104 104 LEU LEU X . n 
A 1 105 GLU 105 105 105 GLU GLU X . n 
A 1 106 PHE 106 106 106 PHE PHE X . n 
A 1 107 ILE 107 107 107 ILE ILE X . n 
A 1 108 SER 108 108 108 SER SER X . n 
A 1 109 ASP 109 109 109 ASP ASP X . n 
A 1 110 ALA 110 110 110 ALA ALA X . n 
A 1 111 ILE 111 111 111 ILE ILE X . n 
A 1 112 ILE 112 112 112 ILE ILE X . n 
A 1 113 HIS 113 113 113 HIS HIS X . n 
A 1 114 VAL 114 114 114 VAL VAL X . n 
A 1 115 LEU 115 115 115 LEU LEU X . n 
A 1 116 HIS 116 116 116 HIS HIS X . n 
A 1 117 SER 117 117 117 SER SER X . n 
A 1 118 LYS 118 118 118 LYS LYS X . n 
A 1 119 HIS 119 119 119 HIS HIS X . n 
A 1 120 PRO 120 120 120 PRO PRO X . n 
A 1 121 GLY 121 121 121 GLY GLY X . n 
A 1 122 ASP 122 122 122 ASP ASP X . n 
A 1 123 PHE 123 123 123 PHE PHE X . n 
A 1 124 GLY 124 124 124 GLY GLY X . n 
A 1 125 ALA 125 125 125 ALA ALA X . n 
A 1 126 ASP 126 126 126 ASP ASP X . n 
A 1 127 ALA 127 127 127 ALA ALA X . n 
A 1 128 GLN 128 128 128 GLN GLN X . n 
A 1 129 GLY 129 129 129 GLY GLY X . n 
A 1 130 ALA 130 130 130 ALA ALA X . n 
A 1 131 MET 131 131 131 MET MET X . n 
A 1 132 THR 132 132 132 THR THR X . n 
A 1 133 LYS 133 133 133 LYS LYS X . n 
A 1 134 ALA 134 134 134 ALA ALA X . n 
A 1 135 LEU 135 135 135 LEU LEU X . n 
A 1 136 GLU 136 136 136 GLU GLU X . n 
A 1 137 LEU 137 137 137 LEU LEU X . n 
A 1 138 PHE 138 138 138 PHE PHE X . n 
A 1 139 ARG 139 139 139 ARG ARG X . n 
A 1 140 ASN 140 140 140 ASN ASN X . n 
A 1 141 ASP 141 141 141 ASP ASP X . n 
A 1 142 ILE 142 142 142 ILE ILE X . n 
A 1 143 ALA 143 143 143 ALA ALA X . n 
A 1 144 ALA 144 144 144 ALA ALA X . n 
A 1 145 LYS 145 145 145 LYS LYS X . n 
A 1 146 TYR 146 146 146 TYR TYR X . n 
A 1 147 LYS 147 147 147 LYS LYS X . n 
A 1 148 GLU 148 148 148 GLU GLU X . n 
A 1 149 LEU 149 149 149 LEU LEU X . n 
A 1 150 GLY 150 150 150 GLY GLY X . n 
A 1 151 PHE 151 151 151 PHE PHE X . n 
A 1 152 GLN 152 152 152 GLN GLN X . n 
A 1 153 GLY 153 153 ?   ?   ?   X . n 
# 
loop_
_pdbx_nonpoly_scheme.asym_id 
_pdbx_nonpoly_scheme.entity_id 
_pdbx_nonpoly_scheme.mon_id 
_pdbx_nonpoly_scheme.ndb_seq_num 
_pdbx_nonpoly_scheme.pdb_seq_num 
_pdbx_nonpoly_scheme.auth_seq_num 
_pdbx_nonpoly_scheme.pdb_mon_id 
_pdbx_nonpoly_scheme.auth_mon_id 
_pdbx_nonpoly_scheme.pdb_strand_id 
_pdbx_nonpoly_scheme.pdb_ins_code 
B 2 SO4 1   157 157 SO4 SO4 X . 
C 2 SO4 1   158 158 SO4 SO4 X . 
D 3 MNH 1   154 154 MNH MNH X . 
E 4 NO  1   155 155 NO  NO  X . 
F 5 HOH 1   159 159 HOH HOH X . 
F 5 HOH 2   160 160 HOH HOH X . 
F 5 HOH 3   161 161 HOH HOH X . 
F 5 HOH 4   162 162 HOH HOH X . 
F 5 HOH 5   163 163 HOH HOH X . 
F 5 HOH 6   164 164 HOH HOH X . 
F 5 HOH 7   165 165 HOH HOH X . 
F 5 HOH 8   166 166 HOH HOH X . 
F 5 HOH 9   167 167 HOH HOH X . 
F 5 HOH 10  168 168 HOH HOH X . 
F 5 HOH 11  169 169 HOH HOH X . 
F 5 HOH 12  170 170 HOH HOH X . 
F 5 HOH 13  171 171 HOH HOH X . 
F 5 HOH 14  172 172 HOH HOH X . 
F 5 HOH 15  173 173 HOH HOH X . 
F 5 HOH 16  174 174 HOH HOH X . 
F 5 HOH 17  175 175 HOH HOH X . 
F 5 HOH 18  176 176 HOH HOH X . 
F 5 HOH 19  177 177 HOH HOH X . 
F 5 HOH 20  178 178 HOH HOH X . 
F 5 HOH 21  179 179 HOH HOH X . 
F 5 HOH 22  180 180 HOH HOH X . 
F 5 HOH 23  181 181 HOH HOH X . 
F 5 HOH 24  182 182 HOH HOH X . 
F 5 HOH 25  183 183 HOH HOH X . 
F 5 HOH 26  184 184 HOH HOH X . 
F 5 HOH 27  185 185 HOH HOH X . 
F 5 HOH 28  186 186 HOH HOH X . 
F 5 HOH 29  187 187 HOH HOH X . 
F 5 HOH 30  188 188 HOH HOH X . 
F 5 HOH 31  189 189 HOH HOH X . 
F 5 HOH 32  190 190 HOH HOH X . 
F 5 HOH 33  191 191 HOH HOH X . 
F 5 HOH 34  192 192 HOH HOH X . 
F 5 HOH 35  193 193 HOH HOH X . 
F 5 HOH 36  194 194 HOH HOH X . 
F 5 HOH 37  195 195 HOH HOH X . 
F 5 HOH 38  196 196 HOH HOH X . 
F 5 HOH 39  197 197 HOH HOH X . 
F 5 HOH 40  198 198 HOH HOH X . 
F 5 HOH 41  199 199 HOH HOH X . 
F 5 HOH 42  200 200 HOH HOH X . 
F 5 HOH 43  201 201 HOH HOH X . 
F 5 HOH 44  202 202 HOH HOH X . 
F 5 HOH 45  203 203 HOH HOH X . 
F 5 HOH 46  204 204 HOH HOH X . 
F 5 HOH 47  205 205 HOH HOH X . 
F 5 HOH 48  206 206 HOH HOH X . 
F 5 HOH 49  207 207 HOH HOH X . 
F 5 HOH 50  208 208 HOH HOH X . 
F 5 HOH 51  209 209 HOH HOH X . 
F 5 HOH 52  210 210 HOH HOH X . 
F 5 HOH 53  211 211 HOH HOH X . 
F 5 HOH 54  212 212 HOH HOH X . 
F 5 HOH 55  213 213 HOH HOH X . 
F 5 HOH 56  214 214 HOH HOH X . 
F 5 HOH 57  215 215 HOH HOH X . 
F 5 HOH 58  216 216 HOH HOH X . 
F 5 HOH 59  217 217 HOH HOH X . 
F 5 HOH 60  218 218 HOH HOH X . 
F 5 HOH 61  219 219 HOH HOH X . 
F 5 HOH 62  220 220 HOH HOH X . 
F 5 HOH 63  221 221 HOH HOH X . 
F 5 HOH 64  222 222 HOH HOH X . 
F 5 HOH 65  223 223 HOH HOH X . 
F 5 HOH 66  224 224 HOH HOH X . 
F 5 HOH 67  225 225 HOH HOH X . 
F 5 HOH 68  226 226 HOH HOH X . 
F 5 HOH 69  227 227 HOH HOH X . 
F 5 HOH 70  228 228 HOH HOH X . 
F 5 HOH 71  229 229 HOH HOH X . 
F 5 HOH 72  230 230 HOH HOH X . 
F 5 HOH 73  231 231 HOH HOH X . 
F 5 HOH 74  232 232 HOH HOH X . 
F 5 HOH 75  233 233 HOH HOH X . 
F 5 HOH 76  234 234 HOH HOH X . 
F 5 HOH 77  235 235 HOH HOH X . 
F 5 HOH 78  236 236 HOH HOH X . 
F 5 HOH 79  237 237 HOH HOH X . 
F 5 HOH 80  238 238 HOH HOH X . 
F 5 HOH 81  239 239 HOH HOH X . 
F 5 HOH 82  240 240 HOH HOH X . 
F 5 HOH 83  241 241 HOH HOH X . 
F 5 HOH 84  242 242 HOH HOH X . 
F 5 HOH 85  243 243 HOH HOH X . 
F 5 HOH 86  244 244 HOH HOH X . 
F 5 HOH 87  245 245 HOH HOH X . 
F 5 HOH 88  246 246 HOH HOH X . 
F 5 HOH 89  247 247 HOH HOH X . 
F 5 HOH 90  248 248 HOH HOH X . 
F 5 HOH 91  249 249 HOH HOH X . 
F 5 HOH 92  250 250 HOH HOH X . 
F 5 HOH 93  251 251 HOH HOH X . 
F 5 HOH 94  252 252 HOH HOH X . 
F 5 HOH 95  253 253 HOH HOH X . 
F 5 HOH 96  254 254 HOH HOH X . 
F 5 HOH 97  256 256 HOH HOH X . 
F 5 HOH 98  257 257 HOH HOH X . 
F 5 HOH 99  258 258 HOH HOH X . 
F 5 HOH 100 259 259 HOH HOH X . 
F 5 HOH 101 260 260 HOH HOH X . 
F 5 HOH 102 261 261 HOH HOH X . 
F 5 HOH 103 262 262 HOH HOH X . 
F 5 HOH 104 263 263 HOH HOH X . 
F 5 HOH 105 264 264 HOH HOH X . 
F 5 HOH 106 265 265 HOH HOH X . 
F 5 HOH 107 266 266 HOH HOH X . 
F 5 HOH 108 267 267 HOH HOH X . 
F 5 HOH 109 268 268 HOH HOH X . 
F 5 HOH 110 269 269 HOH HOH X . 
F 5 HOH 111 270 270 HOH HOH X . 
F 5 HOH 112 271 271 HOH HOH X . 
F 5 HOH 113 273 273 HOH HOH X . 
F 5 HOH 114 274 274 HOH HOH X . 
F 5 HOH 115 275 275 HOH HOH X . 
F 5 HOH 116 276 276 HOH HOH X . 
F 5 HOH 117 277 277 HOH HOH X . 
F 5 HOH 118 278 278 HOH HOH X . 
F 5 HOH 119 279 279 HOH HOH X . 
F 5 HOH 120 280 280 HOH HOH X . 
F 5 HOH 121 281 281 HOH HOH X . 
F 5 HOH 122 282 282 HOH HOH X . 
F 5 HOH 123 283 283 HOH HOH X . 
F 5 HOH 124 284 284 HOH HOH X . 
F 5 HOH 125 285 285 HOH HOH X . 
F 5 HOH 126 286 286 HOH HOH X . 
F 5 HOH 127 287 287 HOH HOH X . 
F 5 HOH 128 288 288 HOH HOH X . 
F 5 HOH 129 289 289 HOH HOH X . 
F 5 HOH 130 290 290 HOH HOH X . 
F 5 HOH 131 291 291 HOH HOH X . 
F 5 HOH 132 292 292 HOH HOH X . 
F 5 HOH 133 293 293 HOH HOH X . 
F 5 HOH 134 294 294 HOH HOH X . 
F 5 HOH 135 295 295 HOH HOH X . 
F 5 HOH 136 296 296 HOH HOH X . 
F 5 HOH 137 297 297 HOH HOH X . 
F 5 HOH 138 298 298 HOH HOH X . 
F 5 HOH 139 299 299 HOH HOH X . 
F 5 HOH 140 300 300 HOH HOH X . 
F 5 HOH 141 301 301 HOH HOH X . 
F 5 HOH 142 302 302 HOH HOH X . 
F 5 HOH 143 303 303 HOH HOH X . 
F 5 HOH 144 304 304 HOH HOH X . 
F 5 HOH 145 305 305 HOH HOH X . 
F 5 HOH 146 306 306 HOH HOH X . 
F 5 HOH 147 307 307 HOH HOH X . 
F 5 HOH 148 308 308 HOH HOH X . 
F 5 HOH 149 309 309 HOH HOH X . 
F 5 HOH 150 310 310 HOH HOH X . 
F 5 HOH 151 311 311 HOH HOH X . 
F 5 HOH 152 312 312 HOH HOH X . 
F 5 HOH 153 313 313 HOH HOH X . 
F 5 HOH 154 314 314 HOH HOH X . 
F 5 HOH 155 315 315 HOH HOH X . 
F 5 HOH 156 316 316 HOH HOH X . 
F 5 HOH 157 317 317 HOH HOH X . 
F 5 HOH 158 318 318 HOH HOH X . 
F 5 HOH 159 319 319 HOH HOH X . 
F 5 HOH 160 320 320 HOH HOH X . 
F 5 HOH 161 321 321 HOH HOH X . 
F 5 HOH 162 322 322 HOH HOH X . 
F 5 HOH 163 323 323 HOH HOH X . 
# 
loop_
_software.name 
_software.classification 
_software.version 
_software.citation_id 
_software.pdbx_ordinal 
REFMAC       refinement        5.2.0019 ? 1 
CrystalClear 'data collection' .        ? 2 
d*TREK       'data reduction'  .        ? 3 
d*TREK       'data scaling'    .        ? 4 
MOLREP       phasing           .        ? 5 
# 
_cell.entry_id           2O5Q 
_cell.length_a           35.468 
_cell.length_b           28.637 
_cell.length_c           63.193 
_cell.angle_alpha        90.00 
_cell.angle_beta         105.70 
_cell.angle_gamma        90.00 
_cell.Z_PDB              2 
_cell.pdbx_unique_axis   ? 
_cell.length_a_esd       ? 
_cell.length_b_esd       ? 
_cell.length_c_esd       ? 
_cell.angle_alpha_esd    ? 
_cell.angle_beta_esd     ? 
_cell.angle_gamma_esd    ? 
# 
_symmetry.entry_id                         2O5Q 
_symmetry.space_group_name_H-M             'P 1 21 1' 
_symmetry.pdbx_full_space_group_name_H-M   ? 
_symmetry.cell_setting                     ? 
_symmetry.Int_Tables_number                4 
_symmetry.space_group_name_Hall            ? 
# 
_exptl.entry_id          2O5Q 
_exptl.method            'X-RAY DIFFRACTION' 
_exptl.crystals_number   ? 
# 
_exptl_crystal.id                    1 
_exptl_crystal.density_meas          ? 
_exptl_crystal.density_Matthews      1.82 
_exptl_crystal.density_percent_sol   32.37 
_exptl_crystal.description           ? 
_exptl_crystal.F_000                 ? 
_exptl_crystal.preparation           ? 
# 
_exptl_crystal_grow.crystal_id      1 
_exptl_crystal_grow.method          'VAPOR DIFFUSION, HANGING DROP' 
_exptl_crystal_grow.temp            296 
_exptl_crystal_grow.temp_details    'Room temperature' 
_exptl_crystal_grow.pH              7.4 
_exptl_crystal_grow.pdbx_details    'Ammonium sulfate, pH 7.4, VAPOR DIFFUSION, HANGING DROP, temperature 296K' 
_exptl_crystal_grow.pdbx_pH_range   . 
# 
_diffrn.id                     1 
_diffrn.ambient_temp           100 
_diffrn.ambient_temp_details   ? 
_diffrn.crystal_id             1 
# 
_diffrn_detector.diffrn_id              1 
_diffrn_detector.detector               'IMAGE PLATE' 
_diffrn_detector.type                   'RIGAKU RAXIS IV' 
_diffrn_detector.pdbx_collection_date   2005-12-01 
_diffrn_detector.details                ? 
# 
_diffrn_radiation.diffrn_id                        1 
_diffrn_radiation.wavelength_id                    1 
_diffrn_radiation.pdbx_monochromatic_or_laue_m_l   M 
_diffrn_radiation.monochromator                    'Osmic mirror' 
_diffrn_radiation.pdbx_diffrn_protocol             'SINGLE WAVELENGTH' 
_diffrn_radiation.pdbx_scattering_type             x-ray 
# 
_diffrn_radiation_wavelength.id           1 
_diffrn_radiation_wavelength.wavelength   1.54178 
_diffrn_radiation_wavelength.wt           1.0 
# 
_diffrn_source.diffrn_id                   1 
_diffrn_source.source                      'ROTATING ANODE' 
_diffrn_source.type                        'RIGAKU RU300' 
_diffrn_source.pdbx_synchrotron_site       ? 
_diffrn_source.pdbx_synchrotron_beamline   ? 
_diffrn_source.pdbx_wavelength             ? 
_diffrn_source.pdbx_wavelength_list        1.54178 
# 
_reflns.entry_id                     2O5Q 
_reflns.observed_criterion_sigma_F   ? 
_reflns.observed_criterion_sigma_I   ? 
_reflns.d_resolution_high            1.90 
_reflns.d_resolution_low             34.14 
_reflns.number_all                   ? 
_reflns.number_obs                   9669 
_reflns.percent_possible_obs         ? 
_reflns.pdbx_Rmerge_I_obs            0.095 
_reflns.pdbx_Rsym_value              ? 
_reflns.pdbx_netI_over_sigmaI        ? 
_reflns.B_iso_Wilson_estimate        ? 
_reflns.pdbx_redundancy              ? 
_reflns.R_free_details               ? 
_reflns.limit_h_max                  ? 
_reflns.limit_h_min                  ? 
_reflns.limit_k_max                  ? 
_reflns.limit_k_min                  ? 
_reflns.limit_l_max                  ? 
_reflns.limit_l_min                  ? 
_reflns.observed_criterion_F_max     ? 
_reflns.observed_criterion_F_min     ? 
_reflns.pdbx_chi_squared             ? 
_reflns.pdbx_scaling_rejects         ? 
_reflns.pdbx_diffrn_id               1 
_reflns.pdbx_ordinal                 1 
# 
_refine.entry_id                                 2O5Q 
_refine.ls_number_reflns_obs                     9205 
_refine.ls_number_reflns_all                     ? 
_refine.pdbx_ls_sigma_I                          ? 
_refine.pdbx_ls_sigma_F                          ? 
_refine.pdbx_data_cutoff_high_absF               ? 
_refine.pdbx_data_cutoff_low_absF                ? 
_refine.pdbx_data_cutoff_high_rms_absF           ? 
_refine.ls_d_res_low                             26.57 
_refine.ls_d_res_high                            1.90 
_refine.ls_percent_reflns_obs                    97.79 
_refine.ls_R_factor_obs                          0.18029 
_refine.ls_R_factor_all                          ? 
_refine.ls_R_factor_R_work                       0.17733 
_refine.ls_R_factor_R_free                       0.23543 
_refine.ls_R_factor_R_free_error                 ? 
_refine.ls_R_factor_R_free_error_details         ? 
_refine.ls_percent_reflns_R_free                 4.8 
_refine.ls_number_reflns_R_free                  461 
_refine.ls_number_parameters                     ? 
_refine.ls_number_restraints                     ? 
_refine.occupancy_min                            ? 
_refine.occupancy_max                            ? 
_refine.correlation_coeff_Fo_to_Fc               0.958 
_refine.correlation_coeff_Fo_to_Fc_free          0.937 
_refine.B_iso_mean                               21.563 
_refine.aniso_B[1][1]                            0.00 
_refine.aniso_B[2][2]                            0.00 
_refine.aniso_B[3][3]                            0.00 
_refine.aniso_B[1][2]                            0.00 
_refine.aniso_B[1][3]                            0.00 
_refine.aniso_B[2][3]                            0.00 
_refine.solvent_model_details                    MASK 
_refine.solvent_model_param_ksol                 ? 
_refine.solvent_model_param_bsol                 ? 
_refine.pdbx_solvent_vdw_probe_radii             1.40 
_refine.pdbx_solvent_ion_probe_radii             0.80 
_refine.pdbx_solvent_shrinkage_radii             0.80 
_refine.pdbx_ls_cross_valid_method               THROUGHOUT 
_refine.details                                  'HYDROGENS HAVE BEEN ADDED IN THE RIDING POSITIONS' 
_refine.pdbx_starting_model                      ? 
_refine.pdbx_method_to_determine_struct          'MOLECULAR REPLACEMENT' 
_refine.pdbx_isotropic_thermal_model             ? 
_refine.pdbx_stereochemistry_target_values       'MAXIMUM LIKELIHOOD' 
_refine.pdbx_stereochem_target_val_spec_case     ? 
_refine.pdbx_R_Free_selection_details            RANDOM 
_refine.pdbx_overall_ESU_R                       0.218 
_refine.pdbx_overall_ESU_R_Free                  0.180 
_refine.overall_SU_ML                            0.139 
_refine.overall_SU_B                             4.726 
_refine.ls_redundancy_reflns_obs                 ? 
_refine.B_iso_min                                ? 
_refine.B_iso_max                                ? 
_refine.overall_SU_R_Cruickshank_DPI             ? 
_refine.overall_SU_R_free                        ? 
_refine.ls_wR_factor_R_free                      ? 
_refine.ls_wR_factor_R_work                      ? 
_refine.overall_FOM_free_R_set                   ? 
_refine.overall_FOM_work_R_set                   ? 
_refine.pdbx_refine_id                           'X-RAY DIFFRACTION' 
_refine.pdbx_overall_phase_error                 ? 
_refine.pdbx_diffrn_id                           1 
_refine.pdbx_TLS_residual_ADP_flag               ? 
_refine.pdbx_overall_SU_R_free_Cruickshank_DPI   ? 
_refine.pdbx_overall_SU_R_Blow_DPI               ? 
_refine.pdbx_overall_SU_R_free_Blow_DPI          ? 
# 
_refine_hist.pdbx_refine_id                   'X-RAY DIFFRACTION' 
_refine_hist.cycle_id                         LAST 
_refine_hist.pdbx_number_atoms_protein        1194 
_refine_hist.pdbx_number_atoms_nucleic_acid   0 
_refine_hist.pdbx_number_atoms_ligand         55 
_refine_hist.number_atoms_solvent             163 
_refine_hist.number_atoms_total               1412 
_refine_hist.d_res_high                       1.90 
_refine_hist.d_res_low                        26.57 
# 
loop_
_refine_ls_restr.type 
_refine_ls_restr.dev_ideal 
_refine_ls_restr.dev_ideal_target 
_refine_ls_restr.weight 
_refine_ls_restr.number 
_refine_ls_restr.pdbx_refine_id 
_refine_ls_restr.pdbx_restraint_function 
r_bond_refined_d             0.022  0.021  ? 1281 'X-RAY DIFFRACTION' ? 
r_bond_other_d               ?      ?      ? ?    'X-RAY DIFFRACTION' ? 
r_angle_refined_deg          2.672  2.008  ? 1736 'X-RAY DIFFRACTION' ? 
r_angle_other_deg            ?      ?      ? ?    'X-RAY DIFFRACTION' ? 
r_dihedral_angle_1_deg       5.733  5.000  ? 151  'X-RAY DIFFRACTION' ? 
r_dihedral_angle_2_deg       38.422 25.094 ? 53   'X-RAY DIFFRACTION' ? 
r_dihedral_angle_3_deg       16.129 15.000 ? 229  'X-RAY DIFFRACTION' ? 
r_dihedral_angle_4_deg       19.673 15.000 ? 2    'X-RAY DIFFRACTION' ? 
r_chiral_restr               0.133  0.200  ? 178  'X-RAY DIFFRACTION' ? 
r_gen_planes_refined         0.010  0.020  ? 951  'X-RAY DIFFRACTION' ? 
r_gen_planes_other           ?      ?      ? ?    'X-RAY DIFFRACTION' ? 
r_nbd_refined                0.257  0.200  ? 715  'X-RAY DIFFRACTION' ? 
r_nbd_other                  ?      ?      ? ?    'X-RAY DIFFRACTION' ? 
r_nbtor_refined              0.295  0.200  ? 850  'X-RAY DIFFRACTION' ? 
r_nbtor_other                ?      ?      ? ?    'X-RAY DIFFRACTION' ? 
r_xyhbond_nbd_refined        0.210  0.200  ? 131  'X-RAY DIFFRACTION' ? 
r_xyhbond_nbd_other          ?      ?      ? ?    'X-RAY DIFFRACTION' ? 
r_metal_ion_refined          ?      ?      ? ?    'X-RAY DIFFRACTION' ? 
r_metal_ion_other            ?      ?      ? ?    'X-RAY DIFFRACTION' ? 
r_symmetry_vdw_refined       0.196  0.200  ? 59   'X-RAY DIFFRACTION' ? 
r_symmetry_vdw_other         ?      ?      ? ?    'X-RAY DIFFRACTION' ? 
r_symmetry_hbond_refined     0.291  0.200  ? 29   'X-RAY DIFFRACTION' ? 
r_symmetry_hbond_other       ?      ?      ? ?    'X-RAY DIFFRACTION' ? 
r_symmetry_metal_ion_refined ?      ?      ? ?    'X-RAY DIFFRACTION' ? 
r_symmetry_metal_ion_other   ?      ?      ? ?    'X-RAY DIFFRACTION' ? 
r_mcbond_it                  1.126  1.500  ? 785  'X-RAY DIFFRACTION' ? 
r_mcbond_other               ?      ?      ? ?    'X-RAY DIFFRACTION' ? 
r_mcangle_it                 1.677  2.000  ? 1193 'X-RAY DIFFRACTION' ? 
r_scbond_it                  2.868  3.000  ? 605  'X-RAY DIFFRACTION' ? 
r_scangle_it                 3.918  4.500  ? 541  'X-RAY DIFFRACTION' ? 
r_rigid_bond_restr           ?      ?      ? ?    'X-RAY DIFFRACTION' ? 
r_sphericity_free            ?      ?      ? ?    'X-RAY DIFFRACTION' ? 
r_sphericity_bonded          ?      ?      ? ?    'X-RAY DIFFRACTION' ? 
# 
_refine_ls_shell.pdbx_total_number_of_bins_used   20 
_refine_ls_shell.d_res_high                       1.900 
_refine_ls_shell.d_res_low                        1.949 
_refine_ls_shell.number_reflns_R_work             660 
_refine_ls_shell.R_factor_R_work                  0.307 
_refine_ls_shell.percent_reflns_obs               100.00 
_refine_ls_shell.R_factor_R_free                  0.457 
_refine_ls_shell.R_factor_R_free_error            ? 
_refine_ls_shell.percent_reflns_R_free            ? 
_refine_ls_shell.number_reflns_R_free             34 
_refine_ls_shell.number_reflns_all                ? 
_refine_ls_shell.R_factor_all                     ? 
_refine_ls_shell.number_reflns_obs                ? 
_refine_ls_shell.redundancy_reflns_obs            ? 
_refine_ls_shell.pdbx_refine_id                   'X-RAY DIFFRACTION' 
# 
_struct.entry_id                  2O5Q 
_struct.title                     'Manganese horse heart myoglobin, nitric oxide modified' 
_struct.pdbx_model_details        ? 
_struct.pdbx_CASP_flag            N 
_struct.pdbx_model_type_details   ? 
# 
_struct_keywords.entry_id        2O5Q 
_struct_keywords.pdbx_keywords   'OXYGEN STORAGE/TRANSPORT' 
_struct_keywords.text            
'Manganese protoporphyrin IX, manganese myoglobin, nitric oxide, horse heart, OXYGEN STORAGE-TRANSPORT COMPLEX' 
# 
loop_
_struct_asym.id 
_struct_asym.pdbx_blank_PDB_chainid_flag 
_struct_asym.pdbx_modified 
_struct_asym.entity_id 
_struct_asym.details 
A N N 1 ? 
B N N 2 ? 
C N N 2 ? 
D N N 3 ? 
E N N 4 ? 
F N N 5 ? 
# 
_struct_ref.id                         1 
_struct_ref.db_name                    UNP 
_struct_ref.db_code                    MYG_HORSE 
_struct_ref.pdbx_db_accession          P68082 
_struct_ref.entity_id                  1 
_struct_ref.pdbx_seq_one_letter_code   
;GLSDGEWQQVLNVWGKVEADIAGHGQEVLIRLFTGHPETLEKFDKFKHLKTEAEMKASEDLKKHGTVVLTALGGILKKKG
HHEAELKPLAQSHATKHKIPIKYLEFISDAIIHVLHSKHPGDFGADAQGAMTKALELFRNDIAAKYKELGFQG
;
_struct_ref.pdbx_align_begin           1 
_struct_ref.pdbx_db_isoform            ? 
# 
_struct_ref_seq.align_id                      1 
_struct_ref_seq.ref_id                        1 
_struct_ref_seq.pdbx_PDB_id_code              2O5Q 
_struct_ref_seq.pdbx_strand_id                X 
_struct_ref_seq.seq_align_beg                 1 
_struct_ref_seq.pdbx_seq_align_beg_ins_code   ? 
_struct_ref_seq.seq_align_end                 153 
_struct_ref_seq.pdbx_seq_align_end_ins_code   ? 
_struct_ref_seq.pdbx_db_accession             P68082 
_struct_ref_seq.db_align_beg                  1 
_struct_ref_seq.pdbx_db_align_beg_ins_code    ? 
_struct_ref_seq.db_align_end                  153 
_struct_ref_seq.pdbx_db_align_end_ins_code    ? 
_struct_ref_seq.pdbx_auth_seq_align_beg       1 
_struct_ref_seq.pdbx_auth_seq_align_end       153 
# 
_pdbx_struct_assembly.id                   1 
_pdbx_struct_assembly.details              author_defined_assembly 
_pdbx_struct_assembly.method_details       ? 
_pdbx_struct_assembly.oligomeric_details   monomeric 
_pdbx_struct_assembly.oligomeric_count     1 
# 
_pdbx_struct_assembly_gen.assembly_id       1 
_pdbx_struct_assembly_gen.oper_expression   1 
_pdbx_struct_assembly_gen.asym_id_list      A,B,C,D,E,F 
# 
_pdbx_struct_oper_list.id                   1 
_pdbx_struct_oper_list.type                 'identity operation' 
_pdbx_struct_oper_list.name                 1_555 
_pdbx_struct_oper_list.symmetry_operation   x,y,z 
_pdbx_struct_oper_list.matrix[1][1]         1.0000000000 
_pdbx_struct_oper_list.matrix[1][2]         0.0000000000 
_pdbx_struct_oper_list.matrix[1][3]         0.0000000000 
_pdbx_struct_oper_list.vector[1]            0.0000000000 
_pdbx_struct_oper_list.matrix[2][1]         0.0000000000 
_pdbx_struct_oper_list.matrix[2][2]         1.0000000000 
_pdbx_struct_oper_list.matrix[2][3]         0.0000000000 
_pdbx_struct_oper_list.vector[2]            0.0000000000 
_pdbx_struct_oper_list.matrix[3][1]         0.0000000000 
_pdbx_struct_oper_list.matrix[3][2]         0.0000000000 
_pdbx_struct_oper_list.matrix[3][3]         1.0000000000 
_pdbx_struct_oper_list.vector[3]            0.0000000000 
# 
_struct_biol.id        1 
_struct_biol.details   ? 
# 
loop_
_struct_conf.conf_type_id 
_struct_conf.id 
_struct_conf.pdbx_PDB_helix_id 
_struct_conf.beg_label_comp_id 
_struct_conf.beg_label_asym_id 
_struct_conf.beg_label_seq_id 
_struct_conf.pdbx_beg_PDB_ins_code 
_struct_conf.end_label_comp_id 
_struct_conf.end_label_asym_id 
_struct_conf.end_label_seq_id 
_struct_conf.pdbx_end_PDB_ins_code 
_struct_conf.beg_auth_comp_id 
_struct_conf.beg_auth_asym_id 
_struct_conf.beg_auth_seq_id 
_struct_conf.end_auth_comp_id 
_struct_conf.end_auth_asym_id 
_struct_conf.end_auth_seq_id 
_struct_conf.pdbx_PDB_helix_class 
_struct_conf.details 
_struct_conf.pdbx_PDB_helix_length 
HELX_P HELX_P1 1 SER A 3   ? ALA A 19  ? SER X 3   ALA X 19  1 ? 17 
HELX_P HELX_P2 2 ASP A 20  ? HIS A 36  ? ASP X 20  HIS X 36  1 ? 17 
HELX_P HELX_P3 3 HIS A 36  ? LYS A 42  ? HIS X 36  LYS X 42  1 ? 7  
HELX_P HELX_P4 4 THR A 51  ? SER A 58  ? THR X 51  SER X 58  1 ? 8  
HELX_P HELX_P5 5 SER A 58  ? LYS A 78  ? SER X 58  LYS X 78  1 ? 21 
HELX_P HELX_P6 6 HIS A 82  ? LYS A 96  ? HIS X 82  LYS X 96  1 ? 15 
HELX_P HELX_P7 7 PRO A 100 ? HIS A 119 ? PRO X 100 HIS X 119 1 ? 20 
HELX_P HELX_P8 8 GLY A 124 ? GLY A 150 ? GLY X 124 GLY X 150 1 ? 27 
# 
_struct_conf_type.id          HELX_P 
_struct_conf_type.criteria    ? 
_struct_conf_type.reference   ? 
# 
loop_
_struct_conn.id 
_struct_conn.conn_type_id 
_struct_conn.pdbx_leaving_atom_flag 
_struct_conn.pdbx_PDB_id 
_struct_conn.ptnr1_label_asym_id 
_struct_conn.ptnr1_label_comp_id 
_struct_conn.ptnr1_label_seq_id 
_struct_conn.ptnr1_label_atom_id 
_struct_conn.pdbx_ptnr1_label_alt_id 
_struct_conn.pdbx_ptnr1_PDB_ins_code 
_struct_conn.pdbx_ptnr1_standard_comp_id 
_struct_conn.ptnr1_symmetry 
_struct_conn.ptnr2_label_asym_id 
_struct_conn.ptnr2_label_comp_id 
_struct_conn.ptnr2_label_seq_id 
_struct_conn.ptnr2_label_atom_id 
_struct_conn.pdbx_ptnr2_label_alt_id 
_struct_conn.pdbx_ptnr2_PDB_ins_code 
_struct_conn.ptnr1_auth_asym_id 
_struct_conn.ptnr1_auth_comp_id 
_struct_conn.ptnr1_auth_seq_id 
_struct_conn.ptnr2_auth_asym_id 
_struct_conn.ptnr2_auth_comp_id 
_struct_conn.ptnr2_auth_seq_id 
_struct_conn.ptnr2_symmetry 
_struct_conn.pdbx_ptnr3_label_atom_id 
_struct_conn.pdbx_ptnr3_label_seq_id 
_struct_conn.pdbx_ptnr3_label_comp_id 
_struct_conn.pdbx_ptnr3_label_asym_id 
_struct_conn.pdbx_ptnr3_label_alt_id 
_struct_conn.pdbx_ptnr3_PDB_ins_code 
_struct_conn.details 
_struct_conn.pdbx_dist_value 
_struct_conn.pdbx_value_order 
_struct_conn.pdbx_role 
metalc1 metalc ? ? A HIS 93 NE2 ? ? ? 1_555 D MNH . MN ? ? X HIS 93  X MNH 154 1_555 ? ? ? ? ? ? ? 2.196 ? ? 
metalc2 metalc ? ? D MNH .  MN  ? ? ? 1_555 E NO  . N  ? ? X MNH 154 X NO  155 1_555 ? ? ? ? ? ? ? 2.528 ? ? 
# 
_struct_conn_type.id          metalc 
_struct_conn_type.criteria    ? 
_struct_conn_type.reference   ? 
# 
loop_
_pdbx_struct_conn_angle.id 
_pdbx_struct_conn_angle.ptnr1_label_atom_id 
_pdbx_struct_conn_angle.ptnr1_label_alt_id 
_pdbx_struct_conn_angle.ptnr1_label_asym_id 
_pdbx_struct_conn_angle.ptnr1_label_comp_id 
_pdbx_struct_conn_angle.ptnr1_label_seq_id 
_pdbx_struct_conn_angle.ptnr1_auth_atom_id 
_pdbx_struct_conn_angle.ptnr1_auth_asym_id 
_pdbx_struct_conn_angle.ptnr1_auth_comp_id 
_pdbx_struct_conn_angle.ptnr1_auth_seq_id 
_pdbx_struct_conn_angle.ptnr1_PDB_ins_code 
_pdbx_struct_conn_angle.ptnr1_symmetry 
_pdbx_struct_conn_angle.ptnr2_label_atom_id 
_pdbx_struct_conn_angle.ptnr2_label_alt_id 
_pdbx_struct_conn_angle.ptnr2_label_asym_id 
_pdbx_struct_conn_angle.ptnr2_label_comp_id 
_pdbx_struct_conn_angle.ptnr2_label_seq_id 
_pdbx_struct_conn_angle.ptnr2_auth_atom_id 
_pdbx_struct_conn_angle.ptnr2_auth_asym_id 
_pdbx_struct_conn_angle.ptnr2_auth_comp_id 
_pdbx_struct_conn_angle.ptnr2_auth_seq_id 
_pdbx_struct_conn_angle.ptnr2_PDB_ins_code 
_pdbx_struct_conn_angle.ptnr2_symmetry 
_pdbx_struct_conn_angle.ptnr3_label_atom_id 
_pdbx_struct_conn_angle.ptnr3_label_alt_id 
_pdbx_struct_conn_angle.ptnr3_label_asym_id 
_pdbx_struct_conn_angle.ptnr3_label_comp_id 
_pdbx_struct_conn_angle.ptnr3_label_seq_id 
_pdbx_struct_conn_angle.ptnr3_auth_atom_id 
_pdbx_struct_conn_angle.ptnr3_auth_asym_id 
_pdbx_struct_conn_angle.ptnr3_auth_comp_id 
_pdbx_struct_conn_angle.ptnr3_auth_seq_id 
_pdbx_struct_conn_angle.ptnr3_PDB_ins_code 
_pdbx_struct_conn_angle.ptnr3_symmetry 
_pdbx_struct_conn_angle.value 
_pdbx_struct_conn_angle.value_esd 
1  NE2 ? A HIS 93 ? X HIS 93  ? 1_555 MN ? D MNH . ? X MNH 154 ? 1_555 NA ? D MNH . ? X MNH 154 ? 1_555 96.9  ? 
2  NE2 ? A HIS 93 ? X HIS 93  ? 1_555 MN ? D MNH . ? X MNH 154 ? 1_555 NB ? D MNH . ? X MNH 154 ? 1_555 86.9  ? 
3  NA  ? D MNH .  ? X MNH 154 ? 1_555 MN ? D MNH . ? X MNH 154 ? 1_555 NB ? D MNH . ? X MNH 154 ? 1_555 92.0  ? 
4  NE2 ? A HIS 93 ? X HIS 93  ? 1_555 MN ? D MNH . ? X MNH 154 ? 1_555 NC ? D MNH . ? X MNH 154 ? 1_555 98.4  ? 
5  NA  ? D MNH .  ? X MNH 154 ? 1_555 MN ? D MNH . ? X MNH 154 ? 1_555 NC ? D MNH . ? X MNH 154 ? 1_555 164.7 ? 
6  NB  ? D MNH .  ? X MNH 154 ? 1_555 MN ? D MNH . ? X MNH 154 ? 1_555 NC ? D MNH . ? X MNH 154 ? 1_555 88.3  ? 
7  NE2 ? A HIS 93 ? X HIS 93  ? 1_555 MN ? D MNH . ? X MNH 154 ? 1_555 ND ? D MNH . ? X MNH 154 ? 1_555 100.2 ? 
8  NA  ? D MNH .  ? X MNH 154 ? 1_555 MN ? D MNH . ? X MNH 154 ? 1_555 ND ? D MNH . ? X MNH 154 ? 1_555 90.5  ? 
9  NB  ? D MNH .  ? X MNH 154 ? 1_555 MN ? D MNH . ? X MNH 154 ? 1_555 ND ? D MNH . ? X MNH 154 ? 1_555 172.2 ? 
10 NC  ? D MNH .  ? X MNH 154 ? 1_555 MN ? D MNH . ? X MNH 154 ? 1_555 ND ? D MNH . ? X MNH 154 ? 1_555 87.4  ? 
11 NE2 ? A HIS 93 ? X HIS 93  ? 1_555 MN ? D MNH . ? X MNH 154 ? 1_555 N  ? E NO  . ? X NO  155 ? 1_555 172.1 ? 
12 NA  ? D MNH .  ? X MNH 154 ? 1_555 MN ? D MNH . ? X MNH 154 ? 1_555 N  ? E NO  . ? X NO  155 ? 1_555 90.5  ? 
13 NB  ? D MNH .  ? X MNH 154 ? 1_555 MN ? D MNH . ? X MNH 154 ? 1_555 N  ? E NO  . ? X NO  155 ? 1_555 95.8  ? 
14 NC  ? D MNH .  ? X MNH 154 ? 1_555 MN ? D MNH . ? X MNH 154 ? 1_555 N  ? E NO  . ? X NO  155 ? 1_555 74.3  ? 
15 ND  ? D MNH .  ? X MNH 154 ? 1_555 MN ? D MNH . ? X MNH 154 ? 1_555 N  ? E NO  . ? X NO  155 ? 1_555 76.8  ? 
# 
loop_
_struct_site.id 
_struct_site.pdbx_evidence_code 
_struct_site.pdbx_auth_asym_id 
_struct_site.pdbx_auth_comp_id 
_struct_site.pdbx_auth_seq_id 
_struct_site.pdbx_auth_ins_code 
_struct_site.pdbx_num_residues 
_struct_site.details 
AC1 Software X SO4 157 ? 6  'BINDING SITE FOR RESIDUE SO4 X 157' 
AC2 Software X SO4 158 ? 5  'BINDING SITE FOR RESIDUE SO4 X 158' 
AC3 Software X MNH 154 ? 23 'BINDING SITE FOR RESIDUE MNH X 154' 
AC4 Software X NO  155 ? 5  'BINDING SITE FOR RESIDUE NO X 155'  
# 
loop_
_struct_site_gen.id 
_struct_site_gen.site_id 
_struct_site_gen.pdbx_num_res 
_struct_site_gen.label_comp_id 
_struct_site_gen.label_asym_id 
_struct_site_gen.label_seq_id 
_struct_site_gen.pdbx_auth_ins_code 
_struct_site_gen.auth_comp_id 
_struct_site_gen.auth_asym_id 
_struct_site_gen.auth_seq_id 
_struct_site_gen.label_atom_id 
_struct_site_gen.label_alt_id 
_struct_site_gen.symmetry 
_struct_site_gen.details 
1  AC1 6  ALA A 57  ? ALA X 57  . ? 1_555 ? 
2  AC1 6  SER A 58  ? SER X 58  . ? 1_555 ? 
3  AC1 6  GLU A 59  ? GLU X 59  . ? 1_555 ? 
4  AC1 6  ASP A 60  ? ASP X 60  . ? 1_555 ? 
5  AC1 6  HOH F .   ? HOH X 188 . ? 1_555 ? 
6  AC1 6  HOH F .   ? HOH X 266 . ? 1_555 ? 
7  AC2 5  HIS A 81  ? HIS X 81  . ? 1_555 ? 
8  AC2 5  HIS A 82  ? HIS X 82  . ? 1_555 ? 
9  AC2 5  GLU A 83  ? GLU X 83  . ? 1_555 ? 
10 AC2 5  HOH F .   ? HOH X 251 . ? 1_555 ? 
11 AC2 5  HOH F .   ? HOH X 262 . ? 1_555 ? 
12 AC3 23 LYS A 42  ? LYS X 42  . ? 1_555 ? 
13 AC3 23 PHE A 43  ? PHE X 43  . ? 1_555 ? 
14 AC3 23 LYS A 45  ? LYS X 45  . ? 1_555 ? 
15 AC3 23 HIS A 64  ? HIS X 64  . ? 1_555 ? 
16 AC3 23 VAL A 67  ? VAL X 67  . ? 1_555 ? 
17 AC3 23 VAL A 68  ? VAL X 68  . ? 1_555 ? 
18 AC3 23 SER A 92  ? SER X 92  . ? 1_555 ? 
19 AC3 23 HIS A 93  ? HIS X 93  . ? 1_555 ? 
20 AC3 23 HIS A 97  ? HIS X 97  . ? 1_555 ? 
21 AC3 23 ILE A 99  ? ILE X 99  . ? 1_555 ? 
22 AC3 23 TYR A 103 ? TYR X 103 . ? 1_555 ? 
23 AC3 23 LEU A 104 ? LEU X 104 . ? 1_555 ? 
24 AC3 23 HIS A 113 ? HIS X 113 . ? 1_565 ? 
25 AC3 23 HIS A 116 ? HIS X 116 . ? 1_565 ? 
26 AC3 23 GLN A 128 ? GLN X 128 . ? 1_565 ? 
27 AC3 23 PHE A 138 ? PHE X 138 . ? 1_555 ? 
28 AC3 23 NO  E .   ? NO  X 155 . ? 1_555 ? 
29 AC3 23 HOH F .   ? HOH X 169 . ? 1_555 ? 
30 AC3 23 HOH F .   ? HOH X 195 . ? 1_555 ? 
31 AC3 23 HOH F .   ? HOH X 216 . ? 1_555 ? 
32 AC3 23 HOH F .   ? HOH X 223 . ? 1_555 ? 
33 AC3 23 HOH F .   ? HOH X 233 . ? 1_555 ? 
34 AC3 23 HOH F .   ? HOH X 248 . ? 1_555 ? 
35 AC4 5  LEU A 29  ? LEU X 29  . ? 1_555 ? 
36 AC4 5  PHE A 43  ? PHE X 43  . ? 1_555 ? 
37 AC4 5  HIS A 64  ? HIS X 64  . ? 1_555 ? 
38 AC4 5  VAL A 68  ? VAL X 68  . ? 1_555 ? 
39 AC4 5  MNH D .   ? MNH X 154 . ? 1_555 ? 
# 
loop_
_pdbx_validate_close_contact.id 
_pdbx_validate_close_contact.PDB_model_num 
_pdbx_validate_close_contact.auth_atom_id_1 
_pdbx_validate_close_contact.auth_asym_id_1 
_pdbx_validate_close_contact.auth_comp_id_1 
_pdbx_validate_close_contact.auth_seq_id_1 
_pdbx_validate_close_contact.PDB_ins_code_1 
_pdbx_validate_close_contact.label_alt_id_1 
_pdbx_validate_close_contact.auth_atom_id_2 
_pdbx_validate_close_contact.auth_asym_id_2 
_pdbx_validate_close_contact.auth_comp_id_2 
_pdbx_validate_close_contact.auth_seq_id_2 
_pdbx_validate_close_contact.PDB_ins_code_2 
_pdbx_validate_close_contact.label_alt_id_2 
_pdbx_validate_close_contact.dist 
1 1 OD1 X ASP 126 ? ? O X HOH 288 ? ? 2.10 
2 1 OE1 X GLU 59  ? ? O X HOH 227 ? ? 2.11 
3 1 O   X HOH 227 ? ? O X HOH 263 ? ? 2.16 
4 1 O   X HOH 199 ? ? O X HOH 294 ? ? 2.19 
# 
loop_
_pdbx_validate_symm_contact.id 
_pdbx_validate_symm_contact.PDB_model_num 
_pdbx_validate_symm_contact.auth_atom_id_1 
_pdbx_validate_symm_contact.auth_asym_id_1 
_pdbx_validate_symm_contact.auth_comp_id_1 
_pdbx_validate_symm_contact.auth_seq_id_1 
_pdbx_validate_symm_contact.PDB_ins_code_1 
_pdbx_validate_symm_contact.label_alt_id_1 
_pdbx_validate_symm_contact.site_symmetry_1 
_pdbx_validate_symm_contact.auth_atom_id_2 
_pdbx_validate_symm_contact.auth_asym_id_2 
_pdbx_validate_symm_contact.auth_comp_id_2 
_pdbx_validate_symm_contact.auth_seq_id_2 
_pdbx_validate_symm_contact.PDB_ins_code_2 
_pdbx_validate_symm_contact.label_alt_id_2 
_pdbx_validate_symm_contact.site_symmetry_2 
_pdbx_validate_symm_contact.dist 
1 1 O X HOH 160 ? ? 1_555 O X HOH 245 ? ? 1_545 2.13 
2 1 O X HOH 160 ? ? 1_555 O X HOH 274 ? ? 1_545 2.14 
# 
_pdbx_validate_rmsd_angle.id                         1 
_pdbx_validate_rmsd_angle.PDB_model_num              1 
_pdbx_validate_rmsd_angle.auth_atom_id_1             CB 
_pdbx_validate_rmsd_angle.auth_asym_id_1             X 
_pdbx_validate_rmsd_angle.auth_comp_id_1             LEU 
_pdbx_validate_rmsd_angle.auth_seq_id_1              89 
_pdbx_validate_rmsd_angle.PDB_ins_code_1             ? 
_pdbx_validate_rmsd_angle.label_alt_id_1             ? 
_pdbx_validate_rmsd_angle.auth_atom_id_2             CG 
_pdbx_validate_rmsd_angle.auth_asym_id_2             X 
_pdbx_validate_rmsd_angle.auth_comp_id_2             LEU 
_pdbx_validate_rmsd_angle.auth_seq_id_2              89 
_pdbx_validate_rmsd_angle.PDB_ins_code_2             ? 
_pdbx_validate_rmsd_angle.label_alt_id_2             ? 
_pdbx_validate_rmsd_angle.auth_atom_id_3             CD1 
_pdbx_validate_rmsd_angle.auth_asym_id_3             X 
_pdbx_validate_rmsd_angle.auth_comp_id_3             LEU 
_pdbx_validate_rmsd_angle.auth_seq_id_3              89 
_pdbx_validate_rmsd_angle.PDB_ins_code_3             ? 
_pdbx_validate_rmsd_angle.label_alt_id_3             ? 
_pdbx_validate_rmsd_angle.angle_value                100.31 
_pdbx_validate_rmsd_angle.angle_target_value         111.00 
_pdbx_validate_rmsd_angle.angle_deviation            -10.69 
_pdbx_validate_rmsd_angle.angle_standard_deviation   1.70 
_pdbx_validate_rmsd_angle.linker_flag                N 
# 
_pdbx_validate_torsion.id              1 
_pdbx_validate_torsion.PDB_model_num   1 
_pdbx_validate_torsion.auth_comp_id    ASP 
_pdbx_validate_torsion.auth_asym_id    X 
_pdbx_validate_torsion.auth_seq_id     20 
_pdbx_validate_torsion.PDB_ins_code    ? 
_pdbx_validate_torsion.label_alt_id    ? 
_pdbx_validate_torsion.phi             -150.87 
_pdbx_validate_torsion.psi             77.04 
# 
_pdbx_unobs_or_zero_occ_residues.id               1 
_pdbx_unobs_or_zero_occ_residues.PDB_model_num    1 
_pdbx_unobs_or_zero_occ_residues.polymer_flag     Y 
_pdbx_unobs_or_zero_occ_residues.occupancy_flag   1 
_pdbx_unobs_or_zero_occ_residues.auth_asym_id     X 
_pdbx_unobs_or_zero_occ_residues.auth_comp_id     GLY 
_pdbx_unobs_or_zero_occ_residues.auth_seq_id      153 
_pdbx_unobs_or_zero_occ_residues.PDB_ins_code     ? 
_pdbx_unobs_or_zero_occ_residues.label_asym_id    A 
_pdbx_unobs_or_zero_occ_residues.label_comp_id    GLY 
_pdbx_unobs_or_zero_occ_residues.label_seq_id     153 
# 
loop_
_chem_comp_atom.comp_id 
_chem_comp_atom.atom_id 
_chem_comp_atom.type_symbol 
_chem_comp_atom.pdbx_aromatic_flag 
_chem_comp_atom.pdbx_stereo_config 
_chem_comp_atom.pdbx_ordinal 
ALA N    N  N N 1   
ALA CA   C  N S 2   
ALA C    C  N N 3   
ALA O    O  N N 4   
ALA CB   C  N N 5   
ALA OXT  O  N N 6   
ALA H    H  N N 7   
ALA H2   H  N N 8   
ALA HA   H  N N 9   
ALA HB1  H  N N 10  
ALA HB2  H  N N 11  
ALA HB3  H  N N 12  
ALA HXT  H  N N 13  
ARG N    N  N N 14  
ARG CA   C  N S 15  
ARG C    C  N N 16  
ARG O    O  N N 17  
ARG CB   C  N N 18  
ARG CG   C  N N 19  
ARG CD   C  N N 20  
ARG NE   N  N N 21  
ARG CZ   C  N N 22  
ARG NH1  N  N N 23  
ARG NH2  N  N N 24  
ARG OXT  O  N N 25  
ARG H    H  N N 26  
ARG H2   H  N N 27  
ARG HA   H  N N 28  
ARG HB2  H  N N 29  
ARG HB3  H  N N 30  
ARG HG2  H  N N 31  
ARG HG3  H  N N 32  
ARG HD2  H  N N 33  
ARG HD3  H  N N 34  
ARG HE   H  N N 35  
ARG HH11 H  N N 36  
ARG HH12 H  N N 37  
ARG HH21 H  N N 38  
ARG HH22 H  N N 39  
ARG HXT  H  N N 40  
ASN N    N  N N 41  
ASN CA   C  N S 42  
ASN C    C  N N 43  
ASN O    O  N N 44  
ASN CB   C  N N 45  
ASN CG   C  N N 46  
ASN OD1  O  N N 47  
ASN ND2  N  N N 48  
ASN OXT  O  N N 49  
ASN H    H  N N 50  
ASN H2   H  N N 51  
ASN HA   H  N N 52  
ASN HB2  H  N N 53  
ASN HB3  H  N N 54  
ASN HD21 H  N N 55  
ASN HD22 H  N N 56  
ASN HXT  H  N N 57  
ASP N    N  N N 58  
ASP CA   C  N S 59  
ASP C    C  N N 60  
ASP O    O  N N 61  
ASP CB   C  N N 62  
ASP CG   C  N N 63  
ASP OD1  O  N N 64  
ASP OD2  O  N N 65  
ASP OXT  O  N N 66  
ASP H    H  N N 67  
ASP H2   H  N N 68  
ASP HA   H  N N 69  
ASP HB2  H  N N 70  
ASP HB3  H  N N 71  
ASP HD2  H  N N 72  
ASP HXT  H  N N 73  
GLN N    N  N N 74  
GLN CA   C  N S 75  
GLN C    C  N N 76  
GLN O    O  N N 77  
GLN CB   C  N N 78  
GLN CG   C  N N 79  
GLN CD   C  N N 80  
GLN OE1  O  N N 81  
GLN NE2  N  N N 82  
GLN OXT  O  N N 83  
GLN H    H  N N 84  
GLN H2   H  N N 85  
GLN HA   H  N N 86  
GLN HB2  H  N N 87  
GLN HB3  H  N N 88  
GLN HG2  H  N N 89  
GLN HG3  H  N N 90  
GLN HE21 H  N N 91  
GLN HE22 H  N N 92  
GLN HXT  H  N N 93  
GLU N    N  N N 94  
GLU CA   C  N S 95  
GLU C    C  N N 96  
GLU O    O  N N 97  
GLU CB   C  N N 98  
GLU CG   C  N N 99  
GLU CD   C  N N 100 
GLU OE1  O  N N 101 
GLU OE2  O  N N 102 
GLU OXT  O  N N 103 
GLU H    H  N N 104 
GLU H2   H  N N 105 
GLU HA   H  N N 106 
GLU HB2  H  N N 107 
GLU HB3  H  N N 108 
GLU HG2  H  N N 109 
GLU HG3  H  N N 110 
GLU HE2  H  N N 111 
GLU HXT  H  N N 112 
GLY N    N  N N 113 
GLY CA   C  N N 114 
GLY C    C  N N 115 
GLY O    O  N N 116 
GLY OXT  O  N N 117 
GLY H    H  N N 118 
GLY H2   H  N N 119 
GLY HA2  H  N N 120 
GLY HA3  H  N N 121 
GLY HXT  H  N N 122 
HIS N    N  N N 123 
HIS CA   C  N S 124 
HIS C    C  N N 125 
HIS O    O  N N 126 
HIS CB   C  N N 127 
HIS CG   C  Y N 128 
HIS ND1  N  Y N 129 
HIS CD2  C  Y N 130 
HIS CE1  C  Y N 131 
HIS NE2  N  Y N 132 
HIS OXT  O  N N 133 
HIS H    H  N N 134 
HIS H2   H  N N 135 
HIS HA   H  N N 136 
HIS HB2  H  N N 137 
HIS HB3  H  N N 138 
HIS HD1  H  N N 139 
HIS HD2  H  N N 140 
HIS HE1  H  N N 141 
HIS HE2  H  N N 142 
HIS HXT  H  N N 143 
HOH O    O  N N 144 
HOH H1   H  N N 145 
HOH H2   H  N N 146 
ILE N    N  N N 147 
ILE CA   C  N S 148 
ILE C    C  N N 149 
ILE O    O  N N 150 
ILE CB   C  N S 151 
ILE CG1  C  N N 152 
ILE CG2  C  N N 153 
ILE CD1  C  N N 154 
ILE OXT  O  N N 155 
ILE H    H  N N 156 
ILE H2   H  N N 157 
ILE HA   H  N N 158 
ILE HB   H  N N 159 
ILE HG12 H  N N 160 
ILE HG13 H  N N 161 
ILE HG21 H  N N 162 
ILE HG22 H  N N 163 
ILE HG23 H  N N 164 
ILE HD11 H  N N 165 
ILE HD12 H  N N 166 
ILE HD13 H  N N 167 
ILE HXT  H  N N 168 
LEU N    N  N N 169 
LEU CA   C  N S 170 
LEU C    C  N N 171 
LEU O    O  N N 172 
LEU CB   C  N N 173 
LEU CG   C  N N 174 
LEU CD1  C  N N 175 
LEU CD2  C  N N 176 
LEU OXT  O  N N 177 
LEU H    H  N N 178 
LEU H2   H  N N 179 
LEU HA   H  N N 180 
LEU HB2  H  N N 181 
LEU HB3  H  N N 182 
LEU HG   H  N N 183 
LEU HD11 H  N N 184 
LEU HD12 H  N N 185 
LEU HD13 H  N N 186 
LEU HD21 H  N N 187 
LEU HD22 H  N N 188 
LEU HD23 H  N N 189 
LEU HXT  H  N N 190 
LYS N    N  N N 191 
LYS CA   C  N S 192 
LYS C    C  N N 193 
LYS O    O  N N 194 
LYS CB   C  N N 195 
LYS CG   C  N N 196 
LYS CD   C  N N 197 
LYS CE   C  N N 198 
LYS NZ   N  N N 199 
LYS OXT  O  N N 200 
LYS H    H  N N 201 
LYS H2   H  N N 202 
LYS HA   H  N N 203 
LYS HB2  H  N N 204 
LYS HB3  H  N N 205 
LYS HG2  H  N N 206 
LYS HG3  H  N N 207 
LYS HD2  H  N N 208 
LYS HD3  H  N N 209 
LYS HE2  H  N N 210 
LYS HE3  H  N N 211 
LYS HZ1  H  N N 212 
LYS HZ2  H  N N 213 
LYS HZ3  H  N N 214 
LYS HXT  H  N N 215 
MET N    N  N N 216 
MET CA   C  N S 217 
MET C    C  N N 218 
MET O    O  N N 219 
MET CB   C  N N 220 
MET CG   C  N N 221 
MET SD   S  N N 222 
MET CE   C  N N 223 
MET OXT  O  N N 224 
MET H    H  N N 225 
MET H2   H  N N 226 
MET HA   H  N N 227 
MET HB2  H  N N 228 
MET HB3  H  N N 229 
MET HG2  H  N N 230 
MET HG3  H  N N 231 
MET HE1  H  N N 232 
MET HE2  H  N N 233 
MET HE3  H  N N 234 
MET HXT  H  N N 235 
MNH MN   MN N S 236 
MNH CHA  C  Y N 237 
MNH CHB  C  Y N 238 
MNH CHC  C  Y N 239 
MNH CHD  C  Y N 240 
MNH NA   N  Y N 241 
MNH C1A  C  Y N 242 
MNH C2A  C  Y N 243 
MNH C3A  C  Y N 244 
MNH C4A  C  Y N 245 
MNH CMA  C  N N 246 
MNH CAA  C  N N 247 
MNH CBA  C  N N 248 
MNH CGA  C  N N 249 
MNH O1A  O  N N 250 
MNH O2A  O  N N 251 
MNH NB   N  Y N 252 
MNH C1B  C  Y N 253 
MNH C2B  C  N N 254 
MNH C3B  C  N N 255 
MNH C4B  C  Y N 256 
MNH CMB  C  N N 257 
MNH CAB  C  N N 258 
MNH CBB  C  N N 259 
MNH NC   N  Y N 260 
MNH C1C  C  Y N 261 
MNH C2C  C  Y N 262 
MNH C3C  C  Y N 263 
MNH C4C  C  Y N 264 
MNH CMC  C  N N 265 
MNH CAC  C  N N 266 
MNH CBC  C  N N 267 
MNH ND   N  Y N 268 
MNH C1D  C  Y N 269 
MNH C2D  C  N N 270 
MNH C3D  C  N N 271 
MNH C4D  C  Y N 272 
MNH CMD  C  N N 273 
MNH CAD  C  N N 274 
MNH CBD  C  N N 275 
MNH CGD  C  N N 276 
MNH O1D  O  N N 277 
MNH O2D  O  N N 278 
MNH HHA  H  N N 279 
MNH HHB  H  N N 280 
MNH HHC  H  N N 281 
MNH HHD  H  N N 282 
MNH HMA1 H  N N 283 
MNH HMA2 H  N N 284 
MNH HMA3 H  N N 285 
MNH HAA1 H  N N 286 
MNH HAA2 H  N N 287 
MNH HBA1 H  N N 288 
MNH HBA2 H  N N 289 
MNH H1A  H  N N 290 
MNH HMB1 H  N N 291 
MNH HMB2 H  N N 292 
MNH HMB3 H  N N 293 
MNH HAB  H  N N 294 
MNH HBB1 H  N N 295 
MNH HBB2 H  N N 296 
MNH HMC1 H  N N 297 
MNH HMC2 H  N N 298 
MNH HMC3 H  N N 299 
MNH HAC  H  N N 300 
MNH HBC1 H  N N 301 
MNH HBC2 H  N N 302 
MNH HMD1 H  N N 303 
MNH HMD2 H  N N 304 
MNH HMD3 H  N N 305 
MNH HAD1 H  N N 306 
MNH HAD2 H  N N 307 
MNH HBD1 H  N N 308 
MNH HBD2 H  N N 309 
MNH H2D  H  N N 310 
NO  N    N  N N 311 
NO  O    O  N N 312 
PHE N    N  N N 313 
PHE CA   C  N S 314 
PHE C    C  N N 315 
PHE O    O  N N 316 
PHE CB   C  N N 317 
PHE CG   C  Y N 318 
PHE CD1  C  Y N 319 
PHE CD2  C  Y N 320 
PHE CE1  C  Y N 321 
PHE CE2  C  Y N 322 
PHE CZ   C  Y N 323 
PHE OXT  O  N N 324 
PHE H    H  N N 325 
PHE H2   H  N N 326 
PHE HA   H  N N 327 
PHE HB2  H  N N 328 
PHE HB3  H  N N 329 
PHE HD1  H  N N 330 
PHE HD2  H  N N 331 
PHE HE1  H  N N 332 
PHE HE2  H  N N 333 
PHE HZ   H  N N 334 
PHE HXT  H  N N 335 
PRO N    N  N N 336 
PRO CA   C  N S 337 
PRO C    C  N N 338 
PRO O    O  N N 339 
PRO CB   C  N N 340 
PRO CG   C  N N 341 
PRO CD   C  N N 342 
PRO OXT  O  N N 343 
PRO H    H  N N 344 
PRO HA   H  N N 345 
PRO HB2  H  N N 346 
PRO HB3  H  N N 347 
PRO HG2  H  N N 348 
PRO HG3  H  N N 349 
PRO HD2  H  N N 350 
PRO HD3  H  N N 351 
PRO HXT  H  N N 352 
SER N    N  N N 353 
SER CA   C  N S 354 
SER C    C  N N 355 
SER O    O  N N 356 
SER CB   C  N N 357 
SER OG   O  N N 358 
SER OXT  O  N N 359 
SER H    H  N N 360 
SER H2   H  N N 361 
SER HA   H  N N 362 
SER HB2  H  N N 363 
SER HB3  H  N N 364 
SER HG   H  N N 365 
SER HXT  H  N N 366 
SO4 S    S  N N 367 
SO4 O1   O  N N 368 
SO4 O2   O  N N 369 
SO4 O3   O  N N 370 
SO4 O4   O  N N 371 
THR N    N  N N 372 
THR CA   C  N S 373 
THR C    C  N N 374 
THR O    O  N N 375 
THR CB   C  N R 376 
THR OG1  O  N N 377 
THR CG2  C  N N 378 
THR OXT  O  N N 379 
THR H    H  N N 380 
THR H2   H  N N 381 
THR HA   H  N N 382 
THR HB   H  N N 383 
THR HG1  H  N N 384 
THR HG21 H  N N 385 
THR HG22 H  N N 386 
THR HG23 H  N N 387 
THR HXT  H  N N 388 
TRP N    N  N N 389 
TRP CA   C  N S 390 
TRP C    C  N N 391 
TRP O    O  N N 392 
TRP CB   C  N N 393 
TRP CG   C  Y N 394 
TRP CD1  C  Y N 395 
TRP CD2  C  Y N 396 
TRP NE1  N  Y N 397 
TRP CE2  C  Y N 398 
TRP CE3  C  Y N 399 
TRP CZ2  C  Y N 400 
TRP CZ3  C  Y N 401 
TRP CH2  C  Y N 402 
TRP OXT  O  N N 403 
TRP H    H  N N 404 
TRP H2   H  N N 405 
TRP HA   H  N N 406 
TRP HB2  H  N N 407 
TRP HB3  H  N N 408 
TRP HD1  H  N N 409 
TRP HE1  H  N N 410 
TRP HE3  H  N N 411 
TRP HZ2  H  N N 412 
TRP HZ3  H  N N 413 
TRP HH2  H  N N 414 
TRP HXT  H  N N 415 
TYR N    N  N N 416 
TYR CA   C  N S 417 
TYR C    C  N N 418 
TYR O    O  N N 419 
TYR CB   C  N N 420 
TYR CG   C  Y N 421 
TYR CD1  C  Y N 422 
TYR CD2  C  Y N 423 
TYR CE1  C  Y N 424 
TYR CE2  C  Y N 425 
TYR CZ   C  Y N 426 
TYR OH   O  N N 427 
TYR OXT  O  N N 428 
TYR H    H  N N 429 
TYR H2   H  N N 430 
TYR HA   H  N N 431 
TYR HB2  H  N N 432 
TYR HB3  H  N N 433 
TYR HD1  H  N N 434 
TYR HD2  H  N N 435 
TYR HE1  H  N N 436 
TYR HE2  H  N N 437 
TYR HH   H  N N 438 
TYR HXT  H  N N 439 
VAL N    N  N N 440 
VAL CA   C  N S 441 
VAL C    C  N N 442 
VAL O    O  N N 443 
VAL CB   C  N N 444 
VAL CG1  C  N N 445 
VAL CG2  C  N N 446 
VAL OXT  O  N N 447 
VAL H    H  N N 448 
VAL H2   H  N N 449 
VAL HA   H  N N 450 
VAL HB   H  N N 451 
VAL HG11 H  N N 452 
VAL HG12 H  N N 453 
VAL HG13 H  N N 454 
VAL HG21 H  N N 455 
VAL HG22 H  N N 456 
VAL HG23 H  N N 457 
VAL HXT  H  N N 458 
# 
loop_
_chem_comp_bond.comp_id 
_chem_comp_bond.atom_id_1 
_chem_comp_bond.atom_id_2 
_chem_comp_bond.value_order 
_chem_comp_bond.pdbx_aromatic_flag 
_chem_comp_bond.pdbx_stereo_config 
_chem_comp_bond.pdbx_ordinal 
ALA N   CA   sing N N 1   
ALA N   H    sing N N 2   
ALA N   H2   sing N N 3   
ALA CA  C    sing N N 4   
ALA CA  CB   sing N N 5   
ALA CA  HA   sing N N 6   
ALA C   O    doub N N 7   
ALA C   OXT  sing N N 8   
ALA CB  HB1  sing N N 9   
ALA CB  HB2  sing N N 10  
ALA CB  HB3  sing N N 11  
ALA OXT HXT  sing N N 12  
ARG N   CA   sing N N 13  
ARG N   H    sing N N 14  
ARG N   H2   sing N N 15  
ARG CA  C    sing N N 16  
ARG CA  CB   sing N N 17  
ARG CA  HA   sing N N 18  
ARG C   O    doub N N 19  
ARG C   OXT  sing N N 20  
ARG CB  CG   sing N N 21  
ARG CB  HB2  sing N N 22  
ARG CB  HB3  sing N N 23  
ARG CG  CD   sing N N 24  
ARG CG  HG2  sing N N 25  
ARG CG  HG3  sing N N 26  
ARG CD  NE   sing N N 27  
ARG CD  HD2  sing N N 28  
ARG CD  HD3  sing N N 29  
ARG NE  CZ   sing N N 30  
ARG NE  HE   sing N N 31  
ARG CZ  NH1  sing N N 32  
ARG CZ  NH2  doub N N 33  
ARG NH1 HH11 sing N N 34  
ARG NH1 HH12 sing N N 35  
ARG NH2 HH21 sing N N 36  
ARG NH2 HH22 sing N N 37  
ARG OXT HXT  sing N N 38  
ASN N   CA   sing N N 39  
ASN N   H    sing N N 40  
ASN N   H2   sing N N 41  
ASN CA  C    sing N N 42  
ASN CA  CB   sing N N 43  
ASN CA  HA   sing N N 44  
ASN C   O    doub N N 45  
ASN C   OXT  sing N N 46  
ASN CB  CG   sing N N 47  
ASN CB  HB2  sing N N 48  
ASN CB  HB3  sing N N 49  
ASN CG  OD1  doub N N 50  
ASN CG  ND2  sing N N 51  
ASN ND2 HD21 sing N N 52  
ASN ND2 HD22 sing N N 53  
ASN OXT HXT  sing N N 54  
ASP N   CA   sing N N 55  
ASP N   H    sing N N 56  
ASP N   H2   sing N N 57  
ASP CA  C    sing N N 58  
ASP CA  CB   sing N N 59  
ASP CA  HA   sing N N 60  
ASP C   O    doub N N 61  
ASP C   OXT  sing N N 62  
ASP CB  CG   sing N N 63  
ASP CB  HB2  sing N N 64  
ASP CB  HB3  sing N N 65  
ASP CG  OD1  doub N N 66  
ASP CG  OD2  sing N N 67  
ASP OD2 HD2  sing N N 68  
ASP OXT HXT  sing N N 69  
GLN N   CA   sing N N 70  
GLN N   H    sing N N 71  
GLN N   H2   sing N N 72  
GLN CA  C    sing N N 73  
GLN CA  CB   sing N N 74  
GLN CA  HA   sing N N 75  
GLN C   O    doub N N 76  
GLN C   OXT  sing N N 77  
GLN CB  CG   sing N N 78  
GLN CB  HB2  sing N N 79  
GLN CB  HB3  sing N N 80  
GLN CG  CD   sing N N 81  
GLN CG  HG2  sing N N 82  
GLN CG  HG3  sing N N 83  
GLN CD  OE1  doub N N 84  
GLN CD  NE2  sing N N 85  
GLN NE2 HE21 sing N N 86  
GLN NE2 HE22 sing N N 87  
GLN OXT HXT  sing N N 88  
GLU N   CA   sing N N 89  
GLU N   H    sing N N 90  
GLU N   H2   sing N N 91  
GLU CA  C    sing N N 92  
GLU CA  CB   sing N N 93  
GLU CA  HA   sing N N 94  
GLU C   O    doub N N 95  
GLU C   OXT  sing N N 96  
GLU CB  CG   sing N N 97  
GLU CB  HB2  sing N N 98  
GLU CB  HB3  sing N N 99  
GLU CG  CD   sing N N 100 
GLU CG  HG2  sing N N 101 
GLU CG  HG3  sing N N 102 
GLU CD  OE1  doub N N 103 
GLU CD  OE2  sing N N 104 
GLU OE2 HE2  sing N N 105 
GLU OXT HXT  sing N N 106 
GLY N   CA   sing N N 107 
GLY N   H    sing N N 108 
GLY N   H2   sing N N 109 
GLY CA  C    sing N N 110 
GLY CA  HA2  sing N N 111 
GLY CA  HA3  sing N N 112 
GLY C   O    doub N N 113 
GLY C   OXT  sing N N 114 
GLY OXT HXT  sing N N 115 
HIS N   CA   sing N N 116 
HIS N   H    sing N N 117 
HIS N   H2   sing N N 118 
HIS CA  C    sing N N 119 
HIS CA  CB   sing N N 120 
HIS CA  HA   sing N N 121 
HIS C   O    doub N N 122 
HIS C   OXT  sing N N 123 
HIS CB  CG   sing N N 124 
HIS CB  HB2  sing N N 125 
HIS CB  HB3  sing N N 126 
HIS CG  ND1  sing Y N 127 
HIS CG  CD2  doub Y N 128 
HIS ND1 CE1  doub Y N 129 
HIS ND1 HD1  sing N N 130 
HIS CD2 NE2  sing Y N 131 
HIS CD2 HD2  sing N N 132 
HIS CE1 NE2  sing Y N 133 
HIS CE1 HE1  sing N N 134 
HIS NE2 HE2  sing N N 135 
HIS OXT HXT  sing N N 136 
HOH O   H1   sing N N 137 
HOH O   H2   sing N N 138 
ILE N   CA   sing N N 139 
ILE N   H    sing N N 140 
ILE N   H2   sing N N 141 
ILE CA  C    sing N N 142 
ILE CA  CB   sing N N 143 
ILE CA  HA   sing N N 144 
ILE C   O    doub N N 145 
ILE C   OXT  sing N N 146 
ILE CB  CG1  sing N N 147 
ILE CB  CG2  sing N N 148 
ILE CB  HB   sing N N 149 
ILE CG1 CD1  sing N N 150 
ILE CG1 HG12 sing N N 151 
ILE CG1 HG13 sing N N 152 
ILE CG2 HG21 sing N N 153 
ILE CG2 HG22 sing N N 154 
ILE CG2 HG23 sing N N 155 
ILE CD1 HD11 sing N N 156 
ILE CD1 HD12 sing N N 157 
ILE CD1 HD13 sing N N 158 
ILE OXT HXT  sing N N 159 
LEU N   CA   sing N N 160 
LEU N   H    sing N N 161 
LEU N   H2   sing N N 162 
LEU CA  C    sing N N 163 
LEU CA  CB   sing N N 164 
LEU CA  HA   sing N N 165 
LEU C   O    doub N N 166 
LEU C   OXT  sing N N 167 
LEU CB  CG   sing N N 168 
LEU CB  HB2  sing N N 169 
LEU CB  HB3  sing N N 170 
LEU CG  CD1  sing N N 171 
LEU CG  CD2  sing N N 172 
LEU CG  HG   sing N N 173 
LEU CD1 HD11 sing N N 174 
LEU CD1 HD12 sing N N 175 
LEU CD1 HD13 sing N N 176 
LEU CD2 HD21 sing N N 177 
LEU CD2 HD22 sing N N 178 
LEU CD2 HD23 sing N N 179 
LEU OXT HXT  sing N N 180 
LYS N   CA   sing N N 181 
LYS N   H    sing N N 182 
LYS N   H2   sing N N 183 
LYS CA  C    sing N N 184 
LYS CA  CB   sing N N 185 
LYS CA  HA   sing N N 186 
LYS C   O    doub N N 187 
LYS C   OXT  sing N N 188 
LYS CB  CG   sing N N 189 
LYS CB  HB2  sing N N 190 
LYS CB  HB3  sing N N 191 
LYS CG  CD   sing N N 192 
LYS CG  HG2  sing N N 193 
LYS CG  HG3  sing N N 194 
LYS CD  CE   sing N N 195 
LYS CD  HD2  sing N N 196 
LYS CD  HD3  sing N N 197 
LYS CE  NZ   sing N N 198 
LYS CE  HE2  sing N N 199 
LYS CE  HE3  sing N N 200 
LYS NZ  HZ1  sing N N 201 
LYS NZ  HZ2  sing N N 202 
LYS NZ  HZ3  sing N N 203 
LYS OXT HXT  sing N N 204 
MET N   CA   sing N N 205 
MET N   H    sing N N 206 
MET N   H2   sing N N 207 
MET CA  C    sing N N 208 
MET CA  CB   sing N N 209 
MET CA  HA   sing N N 210 
MET C   O    doub N N 211 
MET C   OXT  sing N N 212 
MET CB  CG   sing N N 213 
MET CB  HB2  sing N N 214 
MET CB  HB3  sing N N 215 
MET CG  SD   sing N N 216 
MET CG  HG2  sing N N 217 
MET CG  HG3  sing N N 218 
MET SD  CE   sing N N 219 
MET CE  HE1  sing N N 220 
MET CE  HE2  sing N N 221 
MET CE  HE3  sing N N 222 
MET OXT HXT  sing N N 223 
MNH MN  NA   sing N N 224 
MNH MN  NB   sing N N 225 
MNH MN  NC   sing N N 226 
MNH MN  ND   sing N N 227 
MNH CHA C1A  doub Y N 228 
MNH CHA C4D  sing Y N 229 
MNH CHA HHA  sing N N 230 
MNH CHB C4A  doub Y N 231 
MNH CHB C1B  sing Y N 232 
MNH CHB HHB  sing N N 233 
MNH CHC C4B  doub Y N 234 
MNH CHC C1C  sing Y N 235 
MNH CHC HHC  sing N N 236 
MNH CHD C4C  sing Y N 237 
MNH CHD C1D  doub Y N 238 
MNH CHD HHD  sing N N 239 
MNH NA  C1A  sing Y N 240 
MNH NA  C4A  sing Y N 241 
MNH C1A C2A  sing Y N 242 
MNH C2A C3A  doub Y N 243 
MNH C2A CAA  sing N N 244 
MNH C3A C4A  sing Y N 245 
MNH C3A CMA  sing N N 246 
MNH CMA HMA1 sing N N 247 
MNH CMA HMA2 sing N N 248 
MNH CMA HMA3 sing N N 249 
MNH CAA CBA  sing N N 250 
MNH CAA HAA1 sing N N 251 
MNH CAA HAA2 sing N N 252 
MNH CBA CGA  sing N N 253 
MNH CBA HBA1 sing N N 254 
MNH CBA HBA2 sing N N 255 
MNH CGA O1A  sing N N 256 
MNH CGA O2A  doub N N 257 
MNH O1A H1A  sing N N 258 
MNH NB  C1B  doub Y N 259 
MNH NB  C4B  sing Y N 260 
MNH C1B C2B  sing N N 261 
MNH C2B C3B  doub N N 262 
MNH C2B CMB  sing N N 263 
MNH C3B C4B  sing N N 264 
MNH C3B CAB  sing N N 265 
MNH CMB HMB1 sing N N 266 
MNH CMB HMB2 sing N N 267 
MNH CMB HMB3 sing N N 268 
MNH CAB CBB  doub N N 269 
MNH CAB HAB  sing N N 270 
MNH CBB HBB1 sing N N 271 
MNH CBB HBB2 sing N N 272 
MNH NC  C1C  sing Y N 273 
MNH NC  C4C  sing Y N 274 
MNH C1C C2C  doub Y N 275 
MNH C2C C3C  sing Y N 276 
MNH C2C CMC  sing N N 277 
MNH C3C C4C  doub Y N 278 
MNH C3C CAC  sing N N 279 
MNH CMC HMC1 sing N N 280 
MNH CMC HMC2 sing N N 281 
MNH CMC HMC3 sing N N 282 
MNH CAC CBC  doub N N 283 
MNH CAC HAC  sing N N 284 
MNH CBC HBC1 sing N N 285 
MNH CBC HBC2 sing N N 286 
MNH ND  C1D  sing Y N 287 
MNH ND  C4D  doub Y N 288 
MNH C1D C2D  sing N N 289 
MNH C2D C3D  doub N N 290 
MNH C2D CMD  sing N N 291 
MNH C3D C4D  sing N N 292 
MNH C3D CAD  sing N N 293 
MNH CMD HMD1 sing N N 294 
MNH CMD HMD2 sing N N 295 
MNH CMD HMD3 sing N N 296 
MNH CAD CBD  sing N N 297 
MNH CAD HAD1 sing N N 298 
MNH CAD HAD2 sing N N 299 
MNH CBD CGD  sing N N 300 
MNH CBD HBD1 sing N N 301 
MNH CBD HBD2 sing N N 302 
MNH CGD O1D  doub N N 303 
MNH CGD O2D  sing N N 304 
MNH O2D H2D  sing N N 305 
NO  N   O    doub N N 306 
PHE N   CA   sing N N 307 
PHE N   H    sing N N 308 
PHE N   H2   sing N N 309 
PHE CA  C    sing N N 310 
PHE CA  CB   sing N N 311 
PHE CA  HA   sing N N 312 
PHE C   O    doub N N 313 
PHE C   OXT  sing N N 314 
PHE CB  CG   sing N N 315 
PHE CB  HB2  sing N N 316 
PHE CB  HB3  sing N N 317 
PHE CG  CD1  doub Y N 318 
PHE CG  CD2  sing Y N 319 
PHE CD1 CE1  sing Y N 320 
PHE CD1 HD1  sing N N 321 
PHE CD2 CE2  doub Y N 322 
PHE CD2 HD2  sing N N 323 
PHE CE1 CZ   doub Y N 324 
PHE CE1 HE1  sing N N 325 
PHE CE2 CZ   sing Y N 326 
PHE CE2 HE2  sing N N 327 
PHE CZ  HZ   sing N N 328 
PHE OXT HXT  sing N N 329 
PRO N   CA   sing N N 330 
PRO N   CD   sing N N 331 
PRO N   H    sing N N 332 
PRO CA  C    sing N N 333 
PRO CA  CB   sing N N 334 
PRO CA  HA   sing N N 335 
PRO C   O    doub N N 336 
PRO C   OXT  sing N N 337 
PRO CB  CG   sing N N 338 
PRO CB  HB2  sing N N 339 
PRO CB  HB3  sing N N 340 
PRO CG  CD   sing N N 341 
PRO CG  HG2  sing N N 342 
PRO CG  HG3  sing N N 343 
PRO CD  HD2  sing N N 344 
PRO CD  HD3  sing N N 345 
PRO OXT HXT  sing N N 346 
SER N   CA   sing N N 347 
SER N   H    sing N N 348 
SER N   H2   sing N N 349 
SER CA  C    sing N N 350 
SER CA  CB   sing N N 351 
SER CA  HA   sing N N 352 
SER C   O    doub N N 353 
SER C   OXT  sing N N 354 
SER CB  OG   sing N N 355 
SER CB  HB2  sing N N 356 
SER CB  HB3  sing N N 357 
SER OG  HG   sing N N 358 
SER OXT HXT  sing N N 359 
SO4 S   O1   doub N N 360 
SO4 S   O2   doub N N 361 
SO4 S   O3   sing N N 362 
SO4 S   O4   sing N N 363 
THR N   CA   sing N N 364 
THR N   H    sing N N 365 
THR N   H2   sing N N 366 
THR CA  C    sing N N 367 
THR CA  CB   sing N N 368 
THR CA  HA   sing N N 369 
THR C   O    doub N N 370 
THR C   OXT  sing N N 371 
THR CB  OG1  sing N N 372 
THR CB  CG2  sing N N 373 
THR CB  HB   sing N N 374 
THR OG1 HG1  sing N N 375 
THR CG2 HG21 sing N N 376 
THR CG2 HG22 sing N N 377 
THR CG2 HG23 sing N N 378 
THR OXT HXT  sing N N 379 
TRP N   CA   sing N N 380 
TRP N   H    sing N N 381 
TRP N   H2   sing N N 382 
TRP CA  C    sing N N 383 
TRP CA  CB   sing N N 384 
TRP CA  HA   sing N N 385 
TRP C   O    doub N N 386 
TRP C   OXT  sing N N 387 
TRP CB  CG   sing N N 388 
TRP CB  HB2  sing N N 389 
TRP CB  HB3  sing N N 390 
TRP CG  CD1  doub Y N 391 
TRP CG  CD2  sing Y N 392 
TRP CD1 NE1  sing Y N 393 
TRP CD1 HD1  sing N N 394 
TRP CD2 CE2  doub Y N 395 
TRP CD2 CE3  sing Y N 396 
TRP NE1 CE2  sing Y N 397 
TRP NE1 HE1  sing N N 398 
TRP CE2 CZ2  sing Y N 399 
TRP CE3 CZ3  doub Y N 400 
TRP CE3 HE3  sing N N 401 
TRP CZ2 CH2  doub Y N 402 
TRP CZ2 HZ2  sing N N 403 
TRP CZ3 CH2  sing Y N 404 
TRP CZ3 HZ3  sing N N 405 
TRP CH2 HH2  sing N N 406 
TRP OXT HXT  sing N N 407 
TYR N   CA   sing N N 408 
TYR N   H    sing N N 409 
TYR N   H2   sing N N 410 
TYR CA  C    sing N N 411 
TYR CA  CB   sing N N 412 
TYR CA  HA   sing N N 413 
TYR C   O    doub N N 414 
TYR C   OXT  sing N N 415 
TYR CB  CG   sing N N 416 
TYR CB  HB2  sing N N 417 
TYR CB  HB3  sing N N 418 
TYR CG  CD1  doub Y N 419 
TYR CG  CD2  sing Y N 420 
TYR CD1 CE1  sing Y N 421 
TYR CD1 HD1  sing N N 422 
TYR CD2 CE2  doub Y N 423 
TYR CD2 HD2  sing N N 424 
TYR CE1 CZ   doub Y N 425 
TYR CE1 HE1  sing N N 426 
TYR CE2 CZ   sing Y N 427 
TYR CE2 HE2  sing N N 428 
TYR CZ  OH   sing N N 429 
TYR OH  HH   sing N N 430 
TYR OXT HXT  sing N N 431 
VAL N   CA   sing N N 432 
VAL N   H    sing N N 433 
VAL N   H2   sing N N 434 
VAL CA  C    sing N N 435 
VAL CA  CB   sing N N 436 
VAL CA  HA   sing N N 437 
VAL C   O    doub N N 438 
VAL C   OXT  sing N N 439 
VAL CB  CG1  sing N N 440 
VAL CB  CG2  sing N N 441 
VAL CB  HB   sing N N 442 
VAL CG1 HG11 sing N N 443 
VAL CG1 HG12 sing N N 444 
VAL CG1 HG13 sing N N 445 
VAL CG2 HG21 sing N N 446 
VAL CG2 HG22 sing N N 447 
VAL CG2 HG23 sing N N 448 
VAL OXT HXT  sing N N 449 
# 
_atom_sites.entry_id                    2O5Q 
_atom_sites.fract_transf_matrix[1][1]   -0.00114165 
_atom_sites.fract_transf_matrix[1][2]   0.02711552 
_atom_sites.fract_transf_matrix[1][3]   -0.01100692 
_atom_sites.fract_transf_matrix[2][1]   -0.01401524 
_atom_sites.fract_transf_matrix[2][2]   -0.01253469 
_atom_sites.fract_transf_matrix[2][3]   -0.02942551 
_atom_sites.fract_transf_matrix[3][1]   -0.01465450 
_atom_sites.fract_transf_matrix[3][2]   0.00598561 
_atom_sites.fract_transf_matrix[3][3]   0.00443012 
_atom_sites.fract_transf_vector[1]      0.003251 
_atom_sites.fract_transf_vector[2]      -0.031724 
_atom_sites.fract_transf_vector[3]      0.255082 
# 
loop_
_atom_type.symbol 
C  
MN 
N  
O  
S  
# 
loop_
_atom_site.group_PDB 
_atom_site.id 
_atom_site.type_symbol 
_atom_site.label_atom_id 
_atom_site.label_alt_id 
_atom_site.label_comp_id 
_atom_site.label_asym_id 
_atom_site.label_entity_id 
_atom_site.label_seq_id 
_atom_site.pdbx_PDB_ins_code 
_atom_site.Cartn_x 
_atom_site.Cartn_y 
_atom_site.Cartn_z 
_atom_site.occupancy 
_atom_site.B_iso_or_equiv 
_atom_site.pdbx_formal_charge 
_atom_site.auth_seq_id 
_atom_site.auth_comp_id 
_atom_site.auth_asym_id 
_atom_site.auth_atom_id 
_atom_site.pdbx_PDB_model_num 
ATOM   1    N  N   . GLY A 1 1   ? 13.556  -13.370 5.915   1.00 28.04 ? 1   GLY X N   1 
ATOM   2    C  CA  . GLY A 1 1   ? 12.061  -13.418 6.047   1.00 26.50 ? 1   GLY X CA  1 
ATOM   3    C  C   . GLY A 1 1   ? 11.591  -12.828 7.357   1.00 26.25 ? 1   GLY X C   1 
ATOM   4    O  O   . GLY A 1 1   ? 12.379  -12.329 8.151   1.00 27.10 ? 1   GLY X O   1 
ATOM   5    N  N   . LEU A 1 2   ? 10.291  -12.886 7.577   1.00 24.88 ? 2   LEU X N   1 
ATOM   6    C  CA  . LEU A 1 2   ? 9.704   -12.575 8.858   1.00 22.90 ? 2   LEU X CA  1 
ATOM   7    C  C   . LEU A 1 2   ? 9.541   -13.882 9.572   1.00 22.38 ? 2   LEU X C   1 
ATOM   8    O  O   . LEU A 1 2   ? 9.312   -14.934 8.925   1.00 21.50 ? 2   LEU X O   1 
ATOM   9    C  CB  . LEU A 1 2   ? 8.322   -11.983 8.666   1.00 21.78 ? 2   LEU X CB  1 
ATOM   10   C  CG  . LEU A 1 2   ? 8.350   -10.512 8.351   1.00 20.99 ? 2   LEU X CG  1 
ATOM   11   C  CD1 . LEU A 1 2   ? 9.041   -10.290 6.967   1.00 18.40 ? 2   LEU X CD1 1 
ATOM   12   C  CD2 . LEU A 1 2   ? 6.908   -9.922  8.425   1.00 17.94 ? 2   LEU X CD2 1 
ATOM   13   N  N   . SER A 1 3   ? 9.675   -13.810 10.887  1.00 21.19 ? 3   SER X N   1 
ATOM   14   C  CA  . SER A 1 3   ? 9.447   -14.948 11.774  1.00 21.97 ? 3   SER X CA  1 
ATOM   15   C  C   . SER A 1 3   ? 7.955   -15.180 11.915  1.00 22.30 ? 3   SER X C   1 
ATOM   16   O  O   . SER A 1 3   ? 7.128   -14.321 11.571  1.00 21.39 ? 3   SER X O   1 
ATOM   17   C  CB  . SER A 1 3   ? 10.083  -14.696 13.170  1.00 21.98 ? 3   SER X CB  1 
ATOM   18   O  OG  . SER A 1 3   ? 9.344   -13.733 13.881  1.00 22.03 ? 3   SER X OG  1 
ATOM   19   N  N   . ASP A 1 4   ? 7.601   -16.337 12.434  1.00 22.05 ? 4   ASP X N   1 
ATOM   20   C  CA  . ASP A 1 4   ? 6.231   -16.569 12.786  1.00 23.91 ? 4   ASP X CA  1 
ATOM   21   C  C   . ASP A 1 4   ? 5.616   -15.486 13.666  1.00 22.33 ? 4   ASP X C   1 
ATOM   22   O  O   . ASP A 1 4   ? 4.539   -15.012 13.356  1.00 22.27 ? 4   ASP X O   1 
ATOM   23   C  CB  . ASP A 1 4   ? 6.069   -17.963 13.407  1.00 25.26 ? 4   ASP X CB  1 
ATOM   24   C  CG  . ASP A 1 4   ? 6.112   -19.053 12.352  1.00 30.62 ? 4   ASP X CG  1 
ATOM   25   O  OD1 . ASP A 1 4   ? 5.521   -18.883 11.255  1.00 39.02 ? 4   ASP X OD1 1 
ATOM   26   O  OD2 . ASP A 1 4   ? 6.745   -20.084 12.612  1.00 36.11 ? 4   ASP X OD2 1 
ATOM   27   N  N   . GLY A 1 5   ? 6.292   -15.113 14.755  1.00 22.33 ? 5   GLY X N   1 
ATOM   28   C  CA  . GLY A 1 5   ? 5.786   -14.094 15.660  1.00 21.04 ? 5   GLY X CA  1 
ATOM   29   C  C   . GLY A 1 5   ? 5.509   -12.791 14.921  1.00 20.24 ? 5   GLY X C   1 
ATOM   30   O  O   . GLY A 1 5   ? 4.527   -12.097 15.201  1.00 19.49 ? 5   GLY X O   1 
ATOM   31   N  N   . GLU A 1 6   ? 6.402   -12.472 13.995  1.00 18.84 ? 6   GLU X N   1 
ATOM   32   C  CA  . GLU A 1 6   ? 6.307   -11.298 13.142  1.00 18.93 ? 6   GLU X CA  1 
ATOM   33   C  C   . GLU A 1 6   ? 5.118   -11.355 12.153  1.00 17.71 ? 6   GLU X C   1 
ATOM   34   O  O   . GLU A 1 6   ? 4.338   -10.408 12.071  1.00 16.01 ? 6   GLU X O   1 
ATOM   35   C  CB  . GLU A 1 6   ? 7.656   -11.075 12.422  1.00 18.66 ? 6   GLU X CB  1 
ATOM   36   C  CG  . GLU A 1 6   ? 8.681   -10.319 13.304  1.00 19.76 ? 6   GLU X CG  1 
ATOM   37   C  CD  . GLU A 1 6   ? 10.091  -10.302 12.725  1.00 19.29 ? 6   GLU X CD  1 
ATOM   38   O  OE1 . GLU A 1 6   ? 10.346  -11.024 11.736  1.00 19.82 ? 6   GLU X OE1 1 
ATOM   39   O  OE2 . GLU A 1 6   ? 10.934  -9.578  13.307  1.00 18.65 ? 6   GLU X OE2 1 
ATOM   40   N  N   . TRP A 1 7   ? 4.955   -12.461 11.436  1.00 17.93 ? 7   TRP X N   1 
ATOM   41   C  CA  . TRP A 1 7   ? 3.756   -12.628 10.579  1.00 18.38 ? 7   TRP X CA  1 
ATOM   42   C  C   . TRP A 1 7   ? 2.440   -12.475 11.372  1.00 20.21 ? 7   TRP X C   1 
ATOM   43   O  O   . TRP A 1 7   ? 1.445   -11.873 10.878  1.00 18.54 ? 7   TRP X O   1 
ATOM   44   C  CB  . TRP A 1 7   ? 3.794   -13.939 9.812   1.00 18.80 ? 7   TRP X CB  1 
ATOM   45   C  CG  . TRP A 1 7   ? 4.679   -13.851 8.585   1.00 20.54 ? 7   TRP X CG  1 
ATOM   46   C  CD1 . TRP A 1 7   ? 5.757   -14.674 8.259   1.00 21.80 ? 7   TRP X CD1 1 
ATOM   47   C  CD2 . TRP A 1 7   ? 4.595   -12.857 7.525   1.00 19.62 ? 7   TRP X CD2 1 
ATOM   48   N  NE1 . TRP A 1 7   ? 6.312   -14.260 7.029   1.00 21.01 ? 7   TRP X NE1 1 
ATOM   49   C  CE2 . TRP A 1 7   ? 5.633   -13.148 6.582   1.00 21.02 ? 7   TRP X CE2 1 
ATOM   50   C  CE3 . TRP A 1 7   ? 3.760   -11.743 7.292   1.00 18.62 ? 7   TRP X CE3 1 
ATOM   51   C  CZ2 . TRP A 1 7   ? 5.846   -12.367 5.436   1.00 20.09 ? 7   TRP X CZ2 1 
ATOM   52   C  CZ3 . TRP A 1 7   ? 3.970   -10.977 6.149   1.00 20.46 ? 7   TRP X CZ3 1 
ATOM   53   C  CH2 . TRP A 1 7   ? 5.008   -11.294 5.231   1.00 21.77 ? 7   TRP X CH2 1 
ATOM   54   N  N   . GLN A 1 8   ? 2.449   -12.997 12.601  1.00 20.28 ? 8   GLN X N   1 
ATOM   55   C  CA  . GLN A 1 8   ? 1.266   -12.966 13.448  1.00 21.83 ? 8   GLN X CA  1 
ATOM   56   C  C   . GLN A 1 8   ? 0.897   -11.500 13.795  1.00 20.73 ? 8   GLN X C   1 
ATOM   57   O  O   . GLN A 1 8   ? -0.291  -11.131 13.737  1.00 18.19 ? 8   GLN X O   1 
ATOM   58   C  CB  . GLN A 1 8   ? 1.427   -13.873 14.676  1.00 22.70 ? 8   GLN X CB  1 
ATOM   59   C  CG  . GLN A 1 8   ? 0.317   -13.709 15.749  1.00 24.11 ? 8   GLN X CG  1 
ATOM   60   C  CD  . GLN A 1 8   ? 0.467   -14.646 16.965  1.00 25.80 ? 8   GLN X CD  1 
ATOM   61   O  OE1 . GLN A 1 8   ? 1.436   -14.544 17.747  1.00 28.08 ? 8   GLN X OE1 1 
ATOM   62   N  NE2 . GLN A 1 8   ? -0.533  -15.521 17.163  1.00 28.84 ? 8   GLN X NE2 1 
ATOM   63   N  N   . GLN A 1 9   ? 1.910   -10.710 14.177  1.00 20.51 ? 9   GLN X N   1 
ATOM   64   C  CA  . GLN A 1 9   ? 1.751   -9.259  14.443  1.00 20.62 ? 9   GLN X CA  1 
ATOM   65   C  C   . GLN A 1 9   ? 1.231   -8.561  13.193  1.00 18.38 ? 9   GLN X C   1 
ATOM   66   O  O   . GLN A 1 9   ? 0.287   -7.806  13.274  1.00 17.35 ? 9   GLN X O   1 
ATOM   67   C  CB  . GLN A 1 9   ? 3.068   -8.595  14.836  1.00 21.19 ? 9   GLN X CB  1 
ATOM   68   C  CG  . GLN A 1 9   ? 3.661   -9.010  16.189  1.00 26.56 ? 9   GLN X CG  1 
ATOM   69   C  CD  . GLN A 1 9   ? 3.612   -7.921  17.202  1.00 33.02 ? 9   GLN X CD  1 
ATOM   70   O  OE1 . GLN A 1 9   ? 4.600   -7.710  17.902  1.00 39.63 ? 9   GLN X OE1 1 
ATOM   71   N  NE2 . GLN A 1 9   ? 2.487   -7.189  17.279  1.00 31.07 ? 9   GLN X NE2 1 
ATOM   72   N  N   . VAL A 1 10  ? 1.849   -8.795  12.031  1.00 18.24 ? 10  VAL X N   1 
ATOM   73   C  CA  . VAL A 1 10  ? 1.357   -8.205  10.741  1.00 16.78 ? 10  VAL X CA  1 
ATOM   74   C  C   . VAL A 1 10  ? -0.127  -8.505  10.514  1.00 16.46 ? 10  VAL X C   1 
ATOM   75   O  O   . VAL A 1 10  ? -0.934  -7.586  10.196  1.00 13.46 ? 10  VAL X O   1 
ATOM   76   C  CB  . VAL A 1 10  ? 2.194   -8.667  9.465   1.00 17.60 ? 10  VAL X CB  1 
ATOM   77   C  CG1 . VAL A 1 10  ? 1.493   -8.271  8.140   1.00 15.10 ? 10  VAL X CG1 1 
ATOM   78   C  CG2 . VAL A 1 10  ? 3.603   -8.094  9.532   1.00 15.87 ? 10  VAL X CG2 1 
ATOM   79   N  N   . LEU A 1 11  ? -0.493  -9.771  10.699  1.00 15.94 ? 11  LEU X N   1 
ATOM   80   C  CA  . LEU A 1 11  ? -1.861  -10.163 10.481  1.00 17.63 ? 11  LEU X CA  1 
ATOM   81   C  C   . LEU A 1 11  ? -2.794  -9.652  11.600  1.00 17.63 ? 11  LEU X C   1 
ATOM   82   O  O   . LEU A 1 11  ? -3.977  -9.393  11.344  1.00 17.57 ? 11  LEU X O   1 
ATOM   83   C  CB  . LEU A 1 11  ? -1.990  -11.655 10.179  1.00 19.38 ? 11  LEU X CB  1 
ATOM   84   C  CG  . LEU A 1 11  ? -1.245  -11.994 8.851   1.00 20.33 ? 11  LEU X CG  1 
ATOM   85   C  CD1 . LEU A 1 11  ? -1.344  -13.437 8.509   1.00 18.34 ? 11  LEU X CD1 1 
ATOM   86   C  CD2 . LEU A 1 11  ? -1.646  -11.095 7.675   1.00 21.18 ? 11  LEU X CD2 1 
ATOM   87   N  N   . ASN A 1 12  ? -2.251  -9.461  12.802  1.00 16.19 ? 12  ASN X N   1 
ATOM   88   C  CA  . ASN A 1 12  ? -3.044  -8.833  13.870  1.00 16.60 ? 12  ASN X CA  1 
ATOM   89   C  C   . ASN A 1 12  ? -3.360  -7.359  13.509  1.00 16.17 ? 12  ASN X C   1 
ATOM   90   O  O   . ASN A 1 12  ? -4.508  -6.929  13.568  1.00 17.53 ? 12  ASN X O   1 
ATOM   91   C  CB  . ASN A 1 12  ? -2.347  -8.911  15.248  1.00 17.67 ? 12  ASN X CB  1 
ATOM   92   C  CG  . ASN A 1 12  ? -3.235  -8.357  16.379  1.00 20.27 ? 12  ASN X CG  1 
ATOM   93   O  OD1 . ASN A 1 12  ? -3.018  -7.264  16.890  1.00 27.13 ? 12  ASN X OD1 1 
ATOM   94   N  ND2 . ASN A 1 12  ? -4.269  -9.105  16.722  1.00 22.96 ? 12  ASN X ND2 1 
ATOM   95   N  N   . VAL A 1 13  ? -2.347  -6.628  13.086  1.00 16.24 ? 13  VAL X N   1 
ATOM   96   C  CA  . VAL A 1 13  ? -2.503  -5.263  12.560  1.00 17.54 ? 13  VAL X CA  1 
ATOM   97   C  C   . VAL A 1 13  ? -3.489  -5.228  11.376  1.00 17.54 ? 13  VAL X C   1 
ATOM   98   O  O   . VAL A 1 13  ? -4.351  -4.336  11.303  1.00 18.58 ? 13  VAL X O   1 
ATOM   99   C  CB  . VAL A 1 13  ? -1.125  -4.605  12.200  1.00 17.99 ? 13  VAL X CB  1 
ATOM   100  C  CG1 . VAL A 1 13  ? -1.334  -3.252  11.502  1.00 18.88 ? 13  VAL X CG1 1 
ATOM   101  C  CG2 . VAL A 1 13  ? -0.318  -4.379  13.486  1.00 18.88 ? 13  VAL X CG2 1 
ATOM   102  N  N   . TRP A 1 14  ? -3.371  -6.187  10.451  1.00 17.27 ? 14  TRP X N   1 
ATOM   103  C  CA  . TRP A 1 14  ? -4.252  -6.175  9.274   1.00 17.21 ? 14  TRP X CA  1 
ATOM   104  C  C   . TRP A 1 14  ? -5.735  -6.288  9.641   1.00 18.61 ? 14  TRP X C   1 
ATOM   105  O  O   . TRP A 1 14  ? -6.622  -5.747  8.917   1.00 17.39 ? 14  TRP X O   1 
ATOM   106  C  CB  . TRP A 1 14  ? -3.863  -7.229  8.240   1.00 16.57 ? 14  TRP X CB  1 
ATOM   107  C  CG  . TRP A 1 14  ? -4.424  -6.880  6.903   1.00 18.21 ? 14  TRP X CG  1 
ATOM   108  C  CD1 . TRP A 1 14  ? -5.497  -7.445  6.291   1.00 17.53 ? 14  TRP X CD1 1 
ATOM   109  C  CD2 . TRP A 1 14  ? -4.012  -5.796  6.069   1.00 18.71 ? 14  TRP X CD2 1 
ATOM   110  N  NE1 . TRP A 1 14  ? -5.758  -6.821  5.101   1.00 16.89 ? 14  TRP X NE1 1 
ATOM   111  C  CE2 . TRP A 1 14  ? -4.854  -5.811  4.923   1.00 16.06 ? 14  TRP X CE2 1 
ATOM   112  C  CE3 . TRP A 1 14  ? -2.983  -4.855  6.144   1.00 17.54 ? 14  TRP X CE3 1 
ATOM   113  C  CZ2 . TRP A 1 14  ? -4.709  -4.910  3.865   1.00 16.67 ? 14  TRP X CZ2 1 
ATOM   114  C  CZ3 . TRP A 1 14  ? -2.853  -3.938  5.088   1.00 19.47 ? 14  TRP X CZ3 1 
ATOM   115  C  CH2 . TRP A 1 14  ? -3.705  -3.994  3.961   1.00 18.06 ? 14  TRP X CH2 1 
ATOM   116  N  N   . GLY A 1 15  ? -6.001  -6.998  10.753  1.00 19.41 ? 15  GLY X N   1 
ATOM   117  C  CA  . GLY A 1 15  ? -7.351  -7.035  11.356  1.00 21.01 ? 15  GLY X CA  1 
ATOM   118  C  C   . GLY A 1 15  ? -7.938  -5.643  11.622  1.00 20.77 ? 15  GLY X C   1 
ATOM   119  O  O   . GLY A 1 15  ? -9.138  -5.423  11.440  1.00 22.42 ? 15  GLY X O   1 
ATOM   120  N  N   . LYS A 1 16  ? -7.109  -4.705  12.050  1.00 21.52 ? 16  LYS X N   1 
ATOM   121  C  CA  . LYS A 1 16  ? -7.554  -3.318  12.286  1.00 22.53 ? 16  LYS X CA  1 
ATOM   122  C  C   . LYS A 1 16  ? -7.944  -2.674  10.953  1.00 21.16 ? 16  LYS X C   1 
ATOM   123  O  O   . LYS A 1 16  ? -8.962  -2.002  10.856  1.00 20.36 ? 16  LYS X O   1 
ATOM   124  C  CB  . LYS A 1 16  ? -6.490  -2.466  13.010  1.00 22.23 ? 16  LYS X CB  1 
ATOM   125  C  CG  . LYS A 1 16  ? -5.980  -3.028  14.314  1.00 26.02 ? 16  LYS X CG  1 
ATOM   126  C  CD  . LYS A 1 16  ? -4.891  -2.089  14.888  1.00 25.06 ? 16  LYS X CD  1 
ATOM   127  C  CE  . LYS A 1 16  ? -4.345  -2.587  16.179  1.00 25.94 ? 16  LYS X CE  1 
ATOM   128  N  NZ  . LYS A 1 16  ? -4.749  -3.956  16.512  1.00 28.31 ? 16  LYS X NZ  1 
ATOM   129  N  N   . VAL A 1 17  ? -7.155  -2.933  9.908   1.00 20.49 ? 17  VAL X N   1 
ATOM   130  C  CA  . VAL A 1 17  ? -7.445  -2.395  8.579   1.00 18.92 ? 17  VAL X CA  1 
ATOM   131  C  C   . VAL A 1 17  ? -8.764  -2.932  8.018   1.00 19.57 ? 17  VAL X C   1 
ATOM   132  O  O   . VAL A 1 17  ? -9.582  -2.136  7.446   1.00 17.66 ? 17  VAL X O   1 
ATOM   133  C  CB  . VAL A 1 17  ? -6.269  -2.652  7.597   1.00 19.75 ? 17  VAL X CB  1 
ATOM   134  C  CG1 . VAL A 1 17  ? -6.623  -2.187  6.161   1.00 19.24 ? 17  VAL X CG1 1 
ATOM   135  C  CG2 . VAL A 1 17  ? -4.976  -1.958  8.153   1.00 17.44 ? 17  VAL X CG2 1 
ATOM   136  N  N   . GLU A 1 18  ? -9.000  -4.239  8.221   1.00 18.00 ? 18  GLU X N   1 
ATOM   137  C  CA  . GLU A 1 18  ? -10.179 -4.910  7.644   1.00 19.14 ? 18  GLU X CA  1 
ATOM   138  C  C   . GLU A 1 18  ? -11.507 -4.423  8.248   1.00 18.53 ? 18  GLU X C   1 
ATOM   139  O  O   . GLU A 1 18  ? -12.565 -4.554  7.621   1.00 18.54 ? 18  GLU X O   1 
ATOM   140  C  CB  . GLU A 1 18  ? -10.065 -6.442  7.781   1.00 18.97 ? 18  GLU X CB  1 
ATOM   141  C  CG  . GLU A 1 18  ? -9.052  -7.060  6.793   1.00 20.70 ? 18  GLU X CG  1 
ATOM   142  C  CD  . GLU A 1 18  ? -8.876  -8.579  6.940   1.00 23.35 ? 18  GLU X CD  1 
ATOM   143  O  OE1 . GLU A 1 18  ? -9.385  -9.182  7.915   1.00 28.32 ? 18  GLU X OE1 1 
ATOM   144  O  OE2 . GLU A 1 18  ? -8.200  -9.164  6.081   1.00 26.88 ? 18  GLU X OE2 1 
ATOM   145  N  N   . ALA A 1 19  ? -11.455 -3.830  9.441   1.00 16.94 ? 19  ALA X N   1 
ATOM   146  C  CA  . ALA A 1 19  ? -12.699 -3.341  10.069  1.00 17.25 ? 19  ALA X CA  1 
ATOM   147  C  C   . ALA A 1 19  ? -13.232 -2.136  9.282   1.00 16.48 ? 19  ALA X C   1 
ATOM   148  O  O   . ALA A 1 19  ? -14.428 -1.828  9.343   1.00 17.15 ? 19  ALA X O   1 
ATOM   149  C  CB  . ALA A 1 19  ? -12.481 -2.990  11.574  1.00 16.14 ? 19  ALA X CB  1 
ATOM   150  N  N   . ASP A 1 20  ? -12.331 -1.447  8.574   1.00 16.09 ? 20  ASP X N   1 
ATOM   151  C  CA  . ASP A 1 20  ? -12.692 -0.319  7.720   1.00 16.10 ? 20  ASP X CA  1 
ATOM   152  C  C   . ASP A 1 20  ? -11.706 -0.217  6.568   1.00 16.07 ? 20  ASP X C   1 
ATOM   153  O  O   . ASP A 1 20  ? -10.850 0.659   6.530   1.00 14.97 ? 20  ASP X O   1 
ATOM   154  C  CB  . ASP A 1 20  ? -12.813 1.002   8.506   1.00 16.57 ? 20  ASP X CB  1 
ATOM   155  C  CG  . ASP A 1 20  ? -13.236 2.195   7.626   1.00 18.74 ? 20  ASP X CG  1 
ATOM   156  O  OD1 . ASP A 1 20  ? -13.765 2.004   6.474   1.00 20.42 ? 20  ASP X OD1 1 
ATOM   157  O  OD2 . ASP A 1 20  ? -12.982 3.335   8.075   1.00 20.47 ? 20  ASP X OD2 1 
ATOM   158  N  N   . ILE A 1 21  ? -11.885 -1.100  5.588   1.00 17.79 ? 21  ILE X N   1 
ATOM   159  C  CA  . ILE A 1 21  ? -10.925 -1.152  4.486   1.00 18.87 ? 21  ILE X CA  1 
ATOM   160  C  C   . ILE A 1 21  ? -10.982 0.099   3.567   1.00 18.68 ? 21  ILE X C   1 
ATOM   161  O  O   . ILE A 1 21  ? -9.940  0.642   3.199   1.00 17.20 ? 21  ILE X O   1 
ATOM   162  C  CB  . ILE A 1 21  ? -10.912 -2.532  3.797   1.00 20.16 ? 21  ILE X CB  1 
ATOM   163  C  CG1 . ILE A 1 21  ? -9.663  -2.660  2.910   1.00 23.82 ? 21  ILE X CG1 1 
ATOM   164  C  CG2 . ILE A 1 21  ? -12.198 -2.783  3.036   1.00 21.12 ? 21  ILE X CG2 1 
ATOM   165  C  CD1 . ILE A 1 21  ? -9.145  -4.125  2.796   1.00 28.56 ? 21  ILE X CD1 1 
ATOM   166  N  N   . ALA A 1 22  ? -12.197 0.546   3.203   1.00 18.30 ? 22  ALA X N   1 
ATOM   167  C  CA  . ALA A 1 22  ? -12.355 1.759   2.397   1.00 19.79 ? 22  ALA X CA  1 
ATOM   168  C  C   . ALA A 1 22  ? -11.799 3.016   3.067   1.00 19.10 ? 22  ALA X C   1 
ATOM   169  O  O   . ALA A 1 22  ? -11.157 3.817   2.402   1.00 19.91 ? 22  ALA X O   1 
ATOM   170  C  CB  . ALA A 1 22  ? -13.800 1.971   1.993   1.00 19.71 ? 22  ALA X CB  1 
ATOM   171  N  N   . GLY A 1 23  ? -12.051 3.171   4.365   1.00 18.95 ? 23  GLY X N   1 
ATOM   172  C  CA  . GLY A 1 23  ? -11.601 4.337   5.154   1.00 17.23 ? 23  GLY X CA  1 
ATOM   173  C  C   . GLY A 1 23  ? -10.072 4.374   5.168   1.00 16.74 ? 23  GLY X C   1 
ATOM   174  O  O   . GLY A 1 23  ? -9.449  5.391   4.818   1.00 16.43 ? 23  GLY X O   1 
ATOM   175  N  N   . HIS A 1 24  ? -9.482  3.235   5.516   1.00 15.09 ? 24  HIS X N   1 
ATOM   176  C  CA  . HIS A 1 24  ? -8.019  3.055   5.484   1.00 14.50 ? 24  HIS X CA  1 
ATOM   177  C  C   . HIS A 1 24  ? -7.428  3.295   4.087   1.00 14.35 ? 24  HIS X C   1 
ATOM   178  O  O   . HIS A 1 24  ? -6.431  4.034   3.944   1.00 12.19 ? 24  HIS X O   1 
ATOM   179  C  CB  . HIS A 1 24  ? -7.593  1.657   6.043   1.00 14.29 ? 24  HIS X CB  1 
ATOM   180  C  CG  . HIS A 1 24  ? -7.644  1.558   7.549   1.00 16.66 ? 24  HIS X CG  1 
ATOM   181  N  ND1 . HIS A 1 24  ? -8.817  1.373   8.247   1.00 16.79 ? 24  HIS X ND1 1 
ATOM   182  C  CD2 . HIS A 1 24  ? -6.657  1.601   8.484   1.00 13.07 ? 24  HIS X CD2 1 
ATOM   183  C  CE1 . HIS A 1 24  ? -8.569  1.350   9.541   1.00 12.59 ? 24  HIS X CE1 1 
ATOM   184  N  NE2 . HIS A 1 24  ? -7.263  1.499   9.711   1.00 17.06 ? 24  HIS X NE2 1 
ATOM   185  N  N   . GLY A 1 25  ? -8.078  2.716   3.063   1.00 13.64 ? 25  GLY X N   1 
ATOM   186  C  CA  . GLY A 1 25  ? -7.581  2.816   1.690   1.00 15.72 ? 25  GLY X CA  1 
ATOM   187  C  C   . GLY A 1 25  ? -7.638  4.243   1.204   1.00 15.03 ? 25  GLY X C   1 
ATOM   188  O  O   . GLY A 1 25  ? -6.697  4.750   0.617   1.00 14.16 ? 25  GLY X O   1 
ATOM   189  N  N   . GLN A 1 26  ? -8.768  4.896   1.450   1.00 16.91 ? 26  GLN X N   1 
ATOM   190  C  CA  . GLN A 1 26  ? -8.875  6.322   1.085   1.00 17.46 ? 26  GLN X CA  1 
ATOM   191  C  C   . GLN A 1 26  ? -7.771  7.207   1.730   1.00 17.26 ? 26  GLN X C   1 
ATOM   192  O  O   . GLN A 1 26  ? -7.104  7.960   1.018   1.00 16.78 ? 26  GLN X O   1 
ATOM   193  C  CB  . GLN A 1 26  ? -10.267 6.837   1.417   1.00 18.46 ? 26  GLN X CB  1 
ATOM   194  C  CG  . GLN A 1 26  ? -10.412 8.347   1.266   1.00 21.19 ? 26  GLN X CG  1 
ATOM   195  C  CD  . GLN A 1 26  ? -11.389 8.924   2.265   1.00 25.08 ? 26  GLN X CD  1 
ATOM   196  O  OE1 . GLN A 1 26  ? -12.447 9.380   1.887   1.00 30.45 ? 26  GLN X OE1 1 
ATOM   197  N  NE2 . GLN A 1 26  ? -11.029 8.918   3.546   1.00 29.01 ? 26  GLN X NE2 1 
ATOM   198  N  N   . GLU A 1 27  ? -7.594  7.093   3.055   1.00 17.32 ? 27  GLU X N   1 
ATOM   199  C  CA  . GLU A 1 27  ? -6.572  7.866   3.809   1.00 18.60 ? 27  GLU X CA  1 
ATOM   200  C  C   . GLU A 1 27  ? -5.139  7.589   3.319   1.00 16.49 ? 27  GLU X C   1 
ATOM   201  O  O   . GLU A 1 27  ? -4.326  8.529   3.195   1.00 16.03 ? 27  GLU X O   1 
ATOM   202  C  CB  . GLU A 1 27  ? -6.672  7.631   5.312   1.00 18.47 ? 27  GLU X CB  1 
ATOM   203  C  CG  . GLU A 1 27  ? -7.931  8.302   5.977   1.00 22.25 ? 27  GLU X CG  1 
ATOM   204  C  CD  . GLU A 1 27  ? -7.895  8.324   7.536   1.00 22.85 ? 27  GLU X CD  1 
ATOM   205  O  OE1 . GLU A 1 27  ? -6.829  8.599   8.145   1.00 25.97 ? 27  GLU X OE1 1 
ATOM   206  O  OE2 . GLU A 1 27  ? -8.973  8.122   8.155   1.00 28.98 ? 27  GLU X OE2 1 
ATOM   207  N  N   . VAL A 1 28  ? -4.840  6.313   3.056   1.00 15.41 ? 28  VAL X N   1 
ATOM   208  C  CA  . VAL A 1 28  ? -3.546  5.925   2.410   1.00 14.11 ? 28  VAL X CA  1 
ATOM   209  C  C   . VAL A 1 28  ? -3.328  6.732   1.124   1.00 14.19 ? 28  VAL X C   1 
ATOM   210  O  O   . VAL A 1 28  ? -2.286  7.398   0.963   1.00 13.74 ? 28  VAL X O   1 
ATOM   211  C  CB  . VAL A 1 28  ? -3.391  4.363   2.242   1.00 14.65 ? 28  VAL X CB  1 
ATOM   212  C  CG1 . VAL A 1 28  ? -2.224  3.974   1.245   1.00 14.23 ? 28  VAL X CG1 1 
ATOM   213  C  CG2 . VAL A 1 28  ? -3.223  3.686   3.623   1.00 14.11 ? 28  VAL X CG2 1 
ATOM   214  N  N   . LEU A 1 29  ? -4.306  6.694   0.200   1.00 14.22 ? 29  LEU X N   1 
ATOM   215  C  CA  . LEU A 1 29  ? -4.117  7.332   -1.080  1.00 15.03 ? 29  LEU X CA  1 
ATOM   216  C  C   . LEU A 1 29  ? -4.034  8.851   -0.931  1.00 15.26 ? 29  LEU X C   1 
ATOM   217  O  O   . LEU A 1 29  ? -3.246  9.499   -1.633  1.00 16.05 ? 29  LEU X O   1 
ATOM   218  C  CB  . LEU A 1 29  ? -5.211  6.932   -2.089  1.00 13.51 ? 29  LEU X CB  1 
ATOM   219  C  CG  . LEU A 1 29  ? -5.259  5.448   -2.546  1.00 15.54 ? 29  LEU X CG  1 
ATOM   220  C  CD1 . LEU A 1 29  ? -6.558  5.157   -3.263  1.00 14.47 ? 29  LEU X CD1 1 
ATOM   221  C  CD2 . LEU A 1 29  ? -4.054  5.134   -3.433  1.00 15.66 ? 29  LEU X CD2 1 
ATOM   222  N  N   . ILE A 1 30  ? -4.861  9.410   -0.041  1.00 15.74 ? 30  ILE X N   1 
ATOM   223  C  CA  . ILE A 1 30  ? -4.848  10.857  0.185   1.00 17.16 ? 30  ILE X CA  1 
ATOM   224  C  C   . ILE A 1 30  ? -3.492  11.304  0.735   1.00 16.91 ? 30  ILE X C   1 
ATOM   225  O  O   . ILE A 1 30  ? -2.915  12.302  0.243   1.00 16.66 ? 30  ILE X O   1 
ATOM   226  C  CB  . ILE A 1 30  ? -6.063  11.372  1.050   1.00 17.02 ? 30  ILE X CB  1 
ATOM   227  C  CG1 . ILE A 1 30  ? -7.330  11.420  0.170   1.00 16.67 ? 30  ILE X CG1 1 
ATOM   228  C  CG2 . ILE A 1 30  ? -5.770  12.776  1.584   1.00 19.31 ? 30  ILE X CG2 1 
ATOM   229  C  CD1 . ILE A 1 30  ? -8.666  11.662  0.958   1.00 17.59 ? 30  ILE X CD1 1 
ATOM   230  N  N   . ARG A 1 31  ? -2.985  10.536  1.693   1.00 17.25 ? 31  ARG X N   1 
ATOM   231  C  CA  . ARG A 1 31  ? -1.650  10.759  2.265   1.00 17.66 ? 31  ARG X CA  1 
ATOM   232  C  C   . ARG A 1 31  ? -0.592  10.715  1.139   1.00 17.89 ? 31  ARG X C   1 
ATOM   233  O  O   . ARG A 1 31  ? 0.285   11.564  1.075   1.00 17.72 ? 31  ARG X O   1 
ATOM   234  C  CB  . ARG A 1 31  ? -1.376  9.747   3.394   1.00 16.97 ? 31  ARG X CB  1 
ATOM   235  C  CG  . ARG A 1 31  ? 0.024   9.816   4.059   1.00 19.29 ? 31  ARG X CG  1 
ATOM   236  C  CD  . ARG A 1 31  ? 0.196   11.110  4.855   1.00 21.14 ? 31  ARG X CD  1 
ATOM   237  N  NE  . ARG A 1 31  ? 1.550   11.232  5.392   1.00 26.18 ? 31  ARG X NE  1 
ATOM   238  C  CZ  . ARG A 1 31  ? 1.953   12.183  6.229   1.00 25.49 ? 31  ARG X CZ  1 
ATOM   239  N  NH1 . ARG A 1 31  ? 1.113   13.113  6.622   1.00 24.18 ? 31  ARG X NH1 1 
ATOM   240  N  NH2 . ARG A 1 31  ? 3.209   12.202  6.655   1.00 27.59 ? 31  ARG X NH2 1 
ATOM   241  N  N   . LEU A 1 32  ? -0.678  9.722   0.250   1.00 17.82 ? 32  LEU X N   1 
ATOM   242  C  CA  . LEU A 1 32  ? 0.269   9.631   -0.888  1.00 18.02 ? 32  LEU X CA  1 
ATOM   243  C  C   . LEU A 1 32  ? 0.199   10.863  -1.857  1.00 18.52 ? 32  LEU X C   1 
ATOM   244  O  O   . LEU A 1 32  ? 1.229   11.464  -2.253  1.00 17.38 ? 32  LEU X O   1 
ATOM   245  C  CB  . LEU A 1 32  ? -0.072  8.374   -1.688  1.00 16.93 ? 32  LEU X CB  1 
ATOM   246  C  CG  . LEU A 1 32  ? 0.788   7.966   -2.885  1.00 16.58 ? 32  LEU X CG  1 
ATOM   247  C  CD1 . LEU A 1 32  ? 2.194   7.598   -2.379  1.00 13.77 ? 32  LEU X CD1 1 
ATOM   248  C  CD2 . LEU A 1 32  ? 0.098   6.758   -3.570  1.00 19.38 ? 32  LEU X CD2 1 
ATOM   249  N  N   . PHE A 1 33  ? -1.028  11.202  -2.260  1.00 19.42 ? 33  PHE X N   1 
ATOM   250  C  CA  . PHE A 1 33  ? -1.268  12.241  -3.274  1.00 20.16 ? 33  PHE X CA  1 
ATOM   251  C  C   . PHE A 1 33  ? -0.866  13.615  -2.750  1.00 21.57 ? 33  PHE X C   1 
ATOM   252  O  O   . PHE A 1 33  ? -0.343  14.431  -3.505  1.00 21.70 ? 33  PHE X O   1 
ATOM   253  C  CB  . PHE A 1 33  ? -2.750  12.276  -3.740  1.00 18.73 ? 33  PHE X CB  1 
ATOM   254  C  CG  . PHE A 1 33  ? -3.208  11.046  -4.509  1.00 19.14 ? 33  PHE X CG  1 
ATOM   255  C  CD1 . PHE A 1 33  ? -2.300  10.190  -5.117  1.00 16.29 ? 33  PHE X CD1 1 
ATOM   256  C  CD2 . PHE A 1 33  ? -4.573  10.751  -4.596  1.00 18.58 ? 33  PHE X CD2 1 
ATOM   257  C  CE1 . PHE A 1 33  ? -2.721  9.081   -5.829  1.00 17.52 ? 33  PHE X CE1 1 
ATOM   258  C  CE2 . PHE A 1 33  ? -5.029  9.652   -5.292  1.00 19.62 ? 33  PHE X CE2 1 
ATOM   259  C  CZ  . PHE A 1 33  ? -4.099  8.792   -5.929  1.00 19.91 ? 33  PHE X CZ  1 
ATOM   260  N  N   . THR A 1 34  ? -1.126  13.867  -1.471  1.00 22.34 ? 34  THR X N   1 
ATOM   261  C  CA  . THR A 1 34  ? -0.852  15.189  -0.883  1.00 23.33 ? 34  THR X CA  1 
ATOM   262  C  C   . THR A 1 34  ? 0.636   15.382  -0.539  1.00 24.25 ? 34  THR X C   1 
ATOM   263  O  O   . THR A 1 34  ? 1.186   16.459  -0.787  1.00 22.96 ? 34  THR X O   1 
ATOM   264  C  CB  . THR A 1 34  ? -1.793  15.553  0.338   1.00 23.29 ? 34  THR X CB  1 
ATOM   265  O  OG1 . THR A 1 34  ? -1.530  14.692  1.463   1.00 22.21 ? 34  THR X OG1 1 
ATOM   266  C  CG2 . THR A 1 34  ? -3.267  15.442  -0.099  1.00 22.70 ? 34  THR X CG2 1 
ATOM   267  N  N   . GLY A 1 35  ? 1.297   14.325  -0.058  1.00 24.19 ? 35  GLY X N   1 
ATOM   268  C  CA  . GLY A 1 35  ? 2.751   14.412  0.202   1.00 24.10 ? 35  GLY X CA  1 
ATOM   269  C  C   . GLY A 1 35  ? 3.607   14.299  -1.052  1.00 23.42 ? 35  GLY X C   1 
ATOM   270  O  O   . GLY A 1 35  ? 4.755   14.771  -1.071  1.00 22.86 ? 35  GLY X O   1 
ATOM   271  N  N   . HIS A 1 36  ? 3.052   13.660  -2.099  1.00 22.63 ? 36  HIS X N   1 
ATOM   272  C  CA  . HIS A 1 36  ? 3.744   13.444  -3.373  1.00 21.19 ? 36  HIS X CA  1 
ATOM   273  C  C   . HIS A 1 36  ? 2.819   13.637  -4.597  1.00 20.69 ? 36  HIS X C   1 
ATOM   274  O  O   . HIS A 1 36  ? 2.374   12.680  -5.180  1.00 19.69 ? 36  HIS X O   1 
ATOM   275  C  CB  . HIS A 1 36  ? 4.396   12.052  -3.382  1.00 20.84 ? 36  HIS X CB  1 
ATOM   276  C  CG  . HIS A 1 36  ? 5.085   11.701  -2.090  1.00 21.11 ? 36  HIS X CG  1 
ATOM   277  N  ND1 . HIS A 1 36  ? 6.406   12.007  -1.841  1.00 23.16 ? 36  HIS X ND1 1 
ATOM   278  C  CD2 . HIS A 1 36  ? 4.621   11.102  -0.971  1.00 21.95 ? 36  HIS X CD2 1 
ATOM   279  C  CE1 . HIS A 1 36  ? 6.732   11.592  -0.632  1.00 22.37 ? 36  HIS X CE1 1 
ATOM   280  N  NE2 . HIS A 1 36  ? 5.662   11.046  -0.078  1.00 24.34 ? 36  HIS X NE2 1 
ATOM   281  N  N   . PRO A 1 37  ? 2.558   14.894  -5.005  1.00 20.14 ? 37  PRO X N   1 
ATOM   282  C  CA  . PRO A 1 37  ? 1.589   15.161  -6.069  1.00 20.17 ? 37  PRO X CA  1 
ATOM   283  C  C   . PRO A 1 37  ? 1.964   14.620  -7.421  1.00 20.68 ? 37  PRO X C   1 
ATOM   284  O  O   . PRO A 1 37  ? 1.059   14.421  -8.278  1.00 20.92 ? 37  PRO X O   1 
ATOM   285  C  CB  . PRO A 1 37  ? 1.483   16.700  -6.088  1.00 19.39 ? 37  PRO X CB  1 
ATOM   286  C  CG  . PRO A 1 37  ? 1.962   17.126  -4.731  1.00 19.04 ? 37  PRO X CG  1 
ATOM   287  C  CD  . PRO A 1 37  ? 3.084   16.136  -4.431  1.00 19.75 ? 37  PRO X CD  1 
ATOM   288  N  N   . GLU A 1 38  ? 3.255   14.318  -7.630  1.00 20.16 ? 38  GLU X N   1 
ATOM   289  C  CA  . GLU A 1 38  ? 3.630   13.629  -8.852  1.00 20.41 ? 38  GLU X CA  1 
ATOM   290  C  C   . GLU A 1 38  ? 2.898   12.302  -8.985  1.00 21.99 ? 38  GLU X C   1 
ATOM   291  O  O   . GLU A 1 38  ? 2.555   11.889  -10.134 1.00 22.33 ? 38  GLU X O   1 
ATOM   292  C  CB  . GLU A 1 38  ? 5.147   13.442  -8.999  1.00 20.81 ? 38  GLU X CB  1 
ATOM   293  C  CG  . GLU A 1 38  ? 5.785   12.436  -8.046  1.00 21.23 ? 38  GLU X CG  1 
ATOM   294  C  CD  . GLU A 1 38  ? 6.176   13.074  -6.717  1.00 26.27 ? 38  GLU X CD  1 
ATOM   295  O  OE1 . GLU A 1 38  ? 5.470   14.018  -6.228  1.00 25.78 ? 38  GLU X OE1 1 
ATOM   296  O  OE2 . GLU A 1 38  ? 7.195   12.616  -6.148  1.00 23.78 ? 38  GLU X OE2 1 
ATOM   297  N  N   . THR A 1 39  ? 2.601   11.673  -7.833  1.00 20.81 ? 39  THR X N   1 
ATOM   298  C  CA  . THR A 1 39  ? 1.929   10.368  -7.830  1.00 21.60 ? 39  THR X CA  1 
ATOM   299  C  C   . THR A 1 39  ? 0.506   10.459  -8.416  1.00 21.00 ? 39  THR X C   1 
ATOM   300  O  O   . THR A 1 39  ? 0.067   9.553   -9.134  1.00 19.77 ? 39  THR X O   1 
ATOM   301  C  CB  . THR A 1 39  ? 1.987   9.652   -6.446  1.00 21.19 ? 39  THR X CB  1 
ATOM   302  O  OG1 . THR A 1 39  ? 1.293   10.413  -5.445  1.00 20.56 ? 39  THR X OG1 1 
ATOM   303  C  CG2 . THR A 1 39  ? 3.474   9.439   -5.983  1.00 22.82 ? 39  THR X CG2 1 
ATOM   304  N  N   . LEU A 1 40  ? -0.186  11.569  -8.130  1.00 21.15 ? 40  LEU X N   1 
ATOM   305  C  CA  . LEU A 1 40  ? -1.527  11.812  -8.677  1.00 21.37 ? 40  LEU X CA  1 
ATOM   306  C  C   . LEU A 1 40  ? -1.515  11.728  -10.210 1.00 20.37 ? 40  LEU X C   1 
ATOM   307  O  O   . LEU A 1 40  ? -2.501  11.305  -10.844 1.00 18.72 ? 40  LEU X O   1 
ATOM   308  C  CB  . LEU A 1 40  ? -2.085  13.172  -8.213  1.00 21.83 ? 40  LEU X CB  1 
ATOM   309  C  CG  . LEU A 1 40  ? -3.586  13.484  -8.387  1.00 22.21 ? 40  LEU X CG  1 
ATOM   310  C  CD1 . LEU A 1 40  ? -4.468  12.506  -7.565  1.00 23.09 ? 40  LEU X CD1 1 
ATOM   311  C  CD2 . LEU A 1 40  ? -3.866  14.916  -7.943  1.00 22.56 ? 40  LEU X CD2 1 
ATOM   312  N  N   . GLU A 1 41  ? -0.399  12.148  -10.802 1.00 20.05 ? 41  GLU X N   1 
ATOM   313  C  CA  . GLU A 1 41  ? -0.343  12.258  -12.248 1.00 22.14 ? 41  GLU X CA  1 
ATOM   314  C  C   . GLU A 1 41  ? -0.375  10.888  -12.911 1.00 22.19 ? 41  GLU X C   1 
ATOM   315  O  O   . GLU A 1 41  ? -0.801  10.780  -14.055 1.00 22.29 ? 41  GLU X O   1 
ATOM   316  C  CB  . GLU A 1 41  ? 0.864   13.104  -12.721 1.00 22.39 ? 41  GLU X CB  1 
ATOM   317  C  CG  . GLU A 1 41  ? 0.733   14.597  -12.367 1.00 25.89 ? 41  GLU X CG  1 
ATOM   318  C  CD  . GLU A 1 41  ? -0.615  15.228  -12.812 1.00 28.91 ? 41  GLU X CD  1 
ATOM   319  O  OE1 . GLU A 1 41  ? -0.982  15.095  -14.014 1.00 26.60 ? 41  GLU X OE1 1 
ATOM   320  O  OE2 . GLU A 1 41  ? -1.292  15.856  -11.950 1.00 31.47 ? 41  GLU X OE2 1 
ATOM   321  N  N   . LYS A 1 42  ? 0.013   9.846   -12.171 1.00 22.61 ? 42  LYS X N   1 
ATOM   322  C  CA  . LYS A 1 42  ? -0.099  8.469   -12.685 1.00 23.34 ? 42  LYS X CA  1 
ATOM   323  C  C   . LYS A 1 42  ? -1.547  7.970   -12.876 1.00 23.59 ? 42  LYS X C   1 
ATOM   324  O  O   . LYS A 1 42  ? -1.760  6.962   -13.565 1.00 23.49 ? 42  LYS X O   1 
ATOM   325  C  CB  . LYS A 1 42  ? 0.714   7.487   -11.830 1.00 23.30 ? 42  LYS X CB  1 
ATOM   326  C  CG  . LYS A 1 42  ? 2.184   7.737   -11.889 1.00 24.05 ? 42  LYS X CG  1 
ATOM   327  C  CD  . LYS A 1 42  ? 2.761   7.404   -13.259 1.00 20.22 ? 42  LYS X CD  1 
ATOM   328  C  CE  . LYS A 1 42  ? 4.243   7.829   -13.380 1.00 21.80 ? 42  LYS X CE  1 
ATOM   329  N  NZ  . LYS A 1 42  ? 4.855   7.272   -14.658 1.00 20.69 ? 42  LYS X NZ  1 
ATOM   330  N  N   . PHE A 1 43  ? -2.526  8.696   -12.301 1.00 23.12 ? 43  PHE X N   1 
ATOM   331  C  CA  . PHE A 1 43  ? -3.935  8.324   -12.348 1.00 23.69 ? 43  PHE X CA  1 
ATOM   332  C  C   . PHE A 1 43  ? -4.755  9.355   -13.135 1.00 25.90 ? 43  PHE X C   1 
ATOM   333  O  O   . PHE A 1 43  ? -5.114  10.410  -12.583 1.00 26.15 ? 43  PHE X O   1 
ATOM   334  C  CB  . PHE A 1 43  ? -4.572  8.267   -10.924 1.00 22.85 ? 43  PHE X CB  1 
ATOM   335  C  CG  . PHE A 1 43  ? -3.988  7.239   -9.986  1.00 20.54 ? 43  PHE X CG  1 
ATOM   336  C  CD1 . PHE A 1 43  ? -2.880  7.548   -9.189  1.00 17.55 ? 43  PHE X CD1 1 
ATOM   337  C  CD2 . PHE A 1 43  ? -4.609  5.979   -9.818  1.00 19.73 ? 43  PHE X CD2 1 
ATOM   338  C  CE1 . PHE A 1 43  ? -2.339  6.615   -8.273  1.00 20.98 ? 43  PHE X CE1 1 
ATOM   339  C  CE2 . PHE A 1 43  ? -4.068  5.035   -8.910  1.00 19.43 ? 43  PHE X CE2 1 
ATOM   340  C  CZ  . PHE A 1 43  ? -2.921  5.363   -8.132  1.00 18.80 ? 43  PHE X CZ  1 
ATOM   341  N  N   . ASP A 1 44  ? -5.089  9.047   -14.388 1.00 27.82 ? 44  ASP X N   1 
ATOM   342  C  CA  . ASP A 1 44  ? -6.039  9.869   -15.131 1.00 30.59 ? 44  ASP X CA  1 
ATOM   343  C  C   . ASP A 1 44  ? -7.372  9.911   -14.424 1.00 30.22 ? 44  ASP X C   1 
ATOM   344  O  O   . ASP A 1 44  ? -8.101  10.865  -14.568 1.00 31.70 ? 44  ASP X O   1 
ATOM   345  C  CB  . ASP A 1 44  ? -6.256  9.361   -16.558 1.00 31.42 ? 44  ASP X CB  1 
ATOM   346  C  CG  . ASP A 1 44  ? -4.968  9.227   -17.333 1.00 35.28 ? 44  ASP X CG  1 
ATOM   347  O  OD1 . ASP A 1 44  ? -4.092  10.127  -17.256 1.00 36.75 ? 44  ASP X OD1 1 
ATOM   348  O  OD2 . ASP A 1 44  ? -4.848  8.188   -18.029 1.00 40.39 ? 44  ASP X OD2 1 
ATOM   349  N  N   . LYS A 1 45  ? -7.692  8.904   -13.620 1.00 29.97 ? 45  LYS X N   1 
ATOM   350  C  CA  . LYS A 1 45  ? -8.966  8.975   -12.923 1.00 29.09 ? 45  LYS X CA  1 
ATOM   351  C  C   . LYS A 1 45  ? -8.963  9.859   -11.649 1.00 27.72 ? 45  LYS X C   1 
ATOM   352  O  O   . LYS A 1 45  ? -10.017 10.148  -11.084 1.00 28.10 ? 45  LYS X O   1 
ATOM   353  C  CB  . LYS A 1 45  ? -9.597  7.589   -12.725 1.00 29.83 ? 45  LYS X CB  1 
ATOM   354  C  CG  . LYS A 1 45  ? -9.019  6.680   -11.669 1.00 29.74 ? 45  LYS X CG  1 
ATOM   355  C  CD  . LYS A 1 45  ? -9.670  5.277   -11.766 1.00 29.45 ? 45  LYS X CD  1 
ATOM   356  C  CE  . LYS A 1 45  ? -9.368  4.476   -10.511 1.00 32.89 ? 45  LYS X CE  1 
ATOM   357  N  NZ  . LYS A 1 45  ? -9.376  2.974   -10.543 1.00 33.29 ? 45  LYS X NZ  1 
ATOM   358  N  N   . PHE A 1 46  ? -7.796  10.301  -11.216 1.00 25.64 ? 46  PHE X N   1 
ATOM   359  C  CA  . PHE A 1 46  ? -7.731  11.144  -10.011 1.00 25.15 ? 46  PHE X CA  1 
ATOM   360  C  C   . PHE A 1 46  ? -7.094  12.515  -10.216 1.00 24.59 ? 46  PHE X C   1 
ATOM   361  O  O   . PHE A 1 46  ? -7.049  13.346  -9.291  1.00 22.07 ? 46  PHE X O   1 
ATOM   362  C  CB  . PHE A 1 46  ? -7.061  10.391  -8.850  1.00 23.97 ? 46  PHE X CB  1 
ATOM   363  C  CG  . PHE A 1 46  ? -7.770  9.121   -8.470  1.00 23.90 ? 46  PHE X CG  1 
ATOM   364  C  CD1 . PHE A 1 46  ? -9.157  9.099   -8.348  1.00 24.72 ? 46  PHE X CD1 1 
ATOM   365  C  CD2 . PHE A 1 46  ? -7.042  7.943   -8.242  1.00 20.80 ? 46  PHE X CD2 1 
ATOM   366  C  CE1 . PHE A 1 46  ? -9.836  7.931   -7.984  1.00 23.82 ? 46  PHE X CE1 1 
ATOM   367  C  CE2 . PHE A 1 46  ? -7.690  6.777   -7.871  1.00 24.32 ? 46  PHE X CE2 1 
ATOM   368  C  CZ  . PHE A 1 46  ? -9.095  6.762   -7.743  1.00 25.86 ? 46  PHE X CZ  1 
ATOM   369  N  N   . LYS A 1 47  ? -6.590  12.723  -11.422 1.00 25.78 ? 47  LYS X N   1 
ATOM   370  C  CA  . LYS A 1 47  ? -5.832  13.931  -11.732 1.00 28.47 ? 47  LYS X CA  1 
ATOM   371  C  C   . LYS A 1 47  ? -6.733  15.176  -11.703 1.00 30.34 ? 47  LYS X C   1 
ATOM   372  O  O   . LYS A 1 47  ? -6.247  16.285  -11.465 1.00 31.97 ? 47  LYS X O   1 
ATOM   373  C  CB  . LYS A 1 47  ? -5.066  13.785  -13.061 0.50 27.84 ? 47  LYS X CB  1 
ATOM   374  C  CG  . LYS A 1 47  ? -5.932  13.728  -14.315 0.50 27.03 ? 47  LYS X CG  1 
ATOM   375  C  CD  . LYS A 1 47  ? -5.062  13.478  -15.534 0.50 27.66 ? 47  LYS X CD  1 
ATOM   376  C  CE  . LYS A 1 47  ? -5.917  13.304  -16.797 0.50 26.25 ? 47  LYS X CE  1 
ATOM   377  N  NZ  . LYS A 1 47  ? -6.520  14.603  -17.266 0.50 25.42 ? 47  LYS X NZ  1 
ATOM   378  N  N   . HIS A 1 48  ? -8.037  14.986  -11.896 1.00 32.42 ? 48  HIS X N   1 
ATOM   379  C  CA  . HIS A 1 48  ? -9.019  16.080  -11.788 1.00 34.77 ? 48  HIS X CA  1 
ATOM   380  C  C   . HIS A 1 48  ? -9.240  16.493  -10.356 1.00 34.95 ? 48  HIS X C   1 
ATOM   381  O  O   . HIS A 1 48  ? -9.915  17.477  -10.132 1.00 36.18 ? 48  HIS X O   1 
ATOM   382  C  CB  . HIS A 1 48  ? -10.390 15.628  -12.279 1.00 35.39 ? 48  HIS X CB  1 
ATOM   383  C  CG  . HIS A 1 48  ? -11.041 14.625  -11.364 1.00 36.45 ? 48  HIS X CG  1 
ATOM   384  N  ND1 . HIS A 1 48  ? -12.012 14.968  -10.443 1.00 37.40 ? 48  HIS X ND1 1 
ATOM   385  C  CD2 . HIS A 1 48  ? -10.810 13.303  -11.191 1.00 37.19 ? 48  HIS X CD2 1 
ATOM   386  C  CE1 . HIS A 1 48  ? -12.371 13.894  -9.764  1.00 38.76 ? 48  HIS X CE1 1 
ATOM   387  N  NE2 . HIS A 1 48  ? -11.660 12.867  -10.201 1.00 39.59 ? 48  HIS X NE2 1 
ATOM   388  N  N   . LEU A 1 49  ? -8.760  15.700  -9.393  1.00 35.28 ? 49  LEU X N   1 
ATOM   389  C  CA  . LEU A 1 49  ? -8.930  16.014  -7.981  1.00 35.14 ? 49  LEU X CA  1 
ATOM   390  C  C   . LEU A 1 49  ? -7.967  17.116  -7.609  1.00 35.51 ? 49  LEU X C   1 
ATOM   391  O  O   . LEU A 1 49  ? -6.811  16.872  -7.261  1.00 36.33 ? 49  LEU X O   1 
ATOM   392  C  CB  . LEU A 1 49  ? -8.768  14.778  -7.074  1.00 35.14 ? 49  LEU X CB  1 
ATOM   393  C  CG  . LEU A 1 49  ? -9.858  13.684  -7.137  1.00 34.75 ? 49  LEU X CG  1 
ATOM   394  C  CD1 . LEU A 1 49  ? -9.445  12.408  -6.396  1.00 29.20 ? 49  LEU X CD1 1 
ATOM   395  C  CD2 . LEU A 1 49  ? -11.186 14.215  -6.593  1.00 35.53 ? 49  LEU X CD2 1 
ATOM   396  N  N   . LYS A 1 50  ? -8.458  18.346  -7.710  1.00 35.60 ? 50  LYS X N   1 
ATOM   397  C  CA  . LYS A 1 50  ? -7.647  19.539  -7.393  1.00 35.49 ? 50  LYS X CA  1 
ATOM   398  C  C   . LYS A 1 50  ? -7.347  19.799  -5.906  1.00 33.85 ? 50  LYS X C   1 
ATOM   399  O  O   . LYS A 1 50  ? -6.328  20.427  -5.594  1.00 33.86 ? 50  LYS X O   1 
ATOM   400  C  CB  . LYS A 1 50  ? -8.237  20.800  -8.063  1.00 35.63 ? 50  LYS X CB  1 
ATOM   401  C  CG  . LYS A 1 50  ? -7.900  20.880  -9.564  1.00 38.73 ? 50  LYS X CG  1 
ATOM   402  C  CD  . LYS A 1 50  ? -6.403  20.505  -9.831  1.00 40.60 ? 50  LYS X CD  1 
ATOM   403  C  CE  . LYS A 1 50  ? -6.054  20.429  -11.319 1.00 41.09 ? 50  LYS X CE  1 
ATOM   404  N  NZ  . LYS A 1 50  ? -7.264  20.193  -12.205 1.00 42.44 ? 50  LYS X NZ  1 
ATOM   405  N  N   . THR A 1 51  ? -8.217  19.340  -5.003  1.00 31.47 ? 51  THR X N   1 
ATOM   406  C  CA  . THR A 1 51  ? -8.053  19.615  -3.557  1.00 29.80 ? 51  THR X CA  1 
ATOM   407  C  C   . THR A 1 51  ? -8.173  18.356  -2.714  1.00 28.99 ? 51  THR X C   1 
ATOM   408  O  O   . THR A 1 51  ? -8.767  17.380  -3.147  1.00 28.20 ? 51  THR X O   1 
ATOM   409  C  CB  . THR A 1 51  ? -9.123  20.591  -3.011  1.00 29.06 ? 51  THR X CB  1 
ATOM   410  O  OG1 . THR A 1 51  ? -10.431 20.087  -3.323  1.00 28.94 ? 51  THR X OG1 1 
ATOM   411  C  CG2 . THR A 1 51  ? -8.985  21.959  -3.645  1.00 29.17 ? 51  THR X CG2 1 
ATOM   412  N  N   . GLU A 1 52  ? -7.631  18.408  -1.500  1.00 27.41 ? 52  GLU X N   1 
ATOM   413  C  CA  . GLU A 1 52  ? -7.911  17.403  -0.484  1.00 27.17 ? 52  GLU X CA  1 
ATOM   414  C  C   . GLU A 1 52  ? -9.415  17.235  -0.127  1.00 26.82 ? 52  GLU X C   1 
ATOM   415  O  O   . GLU A 1 52  ? -9.870  16.116  0.153   1.00 24.65 ? 52  GLU X O   1 
ATOM   416  C  CB  . GLU A 1 52  ? -7.095  17.688  0.777   1.00 26.28 ? 52  GLU X CB  1 
ATOM   417  C  CG  . GLU A 1 52  ? -7.433  16.721  1.859   1.00 29.12 ? 52  GLU X CG  1 
ATOM   418  C  CD  . GLU A 1 52  ? -6.419  16.642  2.945   1.00 32.59 ? 52  GLU X CD  1 
ATOM   419  O  OE1 . GLU A 1 52  ? -5.291  17.154  2.787   1.00 31.48 ? 52  GLU X OE1 1 
ATOM   420  O  OE2 . GLU A 1 52  ? -6.774  16.038  3.974   1.00 36.35 ? 52  GLU X OE2 1 
ATOM   421  N  N   . ALA A 1 53  ? -10.167 18.345  -0.104  1.00 26.57 ? 53  ALA X N   1 
ATOM   422  C  CA  . ALA A 1 53  ? -11.637 18.269  0.032   1.00 26.09 ? 53  ALA X CA  1 
ATOM   423  C  C   . ALA A 1 53  ? -12.224 17.439  -1.107  1.00 26.06 ? 53  ALA X C   1 
ATOM   424  O  O   . ALA A 1 53  ? -13.011 16.532  -0.858  1.00 26.23 ? 53  ALA X O   1 
ATOM   425  C  CB  . ALA A 1 53  ? -12.271 19.684  0.023   1.00 27.07 ? 53  ALA X CB  1 
ATOM   426  N  N   . GLU A 1 54  ? -11.837 17.733  -2.352  1.00 25.41 ? 54  GLU X N   1 
ATOM   427  C  CA  . GLU A 1 54  ? -12.307 16.948  -3.487  1.00 26.03 ? 54  GLU X CA  1 
ATOM   428  C  C   . GLU A 1 54  ? -11.905 15.481  -3.309  1.00 24.62 ? 54  GLU X C   1 
ATOM   429  O  O   . GLU A 1 54  ? -12.747 14.614  -3.480  1.00 25.01 ? 54  GLU X O   1 
ATOM   430  C  CB  . GLU A 1 54  ? -11.842 17.513  -4.838  1.00 25.87 ? 54  GLU X CB  1 
ATOM   431  C  CG  . GLU A 1 54  ? -12.672 18.737  -5.273  1.00 29.26 ? 54  GLU X CG  1 
ATOM   432  C  CD  . GLU A 1 54  ? -12.089 19.545  -6.406  1.00 30.20 ? 54  GLU X CD  1 
ATOM   433  O  OE1 . GLU A 1 54  ? -11.048 19.166  -6.998  1.00 35.57 ? 54  GLU X OE1 1 
ATOM   434  O  OE2 . GLU A 1 54  ? -12.711 20.578  -6.724  1.00 34.17 ? 54  GLU X OE2 1 
ATOM   435  N  N   . MET A 1 55  ? -10.654 15.213  -2.909  1.00 23.40 ? 55  MET X N   1 
ATOM   436  C  CA  . MET A 1 55  ? -10.172 13.812  -2.724  1.00 22.46 ? 55  MET X CA  1 
ATOM   437  C  C   . MET A 1 55  ? -11.008 13.050  -1.691  1.00 22.58 ? 55  MET X C   1 
ATOM   438  O  O   . MET A 1 55  ? -11.475 11.923  -1.914  1.00 22.82 ? 55  MET X O   1 
ATOM   439  C  CB  . MET A 1 55  ? -8.704  13.783  -2.285  1.00 21.96 ? 55  MET X CB  1 
ATOM   440  C  CG  . MET A 1 55  ? -7.701  14.355  -3.286  1.00 19.52 ? 55  MET X CG  1 
ATOM   441  S  SD  . MET A 1 55  ? -6.073  14.261  -2.498  1.00 22.13 ? 55  MET X SD  1 
ATOM   442  C  CE  . MET A 1 55  ? -5.112  15.255  -3.662  1.00 20.06 ? 55  MET X CE  1 
ATOM   443  N  N   . LYS A 1 56  ? -11.191 13.696  -0.555  1.00 23.46 ? 56  LYS X N   1 
ATOM   444  C  CA  . LYS A 1 56  ? -12.034 13.232  0.527   1.00 24.24 ? 56  LYS X CA  1 
ATOM   445  C  C   . LYS A 1 56  ? -13.476 12.871  0.107   1.00 23.56 ? 56  LYS X C   1 
ATOM   446  O  O   . LYS A 1 56  ? -14.049 11.868  0.572   1.00 23.78 ? 56  LYS X O   1 
ATOM   447  C  CB  . LYS A 1 56  ? -12.044 14.343  1.563   1.00 24.76 ? 56  LYS X CB  1 
ATOM   448  C  CG  . LYS A 1 56  ? -12.042 13.862  2.940   1.00 29.90 ? 56  LYS X CG  1 
ATOM   449  C  CD  . LYS A 1 56  ? -10.656 13.629  3.423   1.00 31.98 ? 56  LYS X CD  1 
ATOM   450  C  CE  . LYS A 1 56  ? -10.790 12.901  4.734   1.00 39.12 ? 56  LYS X CE  1 
ATOM   451  N  NZ  . LYS A 1 56  ? -12.019 12.021  4.783   1.00 39.04 ? 56  LYS X NZ  1 
ATOM   452  N  N   . ALA A 1 57  ? -14.049 13.686  -0.764  1.00 22.69 ? 57  ALA X N   1 
ATOM   453  C  CA  . ALA A 1 57  ? -15.400 13.508  -1.236  1.00 23.11 ? 57  ALA X CA  1 
ATOM   454  C  C   . ALA A 1 57  ? -15.525 12.541  -2.412  1.00 22.33 ? 57  ALA X C   1 
ATOM   455  O  O   . ALA A 1 57  ? -16.639 12.277  -2.847  1.00 23.05 ? 57  ALA X O   1 
ATOM   456  C  CB  . ALA A 1 57  ? -16.011 14.861  -1.600  1.00 23.96 ? 57  ALA X CB  1 
ATOM   457  N  N   . SER A 1 58  ? -14.408 12.024  -2.937  1.00 20.54 ? 58  SER X N   1 
ATOM   458  C  CA  . SER A 1 58  ? -14.462 11.118  -4.085  1.00 19.50 ? 58  SER X CA  1 
ATOM   459  C  C   . SER A 1 58  ? -14.731 9.676   -3.648  1.00 19.60 ? 58  SER X C   1 
ATOM   460  O  O   . SER A 1 58  ? -13.952 9.083   -2.878  1.00 19.46 ? 58  SER X O   1 
ATOM   461  C  CB  . SER A 1 58  ? -13.173 11.212  -4.898  1.00 19.92 ? 58  SER X CB  1 
ATOM   462  O  OG  . SER A 1 58  ? -13.165 10.265  -5.938  1.00 17.12 ? 58  SER X OG  1 
ATOM   463  N  N   . GLU A 1 59  ? -15.879 9.147   -4.081  1.00 19.17 ? 59  GLU X N   1 
ATOM   464  C  CA  . GLU A 1 59  ? -16.292 7.772   -3.768  1.00 19.16 ? 59  GLU X CA  1 
ATOM   465  C  C   . GLU A 1 59  ? -15.462 6.812   -4.648  1.00 18.63 ? 59  GLU X C   1 
ATOM   466  O  O   . GLU A 1 59  ? -15.208 5.662   -4.282  1.00 18.84 ? 59  GLU X O   1 
ATOM   467  C  CB  . GLU A 1 59  ? -17.794 7.574   -4.024  1.00 19.41 ? 59  GLU X CB  1 
ATOM   468  C  CG  . GLU A 1 59  ? -18.741 8.339   -3.028  1.00 22.34 ? 59  GLU X CG  1 
ATOM   469  C  CD  . GLU A 1 59  ? -18.294 8.220   -1.574  1.00 25.52 ? 59  GLU X CD  1 
ATOM   470  O  OE1 . GLU A 1 59  ? -18.126 7.092   -1.097  1.00 30.39 ? 59  GLU X OE1 1 
ATOM   471  O  OE2 . GLU A 1 59  ? -18.102 9.252   -0.890  1.00 29.62 ? 59  GLU X OE2 1 
ATOM   472  N  N   . ASP A 1 60  ? -15.079 7.297   -5.822  1.00 18.54 ? 60  ASP X N   1 
ATOM   473  C  CA  . ASP A 1 60  ? -14.248 6.511   -6.726  1.00 18.61 ? 60  ASP X CA  1 
ATOM   474  C  C   . ASP A 1 60  ? -12.830 6.364   -6.186  1.00 19.18 ? 60  ASP X C   1 
ATOM   475  O  O   . ASP A 1 60  ? -12.224 5.326   -6.394  1.00 18.35 ? 60  ASP X O   1 
ATOM   476  C  CB  . ASP A 1 60  ? -14.203 7.108   -8.111  1.00 19.48 ? 60  ASP X CB  1 
ATOM   477  C  CG  . ASP A 1 60  ? -13.738 6.087   -9.172  1.00 20.06 ? 60  ASP X CG  1 
ATOM   478  O  OD1 . ASP A 1 60  ? -14.222 4.938   -9.192  1.00 24.33 ? 60  ASP X OD1 1 
ATOM   479  O  OD2 . ASP A 1 60  ? -12.857 6.435   -9.958  1.00 25.44 ? 60  ASP X OD2 1 
ATOM   480  N  N   . LEU A 1 61  ? -12.310 7.410   -5.515  1.00 19.51 ? 61  LEU X N   1 
ATOM   481  C  CA  . LEU A 1 61  ? -11.059 7.316   -4.755  1.00 19.70 ? 61  LEU X CA  1 
ATOM   482  C  C   . LEU A 1 61  ? -11.164 6.265   -3.643  1.00 20.11 ? 61  LEU X C   1 
ATOM   483  O  O   . LEU A 1 61  ? -10.252 5.453   -3.496  1.00 19.31 ? 61  LEU X O   1 
ATOM   484  C  CB  . LEU A 1 61  ? -10.528 8.690   -4.249  1.00 19.30 ? 61  LEU X CB  1 
ATOM   485  C  CG  . LEU A 1 61  ? -9.134  8.732   -3.545  1.00 21.12 ? 61  LEU X CG  1 
ATOM   486  C  CD1 . LEU A 1 61  ? -8.505  10.103  -3.432  1.00 22.97 ? 61  LEU X CD1 1 
ATOM   487  C  CD2 . LEU A 1 61  ? -9.191  8.162   -2.155  1.00 22.23 ? 61  LEU X CD2 1 
ATOM   488  N  N   . LYS A 1 62  ? -12.262 6.275   -2.868  1.00 19.77 ? 62  LYS X N   1 
ATOM   489  C  CA  . LYS A 1 62  ? -12.504 5.243   -1.856  1.00 19.08 ? 62  LYS X CA  1 
ATOM   490  C  C   . LYS A 1 62  ? -12.509 3.853   -2.433  1.00 16.35 ? 62  LYS X C   1 
ATOM   491  O  O   . LYS A 1 62  ? -11.925 2.923   -1.840  1.00 15.32 ? 62  LYS X O   1 
ATOM   492  C  CB  . LYS A 1 62  ? -13.831 5.424   -1.125  1.00 20.36 ? 62  LYS X CB  1 
ATOM   493  C  CG  . LYS A 1 62  ? -13.744 6.169   0.169   1.00 27.54 ? 62  LYS X CG  1 
ATOM   494  C  CD  . LYS A 1 62  ? -14.841 5.670   1.165   1.00 31.69 ? 62  LYS X CD  1 
ATOM   495  C  CE  . LYS A 1 62  ? -16.129 6.500   1.015   1.00 36.13 ? 62  LYS X CE  1 
ATOM   496  N  NZ  . LYS A 1 62  ? -17.317 6.240   1.986   1.00 33.81 ? 62  LYS X NZ  1 
ATOM   497  N  N   . LYS A 1 63  ? -13.241 3.701   -3.536  1.00 15.27 ? 63  LYS X N   1 
ATOM   498  C  CA  . LYS A 1 63  ? -13.314 2.440   -4.234  1.00 14.52 ? 63  LYS X CA  1 
ATOM   499  C  C   . LYS A 1 63  ? -11.924 1.945   -4.643  1.00 13.44 ? 63  LYS X C   1 
ATOM   500  O  O   . LYS A 1 63  ? -11.601 0.742   -4.475  1.00 13.50 ? 63  LYS X O   1 
ATOM   501  C  CB  . LYS A 1 63  ? -14.244 2.497   -5.436  1.00 14.25 ? 63  LYS X CB  1 
ATOM   502  C  CG  . LYS A 1 63  ? -14.272 1.219   -6.275  1.00 15.79 ? 63  LYS X CG  1 
ATOM   503  C  CD  . LYS A 1 63  ? -15.381 1.384   -7.315  1.00 16.46 ? 63  LYS X CD  1 
ATOM   504  C  CE  . LYS A 1 63  ? -15.365 0.366   -8.357  1.00 17.35 ? 63  LYS X CE  1 
ATOM   505  N  NZ  . LYS A 1 63  ? -16.473 0.704   -9.362  1.00 20.85 ? 63  LYS X NZ  1 
ATOM   506  N  N   A HIS A 1 64  ? -11.104 2.839   -5.168  0.70 13.04 ? 64  HIS X N   1 
ATOM   507  N  N   B HIS A 1 64  ? -11.101 2.839   -5.185  0.30 13.23 ? 64  HIS X N   1 
ATOM   508  C  CA  A HIS A 1 64  ? -9.782  2.366   -5.539  0.70 12.98 ? 64  HIS X CA  1 
ATOM   509  C  CA  B HIS A 1 64  ? -9.743  2.441   -5.556  0.30 13.03 ? 64  HIS X CA  1 
ATOM   510  C  C   A HIS A 1 64  ? -8.947  2.035   -4.306  0.70 12.75 ? 64  HIS X C   1 
ATOM   511  C  C   B HIS A 1 64  ? -8.944  2.050   -4.318  0.30 12.80 ? 64  HIS X C   1 
ATOM   512  O  O   A HIS A 1 64  ? -8.147  1.101   -4.329  0.70 11.62 ? 64  HIS X O   1 
ATOM   513  O  O   B HIS A 1 64  ? -8.165  1.096   -4.356  0.30 12.25 ? 64  HIS X O   1 
ATOM   514  C  CB  A HIS A 1 64  ? -9.042  3.335   -6.457  0.70 13.32 ? 64  HIS X CB  1 
ATOM   515  C  CB  B HIS A 1 64  ? -9.010  3.534   -6.339  0.30 13.18 ? 64  HIS X CB  1 
ATOM   516  C  CG  A HIS A 1 64  ? -7.780  2.754   -6.997  0.70 14.57 ? 64  HIS X CG  1 
ATOM   517  C  CG  B HIS A 1 64  ? -7.641  3.126   -6.789  0.30 13.82 ? 64  HIS X CG  1 
ATOM   518  N  ND1 A HIS A 1 64  ? -7.777  1.690   -7.873  0.70 14.54 ? 64  HIS X ND1 1 
ATOM   519  N  ND1 B HIS A 1 64  ? -7.433  2.245   -7.830  0.30 13.74 ? 64  HIS X ND1 1 
ATOM   520  C  CD2 A HIS A 1 64  ? -6.484  3.026   -6.729  0.70 18.29 ? 64  HIS X CD2 1 
ATOM   521  C  CD2 B HIS A 1 64  ? -6.412  3.456   -6.326  0.30 15.47 ? 64  HIS X CD2 1 
ATOM   522  C  CE1 A HIS A 1 64  ? -6.530  1.346   -8.136  0.70 16.34 ? 64  HIS X CE1 1 
ATOM   523  C  CE1 B HIS A 1 64  ? -6.137  2.052   -7.990  0.30 14.61 ? 64  HIS X CE1 1 
ATOM   524  N  NE2 A HIS A 1 64  ? -5.726  2.144   -7.463  0.70 15.73 ? 64  HIS X NE2 1 
ATOM   525  N  NE2 B HIS A 1 64  ? -5.493  2.776   -7.094  0.30 16.44 ? 64  HIS X NE2 1 
ATOM   526  N  N   . GLY A 1 65  ? -9.152  2.778   -3.225  1.00 12.09 ? 65  GLY X N   1 
ATOM   527  C  CA  . GLY A 1 65  ? -8.513  2.448   -1.938  1.00 13.20 ? 65  GLY X CA  1 
ATOM   528  C  C   . GLY A 1 65  ? -8.847  1.019   -1.485  1.00 13.24 ? 65  GLY X C   1 
ATOM   529  O  O   . GLY A 1 65  ? -7.973  0.257   -1.008  1.00 12.58 ? 65  GLY X O   1 
ATOM   530  N  N   . THR A 1 66  ? -10.105 0.664   -1.627  1.00 12.49 ? 66  THR X N   1 
ATOM   531  C  CA  . THR A 1 66  ? -10.556 -0.694  -1.358  1.00 14.65 ? 66  THR X CA  1 
ATOM   532  C  C   . THR A 1 66  ? -9.856  -1.760  -2.263  1.00 13.97 ? 66  THR X C   1 
ATOM   533  O  O   . THR A 1 66  ? -9.403  -2.789  -1.732  1.00 13.87 ? 66  THR X O   1 
ATOM   534  C  CB  . THR A 1 66  ? -12.114 -0.863  -1.529  1.00 15.93 ? 66  THR X CB  1 
ATOM   535  O  OG1 . THR A 1 66  ? -12.790 0.063   -0.668  1.00 19.43 ? 66  THR X OG1 1 
ATOM   536  C  CG2 . THR A 1 66  ? -12.518 -2.289  -1.143  1.00 15.69 ? 66  THR X CG2 1 
ATOM   537  N  N   . VAL A 1 67  ? -9.778  -1.495  -3.574  1.00 13.23 ? 67  VAL X N   1 
ATOM   538  C  CA  . VAL A 1 67  ? -9.027  -2.342  -4.514  1.00 13.39 ? 67  VAL X CA  1 
ATOM   539  C  C   . VAL A 1 67  ? -7.553  -2.560  -4.087  1.00 13.91 ? 67  VAL X C   1 
ATOM   540  O  O   . VAL A 1 67  ? -7.104  -3.703  -3.973  1.00 14.05 ? 67  VAL X O   1 
ATOM   541  C  CB  . VAL A 1 67  ? -9.172  -1.873  -6.020  1.00 14.71 ? 67  VAL X CB  1 
ATOM   542  C  CG1 . VAL A 1 67  ? -8.217  -2.703  -7.013  1.00 11.53 ? 67  VAL X CG1 1 
ATOM   543  C  CG2 . VAL A 1 67  ? -10.670 -1.997  -6.483  1.00 12.03 ? 67  VAL X CG2 1 
ATOM   544  N  N   . VAL A 1 68  ? -6.848  -1.463  -3.834  1.00 13.41 ? 68  VAL X N   1 
ATOM   545  C  CA  . VAL A 1 68  ? -5.440  -1.468  -3.364  1.00 13.63 ? 68  VAL X CA  1 
ATOM   546  C  C   . VAL A 1 68  ? -5.235  -2.299  -2.099  1.00 12.85 ? 68  VAL X C   1 
ATOM   547  O  O   . VAL A 1 68  ? -4.424  -3.254  -2.108  1.00 12.16 ? 68  VAL X O   1 
ATOM   548  C  CB  . VAL A 1 68  ? -4.853  -0.006  -3.269  1.00 13.71 ? 68  VAL X CB  1 
ATOM   549  C  CG1 . VAL A 1 68  ? -3.402  0.039   -2.674  1.00 15.08 ? 68  VAL X CG1 1 
ATOM   550  C  CG2 . VAL A 1 68  ? -4.960  0.659   -4.670  1.00 11.62 ? 68  VAL X CG2 1 
ATOM   551  N  N   . LEU A 1 69  ? -5.981  -1.979  -1.027  1.00 12.56 ? 69  LEU X N   1 
ATOM   552  C  CA  . LEU A 1 69  ? -5.788  -2.694  0.251   1.00 12.75 ? 69  LEU X CA  1 
ATOM   553  C  C   . LEU A 1 69  ? -6.259  -4.135  0.257   1.00 13.31 ? 69  LEU X C   1 
ATOM   554  O  O   . LEU A 1 69  ? -5.657  -4.944  0.954   1.00 12.45 ? 69  LEU X O   1 
ATOM   555  C  CB  . LEU A 1 69  ? -6.332  -1.926  1.471   1.00 11.12 ? 69  LEU X CB  1 
ATOM   556  C  CG  . LEU A 1 69  ? -5.746  -0.504  1.754   1.00 15.03 ? 69  LEU X CG  1 
ATOM   557  C  CD1 . LEU A 1 69  ? -6.217  0.048   3.095   1.00 15.06 ? 69  LEU X CD1 1 
ATOM   558  C  CD2 . LEU A 1 69  ? -4.196  -0.359  1.656   1.00 13.43 ? 69  LEU X CD2 1 
ATOM   559  N  N   . THR A 1 70  ? -7.329  -4.466  -0.501  1.00 13.38 ? 70  THR X N   1 
ATOM   560  C  CA  . THR A 1 70  ? -7.727  -5.864  -0.676  1.00 14.75 ? 70  THR X CA  1 
ATOM   561  C  C   . THR A 1 70  ? -6.584  -6.697  -1.334  1.00 13.05 ? 70  THR X C   1 
ATOM   562  O  O   . THR A 1 70  ? -6.238  -7.780  -0.835  1.00 13.31 ? 70  THR X O   1 
ATOM   563  C  CB  . THR A 1 70  ? -9.042  -6.007  -1.469  1.00 14.46 ? 70  THR X CB  1 
ATOM   564  O  OG1 . THR A 1 70  ? -10.083 -5.282  -0.780  1.00 15.67 ? 70  THR X OG1 1 
ATOM   565  C  CG2 . THR A 1 70  ? -9.424  -7.501  -1.607  1.00 16.42 ? 70  THR X CG2 1 
ATOM   566  N  N   . ALA A 1 71  ? -5.954  -6.140  -2.356  1.00 12.13 ? 71  ALA X N   1 
ATOM   567  C  CA  . ALA A 1 71  ? -4.822  -6.773  -3.057  1.00 13.04 ? 71  ALA X CA  1 
ATOM   568  C  C   . ALA A 1 71  ? -3.632  -6.959  -2.092  1.00 13.92 ? 71  ALA X C   1 
ATOM   569  O  O   . ALA A 1 71  ? -3.032  -8.058  -2.014  1.00 14.28 ? 71  ALA X O   1 
ATOM   570  C  CB  . ALA A 1 71  ? -4.405  -5.928  -4.228  1.00 13.62 ? 71  ALA X CB  1 
ATOM   571  N  N   . LEU A 1 72  ? -3.346  -5.928  -1.315  1.00 13.15 ? 72  LEU X N   1 
ATOM   572  C  CA  . LEU A 1 72  ? -2.229  -6.015  -0.351  1.00 13.25 ? 72  LEU X CA  1 
ATOM   573  C  C   . LEU A 1 72  ? -2.543  -7.055  0.742   1.00 13.10 ? 72  LEU X C   1 
ATOM   574  O  O   . LEU A 1 72  ? -1.673  -7.832  1.136   1.00 14.00 ? 72  LEU X O   1 
ATOM   575  C  CB  . LEU A 1 72  ? -1.893  -4.659  0.281   1.00 11.45 ? 72  LEU X CB  1 
ATOM   576  C  CG  . LEU A 1 72  ? -0.702  -4.586  1.275   1.00 13.12 ? 72  LEU X CG  1 
ATOM   577  C  CD1 . LEU A 1 72  ? 0.568   -5.124  0.650   1.00 12.57 ? 72  LEU X CD1 1 
ATOM   578  C  CD2 . LEU A 1 72  ? -0.451  -3.102  1.679   1.00 13.82 ? 72  LEU X CD2 1 
ATOM   579  N  N   . GLY A 1 73  ? -3.775  -7.039  1.239   1.00 12.95 ? 73  GLY X N   1 
ATOM   580  C  CA  . GLY A 1 73  ? -4.211  -8.030  2.245   1.00 13.92 ? 73  GLY X CA  1 
ATOM   581  C  C   . GLY A 1 73  ? -4.036  -9.457  1.760   1.00 14.52 ? 73  GLY X C   1 
ATOM   582  O  O   . GLY A 1 73  ? -3.540  -10.304 2.518   1.00 14.92 ? 73  GLY X O   1 
ATOM   583  N  N   . GLY A 1 74  ? -4.525  -9.738  0.535   1.00 15.35 ? 74  GLY X N   1 
ATOM   584  C  CA  . GLY A 1 74  ? -4.244  -10.980 -0.193  1.00 16.36 ? 74  GLY X CA  1 
ATOM   585  C  C   . GLY A 1 74  ? -2.783  -11.389 -0.092  1.00 15.62 ? 74  GLY X C   1 
ATOM   586  O  O   . GLY A 1 74  ? -2.447  -12.470 0.403   1.00 15.70 ? 74  GLY X O   1 
ATOM   587  N  N   . ILE A 1 75  ? -1.910  -10.493 -0.531  1.00 15.18 ? 75  ILE X N   1 
ATOM   588  C  CA  . ILE A 1 75  ? -0.479  -10.722 -0.471  1.00 15.13 ? 75  ILE X CA  1 
ATOM   589  C  C   . ILE A 1 75  ? 0.023   -11.009 0.968   1.00 14.69 ? 75  ILE X C   1 
ATOM   590  O  O   . ILE A 1 75  ? 0.662   -12.054 1.209   1.00 14.62 ? 75  ILE X O   1 
ATOM   591  C  CB  . ILE A 1 75  ? 0.308   -9.583  -1.182  1.00 14.64 ? 75  ILE X CB  1 
ATOM   592  C  CG1 . ILE A 1 75  ? -0.068  -9.523  -2.683  1.00 17.94 ? 75  ILE X CG1 1 
ATOM   593  C  CG2 . ILE A 1 75  ? 1.774   -9.813  -1.087  1.00 14.43 ? 75  ILE X CG2 1 
ATOM   594  C  CD1 . ILE A 1 75  ? 0.273   -8.176  -3.407  1.00 15.21 ? 75  ILE X CD1 1 
ATOM   595  N  N   . LEU A 1 76  ? -0.303  -10.128 1.924   1.00 14.23 ? 76  LEU X N   1 
ATOM   596  C  CA  . LEU A 1 76  ? 0.151   -10.293 3.322   1.00 14.82 ? 76  LEU X CA  1 
ATOM   597  C  C   . LEU A 1 76  ? -0.264  -11.626 3.934   1.00 16.31 ? 76  LEU X C   1 
ATOM   598  O  O   . LEU A 1 76  ? 0.520   -12.247 4.677   1.00 16.87 ? 76  LEU X O   1 
ATOM   599  C  CB  . LEU A 1 76  ? -0.307  -9.137  4.236   1.00 14.51 ? 76  LEU X CB  1 
ATOM   600  C  CG  . LEU A 1 76  ? 0.199   -7.729  3.910   1.00 14.35 ? 76  LEU X CG  1 
ATOM   601  C  CD1 . LEU A 1 76  ? -0.471  -6.745  4.833   1.00 17.40 ? 76  LEU X CD1 1 
ATOM   602  C  CD2 . LEU A 1 76  ? 1.710   -7.625  3.836   1.00 15.19 ? 76  LEU X CD2 1 
ATOM   603  N  N   . LYS A 1 77  ? -1.495  -12.052 3.629   1.00 16.56 ? 77  LYS X N   1 
ATOM   604  C  CA  . LYS A 1 77  ? -2.004  -13.315 4.168   1.00 17.73 ? 77  LYS X CA  1 
ATOM   605  C  C   . LYS A 1 77  ? -1.251  -14.545 3.583   1.00 17.77 ? 77  LYS X C   1 
ATOM   606  O  O   . LYS A 1 77  ? -1.355  -15.619 4.110   1.00 18.05 ? 77  LYS X O   1 
ATOM   607  C  CB  . LYS A 1 77  ? -3.499  -13.426 3.972   1.00 19.32 ? 77  LYS X CB  1 
ATOM   608  C  CG  . LYS A 1 77  ? -4.319  -12.583 4.904   1.00 18.76 ? 77  LYS X CG  1 
ATOM   609  C  CD  . LYS A 1 77  ? -5.733  -12.557 4.420   1.00 24.29 ? 77  LYS X CD  1 
ATOM   610  C  CE  . LYS A 1 77  ? -6.547  -11.374 4.989   1.00 27.99 ? 77  LYS X CE  1 
ATOM   611  N  NZ  . LYS A 1 77  ? -6.583  -11.376 6.444   1.00 31.29 ? 77  LYS X NZ  1 
ATOM   612  N  N   . LYS A 1 78  ? -0.415  -14.330 2.566   1.00 19.66 ? 78  LYS X N   1 
ATOM   613  C  CA  . LYS A 1 78  ? 0.440   -15.396 1.999   1.00 19.99 ? 78  LYS X CA  1 
ATOM   614  C  C   . LYS A 1 78  ? 1.771   -15.537 2.723   1.00 20.50 ? 78  LYS X C   1 
ATOM   615  O  O   . LYS A 1 78  ? 2.534   -16.515 2.455   1.00 20.68 ? 78  LYS X O   1 
ATOM   616  C  CB  . LYS A 1 78  ? 0.645   -15.186 0.490   1.00 20.39 ? 78  LYS X CB  1 
ATOM   617  C  CG  . LYS A 1 78  ? -0.588  -15.446 -0.367  1.00 22.58 ? 78  LYS X CG  1 
ATOM   618  C  CD  . LYS A 1 78  ? -1.196  -16.804 -0.020  1.00 30.00 ? 78  LYS X CD  1 
ATOM   619  C  CE  . LYS A 1 78  ? -0.310  -17.972 -0.455  1.00 35.46 ? 78  LYS X CE  1 
ATOM   620  N  NZ  . LYS A 1 78  ? 0.174   -17.928 -1.912  1.00 39.06 ? 78  LYS X NZ  1 
ATOM   621  N  N   . LYS A 1 79  ? 2.039   -14.606 3.650   1.00 20.01 ? 79  LYS X N   1 
ATOM   622  C  CA  . LYS A 1 79  ? 3.258   -14.610 4.518   1.00 20.82 ? 79  LYS X CA  1 
ATOM   623  C  C   . LYS A 1 79  ? 4.517   -14.868 3.668   1.00 22.28 ? 79  LYS X C   1 
ATOM   624  O  O   . LYS A 1 79  ? 5.310   -15.810 3.931   1.00 21.43 ? 79  LYS X O   1 
ATOM   625  C  CB  . LYS A 1 79  ? 3.150   -15.619 5.689   1.00 20.35 ? 79  LYS X CB  1 
ATOM   626  C  CG  . LYS A 1 79  ? 1.940   -15.360 6.649   1.00 21.51 ? 79  LYS X CG  1 
ATOM   627  C  CD  . LYS A 1 79  ? 1.815   -16.298 7.912   1.00 22.37 ? 79  LYS X CD  1 
ATOM   628  C  CE  . LYS A 1 79  ? 1.989   -17.773 7.678   1.00 27.48 ? 79  LYS X CE  1 
ATOM   629  N  NZ  . LYS A 1 79  ? 2.325   -18.493 8.960   1.00 24.17 ? 79  LYS X NZ  1 
ATOM   630  N  N   . GLY A 1 80  ? 4.704   -14.068 2.630   1.00 22.63 ? 80  GLY X N   1 
ATOM   631  C  CA  . GLY A 1 80  ? 5.932   -14.286 1.825   1.00 26.42 ? 80  GLY X CA  1 
ATOM   632  C  C   . GLY A 1 80  ? 5.947   -15.478 0.836   1.00 27.13 ? 80  GLY X C   1 
ATOM   633  O  O   . GLY A 1 80  ? 6.799   -15.514 -0.064  1.00 29.35 ? 80  GLY X O   1 
ATOM   634  N  N   . HIS A 1 81  ? 5.048   -16.455 0.982   1.00 25.49 ? 81  HIS X N   1 
ATOM   635  C  CA  . HIS A 1 81  ? 4.781   -17.364 -0.148  1.00 26.46 ? 81  HIS X CA  1 
ATOM   636  C  C   . HIS A 1 81  ? 3.793   -16.692 -1.112  1.00 25.22 ? 81  HIS X C   1 
ATOM   637  O  O   . HIS A 1 81  ? 2.716   -17.228 -1.389  1.00 24.85 ? 81  HIS X O   1 
ATOM   638  C  CB  . HIS A 1 81  ? 4.314   -18.745 0.339   1.00 26.89 ? 81  HIS X CB  1 
ATOM   639  C  CG  . HIS A 1 81  ? 5.359   -19.443 1.146   1.00 30.99 ? 81  HIS X CG  1 
ATOM   640  N  ND1 . HIS A 1 81  ? 5.513   -19.224 2.501   1.00 35.06 ? 81  HIS X ND1 1 
ATOM   641  C  CD2 . HIS A 1 81  ? 6.376   -20.257 0.777   1.00 33.30 ? 81  HIS X CD2 1 
ATOM   642  C  CE1 . HIS A 1 81  ? 6.548   -19.920 2.943   1.00 36.79 ? 81  HIS X CE1 1 
ATOM   643  N  NE2 . HIS A 1 81  ? 7.086   -20.560 1.918   1.00 36.06 ? 81  HIS X NE2 1 
ATOM   644  N  N   . HIS A 1 82  ? 4.185   -15.510 -1.612  1.00 23.40 ? 82  HIS X N   1 
ATOM   645  C  CA  . HIS A 1 82  ? 3.264   -14.637 -2.363  1.00 23.60 ? 82  HIS X CA  1 
ATOM   646  C  C   . HIS A 1 82  ? 3.577   -14.456 -3.877  1.00 23.50 ? 82  HIS X C   1 
ATOM   647  O  O   . HIS A 1 82  ? 2.933   -13.626 -4.541  1.00 22.88 ? 82  HIS X O   1 
ATOM   648  C  CB  . HIS A 1 82  ? 3.137   -13.250 -1.672  1.00 22.24 ? 82  HIS X CB  1 
ATOM   649  C  CG  . HIS A 1 82  ? 4.441   -12.502 -1.545  1.00 23.08 ? 82  HIS X CG  1 
ATOM   650  N  ND1 . HIS A 1 82  ? 4.713   -11.646 -0.498  1.00 20.62 ? 82  HIS X ND1 1 
ATOM   651  C  CD2 . HIS A 1 82  ? 5.554   -12.502 -2.325  1.00 21.62 ? 82  HIS X CD2 1 
ATOM   652  C  CE1 . HIS A 1 82  ? 5.928   -11.150 -0.637  1.00 22.01 ? 82  HIS X CE1 1 
ATOM   653  N  NE2 . HIS A 1 82  ? 6.459   -11.653 -1.741  1.00 22.90 ? 82  HIS X NE2 1 
ATOM   654  N  N   . GLU A 1 83  ? 4.552   -15.203 -4.407  1.00 23.39 ? 83  GLU X N   1 
ATOM   655  C  CA  . GLU A 1 83  ? 5.016   -15.015 -5.785  1.00 24.47 ? 83  GLU X CA  1 
ATOM   656  C  C   . GLU A 1 83  ? 3.868   -14.964 -6.845  1.00 24.24 ? 83  GLU X C   1 
ATOM   657  O  O   . GLU A 1 83  ? 3.890   -14.085 -7.689  1.00 24.21 ? 83  GLU X O   1 
ATOM   658  C  CB  . GLU A 1 83  ? 6.149   -16.018 -6.130  1.00 25.03 ? 83  GLU X CB  1 
ATOM   659  C  CG  . GLU A 1 83  ? 6.416   -16.299 -7.651  1.00 25.77 ? 83  GLU X CG  1 
ATOM   660  C  CD  . GLU A 1 83  ? 7.260   -15.218 -8.331  1.00 30.21 ? 83  GLU X CD  1 
ATOM   661  O  OE1 . GLU A 1 83  ? 7.802   -14.355 -7.611  1.00 34.43 ? 83  GLU X OE1 1 
ATOM   662  O  OE2 . GLU A 1 83  ? 7.390   -15.226 -9.587  1.00 29.50 ? 83  GLU X OE2 1 
ATOM   663  N  N   . ALA A 1 84  ? 2.842   -15.820 -6.732  1.00 24.45 ? 84  ALA X N   1 
ATOM   664  C  CA  . ALA A 1 84  ? 1.723   -15.870 -7.718  1.00 24.20 ? 84  ALA X CA  1 
ATOM   665  C  C   . ALA A 1 84  ? 0.834   -14.633 -7.606  1.00 24.16 ? 84  ALA X C   1 
ATOM   666  O  O   . ALA A 1 84  ? 0.234   -14.189 -8.595  1.00 23.83 ? 84  ALA X O   1 
ATOM   667  C  CB  . ALA A 1 84  ? 0.874   -17.122 -7.530  1.00 24.73 ? 84  ALA X CB  1 
ATOM   668  N  N   . GLU A 1 85  ? 0.747   -14.085 -6.399  1.00 22.72 ? 85  GLU X N   1 
ATOM   669  C  CA  . GLU A 1 85  ? -0.099  -12.929 -6.172  1.00 22.87 ? 85  GLU X CA  1 
ATOM   670  C  C   . GLU A 1 85  ? 0.668   -11.665 -6.584  1.00 22.50 ? 85  GLU X C   1 
ATOM   671  O  O   . GLU A 1 85  ? 0.107   -10.734 -7.193  1.00 22.45 ? 85  GLU X O   1 
ATOM   672  C  CB  . GLU A 1 85  ? -0.559  -12.869 -4.699  1.00 23.22 ? 85  GLU X CB  1 
ATOM   673  C  CG  . GLU A 1 85  ? -1.539  -13.990 -4.230  1.00 25.68 ? 85  GLU X CG  1 
ATOM   674  C  CD  . GLU A 1 85  ? -0.833  -15.352 -3.932  1.00 28.29 ? 85  GLU X CD  1 
ATOM   675  O  OE1 . GLU A 1 85  ? 0.393   -15.385 -3.709  1.00 29.14 ? 85  GLU X OE1 1 
ATOM   676  O  OE2 . GLU A 1 85  ? -1.507  -16.397 -3.878  1.00 30.25 ? 85  GLU X OE2 1 
ATOM   677  N  N   . LEU A 1 86  ? 1.970   -11.675 -6.305  1.00 22.20 ? 86  LEU X N   1 
ATOM   678  C  CA  . LEU A 1 86  ? 2.853   -10.519 -6.458  1.00 22.55 ? 86  LEU X CA  1 
ATOM   679  C  C   . LEU A 1 86  ? 3.320   -10.275 -7.906  1.00 22.24 ? 86  LEU X C   1 
ATOM   680  O  O   . LEU A 1 86  ? 3.288   -9.142  -8.391  1.00 21.09 ? 86  LEU X O   1 
ATOM   681  C  CB  . LEU A 1 86  ? 4.058   -10.658 -5.510  1.00 23.24 ? 86  LEU X CB  1 
ATOM   682  C  CG  . LEU A 1 86  ? 4.825   -9.349  -5.267  1.00 24.01 ? 86  LEU X CG  1 
ATOM   683  C  CD1 . LEU A 1 86  ? 5.101   -9.076  -3.791  1.00 24.45 ? 86  LEU X CD1 1 
ATOM   684  C  CD2 . LEU A 1 86  ? 6.088   -9.285  -6.127  1.00 22.54 ? 86  LEU X CD2 1 
ATOM   685  N  N   . LYS A 1 87  ? 3.756   -11.326 -8.595  1.00 22.29 ? 87  LYS X N   1 
ATOM   686  C  CA  . LYS A 1 87  ? 4.337   -11.153 -9.946  1.00 22.01 ? 87  LYS X CA  1 
ATOM   687  C  C   . LYS A 1 87  ? 3.425   -10.339 -10.916 1.00 21.22 ? 87  LYS X C   1 
ATOM   688  O  O   . LYS A 1 87  ? 3.893   -9.398  -11.576 1.00 20.29 ? 87  LYS X O   1 
ATOM   689  C  CB  . LYS A 1 87  ? 4.728   -12.498 -10.541 1.00 22.87 ? 87  LYS X CB  1 
ATOM   690  C  CG  . LYS A 1 87  ? 5.551   -12.396 -11.818 1.00 25.99 ? 87  LYS X CG  1 
ATOM   691  C  CD  . LYS A 1 87  ? 5.570   -13.742 -12.552 1.00 29.16 ? 87  LYS X CD  1 
ATOM   692  C  CE  . LYS A 1 87  ? 5.752   -13.512 -14.050 1.00 27.32 ? 87  LYS X CE  1 
ATOM   693  N  NZ  . LYS A 1 87  ? 5.795   -14.780 -14.828 1.00 30.07 ? 87  LYS X NZ  1 
ATOM   694  N  N   . PRO A 1 88  ? 2.130   -10.689 -11.010 1.00 19.84 ? 88  PRO X N   1 
ATOM   695  C  CA  . PRO A 1 88  ? 1.261   -9.910  -11.927 1.00 19.61 ? 88  PRO X CA  1 
ATOM   696  C  C   . PRO A 1 88  ? 1.082   -8.421  -11.561 1.00 19.40 ? 88  PRO X C   1 
ATOM   697  O  O   . PRO A 1 88  ? 1.060   -7.595  -12.461 1.00 19.50 ? 88  PRO X O   1 
ATOM   698  C  CB  . PRO A 1 88  ? -0.098  -10.627 -11.837 1.00 19.31 ? 88  PRO X CB  1 
ATOM   699  C  CG  . PRO A 1 88  ? -0.049  -11.398 -10.553 1.00 17.98 ? 88  PRO X CG  1 
ATOM   700  C  CD  . PRO A 1 88  ? 1.389   -11.793 -10.347 1.00 20.67 ? 88  PRO X CD  1 
ATOM   701  N  N   . LEU A 1 89  ? 0.960   -8.118  -10.257 1.00 18.81 ? 89  LEU X N   1 
ATOM   702  C  CA  . LEU A 1 89  ? 0.995   -6.750  -9.734  1.00 19.60 ? 89  LEU X CA  1 
ATOM   703  C  C   . LEU A 1 89  ? 2.281   -6.053  -10.115 1.00 18.46 ? 89  LEU X C   1 
ATOM   704  O  O   . LEU A 1 89  ? 2.231   -4.959  -10.665 1.00 16.72 ? 89  LEU X O   1 
ATOM   705  C  CB  . LEU A 1 89  ? 0.905   -6.725  -8.212  1.00 19.58 ? 89  LEU X CB  1 
ATOM   706  C  CG  . LEU A 1 89  ? -0.398  -6.290  -7.559  1.00 24.89 ? 89  LEU X CG  1 
ATOM   707  C  CD1 . LEU A 1 89  ? 0.131   -5.381  -6.480  1.00 23.46 ? 89  LEU X CD1 1 
ATOM   708  C  CD2 . LEU A 1 89  ? -1.494  -5.583  -8.510  1.00 24.37 ? 89  LEU X CD2 1 
ATOM   709  N  N   . ALA A 1 90  ? 3.426   -6.698  -9.835  1.00 16.52 ? 90  ALA X N   1 
ATOM   710  C  CA  . ALA A 1 90  ? 4.707   -6.197  -10.323 1.00 17.77 ? 90  ALA X CA  1 
ATOM   711  C  C   . ALA A 1 90  ? 4.655   -5.831  -11.799 1.00 17.60 ? 90  ALA X C   1 
ATOM   712  O  O   . ALA A 1 90  ? 5.032   -4.706  -12.215 1.00 16.94 ? 90  ALA X O   1 
ATOM   713  C  CB  . ALA A 1 90  ? 5.861   -7.219  -10.022 1.00 17.60 ? 90  ALA X CB  1 
ATOM   714  N  N   . GLN A 1 91  ? 4.164   -6.764  -12.615 1.00 18.26 ? 91  GLN X N   1 
ATOM   715  C  CA  . GLN A 1 91  ? 4.241   -6.590  -14.053 1.00 18.54 ? 91  GLN X CA  1 
ATOM   716  C  C   . GLN A 1 91  ? 3.313   -5.460  -14.534 1.00 18.50 ? 91  GLN X C   1 
ATOM   717  O  O   . GLN A 1 91  ? 3.733   -4.578  -15.323 1.00 17.17 ? 91  GLN X O   1 
ATOM   718  C  CB  . GLN A 1 91  ? 4.062   -7.930  -14.768 1.00 18.58 ? 91  GLN X CB  1 
ATOM   719  C  CG  . GLN A 1 91  ? 5.249   -8.868  -14.432 1.00 23.61 ? 91  GLN X CG  1 
ATOM   720  C  CD  . GLN A 1 91  ? 5.466   -10.008 -15.427 1.00 29.82 ? 91  GLN X CD  1 
ATOM   721  O  OE1 . GLN A 1 91  ? 4.513   -10.561 -16.004 1.00 28.03 ? 91  GLN X OE1 1 
ATOM   722  N  NE2 . GLN A 1 91  ? 6.753   -10.379 -15.615 1.00 31.17 ? 91  GLN X NE2 1 
ATOM   723  N  N   . SER A 1 92  ? 2.082   -5.420  -14.011 1.00 17.09 ? 92  SER X N   1 
ATOM   724  C  CA  . SER A 1 92  ? 1.235   -4.317  -14.440 1.00 18.35 ? 92  SER X CA  1 
ATOM   725  C  C   . SER A 1 92  ? 1.742   -2.985  -13.903 1.00 18.04 ? 92  SER X C   1 
ATOM   726  O  O   . SER A 1 92  ? 1.649   -1.990  -14.598 1.00 18.98 ? 92  SER X O   1 
ATOM   727  C  CB  . SER A 1 92  ? -0.221  -4.529  -14.108 1.00 19.06 ? 92  SER X CB  1 
ATOM   728  O  OG  . SER A 1 92  ? -0.398  -4.233  -12.760 1.00 20.78 ? 92  SER X OG  1 
ATOM   729  N  N   . HIS A 1 93  ? 2.318   -2.936  -12.693 1.00 17.29 ? 93  HIS X N   1 
ATOM   730  C  CA  . HIS A 1 93  ? 2.803   -1.654  -12.258 1.00 17.96 ? 93  HIS X CA  1 
ATOM   731  C  C   . HIS A 1 93  ? 4.052   -1.146  -13.022 1.00 18.42 ? 93  HIS X C   1 
ATOM   732  O  O   . HIS A 1 93  ? 4.146   0.046   -13.279 1.00 18.03 ? 93  HIS X O   1 
ATOM   733  C  CB  . HIS A 1 93  ? 2.891   -1.546  -10.751 1.00 18.00 ? 93  HIS X CB  1 
ATOM   734  C  CG  . HIS A 1 93  ? 1.537   -1.529  -10.087 1.00 17.45 ? 93  HIS X CG  1 
ATOM   735  N  ND1 . HIS A 1 93  ? 0.590   -2.516  -10.289 1.00 18.14 ? 93  HIS X ND1 1 
ATOM   736  C  CD2 . HIS A 1 93  ? 0.964   -0.620  -9.265  1.00 18.32 ? 93  HIS X CD2 1 
ATOM   737  C  CE1 . HIS A 1 93  ? -0.493  -2.234  -9.587  1.00 18.10 ? 93  HIS X CE1 1 
ATOM   738  N  NE2 . HIS A 1 93  ? -0.286  -1.094  -8.951  1.00 15.40 ? 93  HIS X NE2 1 
ATOM   739  N  N   . ALA A 1 94  ? 4.926   -2.042  -13.469 1.00 19.18 ? 94  ALA X N   1 
ATOM   740  C  CA  . ALA A 1 94  ? 6.031   -1.625  -14.369 1.00 20.80 ? 94  ALA X CA  1 
ATOM   741  C  C   . ALA A 1 94  ? 5.552   -1.287  -15.807 1.00 22.05 ? 94  ALA X C   1 
ATOM   742  O  O   . ALA A 1 94  ? 5.746   -0.157  -16.298 1.00 23.94 ? 94  ALA X O   1 
ATOM   743  C  CB  . ALA A 1 94  ? 7.182   -2.692  -14.392 1.00 19.35 ? 94  ALA X CB  1 
ATOM   744  N  N   . THR A 1 95  ? 4.883   -2.247  -16.440 1.00 23.11 ? 95  THR X N   1 
ATOM   745  C  CA  . THR A 1 95  ? 4.594   -2.223  -17.868 1.00 24.34 ? 95  THR X CA  1 
ATOM   746  C  C   . THR A 1 95  ? 3.423   -1.304  -18.227 1.00 23.56 ? 95  THR X C   1 
ATOM   747  O  O   . THR A 1 95  ? 3.522   -0.484  -19.148 1.00 22.36 ? 95  THR X O   1 
ATOM   748  C  CB  . THR A 1 95  ? 4.346   -3.674  -18.398 1.00 25.12 ? 95  THR X CB  1 
ATOM   749  O  OG1 . THR A 1 95  ? 5.404   -4.549  -17.943 1.00 27.09 ? 95  THR X OG1 1 
ATOM   750  C  CG2 . THR A 1 95  ? 4.319   -3.703  -19.911 1.00 28.50 ? 95  THR X CG2 1 
ATOM   751  N  N   . LYS A 1 96  ? 2.322   -1.464  -17.508 1.00 23.09 ? 96  LYS X N   1 
ATOM   752  C  CA  . LYS A 1 96  ? 1.117   -0.710  -17.793 1.00 24.60 ? 96  LYS X CA  1 
ATOM   753  C  C   . LYS A 1 96  ? 1.143   0.672   -17.116 1.00 24.15 ? 96  LYS X C   1 
ATOM   754  O  O   . LYS A 1 96  ? 1.151   1.687   -17.811 1.00 24.64 ? 96  LYS X O   1 
ATOM   755  C  CB  . LYS A 1 96  ? -0.116  -1.528  -17.404 1.00 24.50 ? 96  LYS X CB  1 
ATOM   756  C  CG  . LYS A 1 96  ? -1.409  -0.838  -17.731 1.00 28.25 ? 96  LYS X CG  1 
ATOM   757  C  CD  . LYS A 1 96  ? -2.448  -1.808  -18.193 1.00 31.07 ? 96  LYS X CD  1 
ATOM   758  C  CE  . LYS A 1 96  ? -3.438  -1.081  -19.071 1.00 32.93 ? 96  LYS X CE  1 
ATOM   759  N  NZ  . LYS A 1 96  ? -3.924  0.163   -18.386 1.00 34.22 ? 96  LYS X NZ  1 
ATOM   760  N  N   . HIS A 1 97  ? 1.228   0.697   -15.781 1.00 22.78 ? 97  HIS X N   1 
ATOM   761  C  CA  . HIS A 1 97  ? 1.015   1.914   -15.011 1.00 21.49 ? 97  HIS X CA  1 
ATOM   762  C  C   . HIS A 1 97  ? 2.276   2.750   -14.904 1.00 20.50 ? 97  HIS X C   1 
ATOM   763  O  O   . HIS A 1 97  ? 2.186   3.954   -14.641 1.00 19.97 ? 97  HIS X O   1 
ATOM   764  C  CB  . HIS A 1 97  ? 0.477   1.605   -13.612 1.00 21.69 ? 97  HIS X CB  1 
ATOM   765  C  CG  . HIS A 1 97  ? -0.677  0.645   -13.602 1.00 21.83 ? 97  HIS X CG  1 
ATOM   766  N  ND1 . HIS A 1 97  ? -1.824  0.843   -14.344 1.00 20.88 ? 97  HIS X ND1 1 
ATOM   767  C  CD2 . HIS A 1 97  ? -0.844  -0.533  -12.952 1.00 17.69 ? 97  HIS X CD2 1 
ATOM   768  C  CE1 . HIS A 1 97  ? -2.658  -0.157  -14.126 1.00 21.50 ? 97  HIS X CE1 1 
ATOM   769  N  NE2 . HIS A 1 97  ? -2.085  -1.009  -13.293 1.00 18.80 ? 97  HIS X NE2 1 
ATOM   770  N  N   . LYS A 1 98  ? 3.453   2.141   -15.133 1.00 19.17 ? 98  LYS X N   1 
ATOM   771  C  CA  . LYS A 1 98  ? 4.699   2.901   -15.099 1.00 20.43 ? 98  LYS X CA  1 
ATOM   772  C  C   . LYS A 1 98  ? 4.958   3.567   -13.723 1.00 19.44 ? 98  LYS X C   1 
ATOM   773  O  O   . LYS A 1 98  ? 5.259   4.773   -13.642 1.00 19.03 ? 98  LYS X O   1 
ATOM   774  C  CB  . LYS A 1 98  ? 4.751   3.986   -16.194 1.00 20.32 ? 98  LYS X CB  1 
ATOM   775  C  CG  . LYS A 1 98  ? 4.167   3.599   -17.550 1.00 25.57 ? 98  LYS X CG  1 
ATOM   776  C  CD  . LYS A 1 98  ? 5.100   2.765   -18.364 1.00 26.44 ? 98  LYS X CD  1 
ATOM   777  C  CE  . LYS A 1 98  ? 4.503   2.482   -19.738 1.00 30.23 ? 98  LYS X CE  1 
ATOM   778  N  NZ  . LYS A 1 98  ? 5.495   1.659   -20.460 1.00 34.00 ? 98  LYS X NZ  1 
ATOM   779  N  N   . ILE A 1 99  ? 4.870   2.761   -12.667 1.00 19.21 ? 99  ILE X N   1 
ATOM   780  C  CA  . ILE A 1 99  ? 5.049   3.219   -11.295 1.00 18.23 ? 99  ILE X CA  1 
ATOM   781  C  C   . ILE A 1 99  ? 6.474   2.973   -10.800 1.00 18.85 ? 99  ILE X C   1 
ATOM   782  O  O   . ILE A 1 99  ? 6.825   1.821   -10.417 1.00 19.06 ? 99  ILE X O   1 
ATOM   783  C  CB  . ILE A 1 99  ? 4.061   2.518   -10.326 1.00 16.54 ? 99  ILE X CB  1 
ATOM   784  C  CG1 . ILE A 1 99  ? 2.594   2.654   -10.786 1.00 17.12 ? 99  ILE X CG1 1 
ATOM   785  C  CG2 . ILE A 1 99  ? 4.264   3.046   -8.871  1.00 18.53 ? 99  ILE X CG2 1 
ATOM   786  C  CD1 . ILE A 1 99  ? 2.103   4.107   -11.320 1.00 11.60 ? 99  ILE X CD1 1 
ATOM   787  N  N   . PRO A 1 100 ? 7.296   4.040   -10.726 1.00 19.01 ? 100 PRO X N   1 
ATOM   788  C  CA  . PRO A 1 100 ? 8.657   3.769   -10.217 1.00 19.88 ? 100 PRO X CA  1 
ATOM   789  C  C   . PRO A 1 100 ? 8.622   3.181   -8.778  1.00 19.29 ? 100 PRO X C   1 
ATOM   790  O  O   . PRO A 1 100 ? 7.660   3.415   -8.001  1.00 18.01 ? 100 PRO X O   1 
ATOM   791  C  CB  . PRO A 1 100 ? 9.335   5.148   -10.168 1.00 20.60 ? 100 PRO X CB  1 
ATOM   792  C  CG  . PRO A 1 100 ? 8.370   6.138   -10.776 1.00 20.57 ? 100 PRO X CG  1 
ATOM   793  C  CD  . PRO A 1 100 ? 7.018   5.481   -10.913 1.00 20.42 ? 100 PRO X CD  1 
ATOM   794  N  N   . ILE A 1 101 ? 9.639   2.400   -8.437  1.00 18.38 ? 101 ILE X N   1 
ATOM   795  C  CA  . ILE A 1 101 ? 9.683   1.742   -7.150  1.00 18.80 ? 101 ILE X CA  1 
ATOM   796  C  C   . ILE A 1 101 ? 9.622   2.739   -5.953  1.00 17.73 ? 101 ILE X C   1 
ATOM   797  O  O   . ILE A 1 101 ? 9.078   2.411   -4.907  1.00 15.75 ? 101 ILE X O   1 
ATOM   798  C  CB  . ILE A 1 101 ? 10.926  0.828   -7.009  1.00 19.76 ? 101 ILE X CB  1 
ATOM   799  C  CG1 . ILE A 1 101 ? 10.784  -0.143  -5.824  1.00 19.63 ? 101 ILE X CG1 1 
ATOM   800  C  CG2 . ILE A 1 101 ? 12.226  1.658   -6.953  1.00 21.23 ? 101 ILE X CG2 1 
ATOM   801  C  CD1 . ILE A 1 101 ? 10.090  -1.443  -6.236  1.00 22.03 ? 101 ILE X CD1 1 
ATOM   802  N  N   . LYS A 1 102 ? 10.203  3.928   -6.123  1.00 17.33 ? 102 LYS X N   1 
ATOM   803  C  CA  . LYS A 1 102 ? 10.127  4.968   -5.104  1.00 17.83 ? 102 LYS X CA  1 
ATOM   804  C  C   . LYS A 1 102 ? 8.682   5.279   -4.719  1.00 15.81 ? 102 LYS X C   1 
ATOM   805  O  O   . LYS A 1 102 ? 8.428   5.571   -3.577  1.00 16.40 ? 102 LYS X O   1 
ATOM   806  C  CB  . LYS A 1 102 ? 10.799  6.270   -5.584  1.00 17.55 ? 102 LYS X CB  1 
ATOM   807  C  CG  . LYS A 1 102 ? 10.842  7.334   -4.472  1.00 23.42 ? 102 LYS X CG  1 
ATOM   808  C  CD  . LYS A 1 102 ? 12.196  8.014   -4.353  1.00 28.85 ? 102 LYS X CD  1 
ATOM   809  C  CE  . LYS A 1 102 ? 12.380  8.603   -2.927  1.00 32.03 ? 102 LYS X CE  1 
ATOM   810  N  NZ  . LYS A 1 102 ? 13.431  7.895   -2.125  1.00 30.29 ? 102 LYS X NZ  1 
ATOM   811  N  N   . TYR A 1 103 ? 7.759   5.242   -5.693  1.00 15.36 ? 103 TYR X N   1 
ATOM   812  C  CA  . TYR A 1 103 ? 6.331   5.487   -5.367  1.00 14.65 ? 103 TYR X CA  1 
ATOM   813  C  C   . TYR A 1 103 ? 5.789   4.393   -4.468  1.00 14.97 ? 103 TYR X C   1 
ATOM   814  O  O   . TYR A 1 103 ? 4.918   4.676   -3.650  1.00 13.09 ? 103 TYR X O   1 
ATOM   815  C  CB  . TYR A 1 103 ? 5.471   5.593   -6.610  1.00 14.57 ? 103 TYR X CB  1 
ATOM   816  C  CG  . TYR A 1 103 ? 5.705   6.831   -7.468  1.00 18.76 ? 103 TYR X CG  1 
ATOM   817  C  CD1 . TYR A 1 103 ? 6.757   7.719   -7.215  1.00 21.02 ? 103 TYR X CD1 1 
ATOM   818  C  CD2 . TYR A 1 103 ? 4.876   7.081   -8.576  1.00 17.87 ? 103 TYR X CD2 1 
ATOM   819  C  CE1 . TYR A 1 103 ? 6.962   8.862   -8.067  1.00 19.24 ? 103 TYR X CE1 1 
ATOM   820  C  CE2 . TYR A 1 103 ? 5.080   8.165   -9.398  1.00 17.93 ? 103 TYR X CE2 1 
ATOM   821  C  CZ  . TYR A 1 103 ? 6.102   9.030   -9.169  1.00 19.32 ? 103 TYR X CZ  1 
ATOM   822  O  OH  . TYR A 1 103 ? 6.214   10.094  -10.063 1.00 23.12 ? 103 TYR X OH  1 
ATOM   823  N  N   . LEU A 1 104 ? 6.280   3.153   -4.639  1.00 13.52 ? 104 LEU X N   1 
ATOM   824  C  CA  . LEU A 1 104 ? 5.886   2.049   -3.702  1.00 14.08 ? 104 LEU X CA  1 
ATOM   825  C  C   . LEU A 1 104 ? 6.472   2.267   -2.321  1.00 13.82 ? 104 LEU X C   1 
ATOM   826  O  O   . LEU A 1 104 ? 5.858   1.924   -1.301  1.00 13.23 ? 104 LEU X O   1 
ATOM   827  C  CB  . LEU A 1 104 ? 6.228   0.652   -4.244  1.00 14.42 ? 104 LEU X CB  1 
ATOM   828  C  CG  . LEU A 1 104 ? 5.487   0.449   -5.584  1.00 15.97 ? 104 LEU X CG  1 
ATOM   829  C  CD1 . LEU A 1 104 ? 6.101   -0.681  -6.351  1.00 21.39 ? 104 LEU X CD1 1 
ATOM   830  C  CD2 . LEU A 1 104 ? 3.958   0.242   -5.377  1.00 20.23 ? 104 LEU X CD2 1 
ATOM   831  N  N   . GLU A 1 105 ? 7.684   2.786   -2.285  1.00 13.25 ? 105 GLU X N   1 
ATOM   832  C  CA  . GLU A 1 105 ? 8.261   3.248   -1.023  1.00 13.61 ? 105 GLU X CA  1 
ATOM   833  C  C   . GLU A 1 105 ? 7.379   4.364   -0.391  1.00 12.95 ? 105 GLU X C   1 
ATOM   834  O  O   . GLU A 1 105 ? 7.025   4.268   0.769   1.00 12.97 ? 105 GLU X O   1 
ATOM   835  C  CB  . GLU A 1 105 ? 9.683   3.724   -1.235  1.00 13.88 ? 105 GLU X CB  1 
ATOM   836  C  CG  . GLU A 1 105 ? 10.218  4.504   -0.031  1.00 18.18 ? 105 GLU X CG  1 
ATOM   837  C  CD  . GLU A 1 105 ? 11.499  5.252   -0.335  1.00 22.96 ? 105 GLU X CD  1 
ATOM   838  O  OE1 . GLU A 1 105 ? 11.715  5.765   -1.460  1.00 29.45 ? 105 GLU X OE1 1 
ATOM   839  O  OE2 . GLU A 1 105 ? 12.310  5.343   0.573   1.00 26.05 ? 105 GLU X OE2 1 
ATOM   840  N  N   . PHE A 1 106 ? 6.963   5.358   -1.177  1.00 13.18 ? 106 PHE X N   1 
ATOM   841  C  CA  . PHE A 1 106 ? 6.064   6.387   -0.637  1.00 14.37 ? 106 PHE X CA  1 
ATOM   842  C  C   . PHE A 1 106 ? 4.780   5.779   -0.004  1.00 13.83 ? 106 PHE X C   1 
ATOM   843  O  O   . PHE A 1 106 ? 4.357   6.202   1.077   1.00 13.88 ? 106 PHE X O   1 
ATOM   844  C  CB  . PHE A 1 106 ? 5.616   7.369   -1.698  1.00 14.18 ? 106 PHE X CB  1 
ATOM   845  C  CG  . PHE A 1 106 ? 6.721   8.218   -2.320  1.00 17.59 ? 106 PHE X CG  1 
ATOM   846  C  CD1 . PHE A 1 106 ? 7.868   8.552   -1.614  1.00 18.94 ? 106 PHE X CD1 1 
ATOM   847  C  CD2 . PHE A 1 106 ? 6.538   8.743   -3.615  1.00 21.10 ? 106 PHE X CD2 1 
ATOM   848  C  CE1 . PHE A 1 106 ? 8.836   9.386   -2.188  1.00 20.78 ? 106 PHE X CE1 1 
ATOM   849  C  CE2 . PHE A 1 106 ? 7.507   9.586   -4.212  1.00 17.64 ? 106 PHE X CE2 1 
ATOM   850  C  CZ  . PHE A 1 106 ? 8.655   9.907   -3.475  1.00 18.79 ? 106 PHE X CZ  1 
ATOM   851  N  N   . ILE A 1 107 ? 4.105   4.895   -0.743  1.00 13.40 ? 107 ILE X N   1 
ATOM   852  C  CA  . ILE A 1 107 ? 2.821   4.314   -0.267  1.00 12.35 ? 107 ILE X CA  1 
ATOM   853  C  C   . ILE A 1 107 ? 3.017   3.397   0.923   1.00 12.94 ? 107 ILE X C   1 
ATOM   854  O  O   . ILE A 1 107 ? 2.109   3.276   1.739   1.00 12.75 ? 107 ILE X O   1 
ATOM   855  C  CB  . ILE A 1 107 ? 1.970   3.628   -1.407  1.00 12.41 ? 107 ILE X CB  1 
ATOM   856  C  CG1 . ILE A 1 107 ? 0.461   3.651   -1.035  1.00 12.25 ? 107 ILE X CG1 1 
ATOM   857  C  CG2 . ILE A 1 107 ? 2.481   2.145   -1.733  1.00 9.00  ? 107 ILE X CG2 1 
ATOM   858  C  CD1 . ILE A 1 107 ? -0.492  3.137   -2.140  1.00 12.23 ? 107 ILE X CD1 1 
ATOM   859  N  N   . SER A 1 108 ? 4.200   2.766   1.037   1.00 11.65 ? 108 SER X N   1 
ATOM   860  C  CA  . SER A 1 108 ? 4.531   1.966   2.222   1.00 13.82 ? 108 SER X CA  1 
ATOM   861  C  C   . SER A 1 108 ? 4.573   2.899   3.455   1.00 13.63 ? 108 SER X C   1 
ATOM   862  O  O   . SER A 1 108 ? 3.951   2.609   4.462   1.00 11.24 ? 108 SER X O   1 
ATOM   863  C  CB  . SER A 1 108 ? 5.914   1.298   2.080   1.00 12.96 ? 108 SER X CB  1 
ATOM   864  O  OG  . SER A 1 108 ? 5.841   0.300   1.080   1.00 16.74 ? 108 SER X OG  1 
ATOM   865  N  N   . ASP A 1 109 ? 5.247   4.050   3.304   1.00 14.99 ? 109 ASP X N   1 
ATOM   866  C  CA  . ASP A 1 109 ? 5.393   5.022   4.397   1.00 15.21 ? 109 ASP X CA  1 
ATOM   867  C  C   . ASP A 1 109 ? 3.996   5.582   4.727   1.00 15.16 ? 109 ASP X C   1 
ATOM   868  O  O   . ASP A 1 109 ? 3.682   5.816   5.871   1.00 14.31 ? 109 ASP X O   1 
ATOM   869  C  CB  . ASP A 1 109 ? 6.308   6.188   3.987   1.00 16.28 ? 109 ASP X CB  1 
ATOM   870  C  CG  . ASP A 1 109 ? 7.794   5.758   3.860   1.00 17.97 ? 109 ASP X CG  1 
ATOM   871  O  OD1 . ASP A 1 109 ? 8.203   4.752   4.449   1.00 23.13 ? 109 ASP X OD1 1 
ATOM   872  O  OD2 . ASP A 1 109 ? 8.524   6.444   3.171   1.00 22.64 ? 109 ASP X OD2 1 
ATOM   873  N  N   . ALA A 1 110 ? 3.179   5.792   3.699   1.00 14.22 ? 110 ALA X N   1 
ATOM   874  C  CA  . ALA A 1 110 ? 1.817   6.295   3.900   1.00 13.26 ? 110 ALA X CA  1 
ATOM   875  C  C   . ALA A 1 110 ? 0.986   5.290   4.733   1.00 13.49 ? 110 ALA X C   1 
ATOM   876  O  O   . ALA A 1 110 ? 0.248   5.693   5.609   1.00 14.25 ? 110 ALA X O   1 
ATOM   877  C  CB  . ALA A 1 110 ? 1.129   6.563   2.536   1.00 14.35 ? 110 ALA X CB  1 
ATOM   878  N  N   . ILE A 1 111 ? 1.068   4.001   4.423   1.00 12.94 ? 111 ILE X N   1 
ATOM   879  C  CA  . ILE A 1 111 ? 0.405   2.947   5.229   1.00 13.07 ? 111 ILE X CA  1 
ATOM   880  C  C   . ILE A 1 111 ? 0.815   3.030   6.717   1.00 14.22 ? 111 ILE X C   1 
ATOM   881  O  O   . ILE A 1 111 ? -0.044  2.994   7.598   1.00 14.45 ? 111 ILE X O   1 
ATOM   882  C  CB  . ILE A 1 111 ? 0.654   1.545   4.635   1.00 11.45 ? 111 ILE X CB  1 
ATOM   883  C  CG1 . ILE A 1 111 ? -0.069  1.430   3.225   1.00 11.93 ? 111 ILE X CG1 1 
ATOM   884  C  CG2 . ILE A 1 111 ? 0.230   0.439   5.644   1.00 11.33 ? 111 ILE X CG2 1 
ATOM   885  C  CD1 . ILE A 1 111 ? 0.265   0.144   2.482   1.00 14.55 ? 111 ILE X CD1 1 
ATOM   886  N  N   . ILE A 1 112 ? 2.119   3.142   6.977   1.00 14.09 ? 112 ILE X N   1 
ATOM   887  C  CA  . ILE A 1 112 ? 2.624   3.287   8.367   1.00 13.84 ? 112 ILE X CA  1 
ATOM   888  C  C   . ILE A 1 112 ? 2.028   4.550   9.063   1.00 14.53 ? 112 ILE X C   1 
ATOM   889  O  O   . ILE A 1 112 ? 1.568   4.481   10.209  1.00 12.89 ? 112 ILE X O   1 
ATOM   890  C  CB  . ILE A 1 112 ? 4.138   3.291   8.397   1.00 14.43 ? 112 ILE X CB  1 
ATOM   891  C  CG1 . ILE A 1 112 ? 4.728   1.958   7.876   1.00 13.61 ? 112 ILE X CG1 1 
ATOM   892  C  CG2 . ILE A 1 112 ? 4.683   3.518   9.857   1.00 13.58 ? 112 ILE X CG2 1 
ATOM   893  C  CD1 . ILE A 1 112 ? 4.225   0.679   8.628   1.00 16.05 ? 112 ILE X CD1 1 
ATOM   894  N  N   . HIS A 1 113 ? 2.039   5.677   8.362   1.00 13.89 ? 113 HIS X N   1 
ATOM   895  C  CA  . HIS A 1 113 ? 1.510   6.904   8.917   1.00 14.77 ? 113 HIS X CA  1 
ATOM   896  C  C   . HIS A 1 113 ? 0.004   6.782   9.249   1.00 14.47 ? 113 HIS X C   1 
ATOM   897  O  O   . HIS A 1 113 ? -0.423  7.144   10.348  1.00 12.71 ? 113 HIS X O   1 
ATOM   898  C  CB  . HIS A 1 113 ? 1.729   8.078   7.953   1.00 15.19 ? 113 HIS X CB  1 
ATOM   899  C  CG  . HIS A 1 113 ? 1.142   9.361   8.455   1.00 22.41 ? 113 HIS X CG  1 
ATOM   900  N  ND1 . HIS A 1 113 ? 1.814   10.194  9.320   1.00 25.47 ? 113 HIS X ND1 1 
ATOM   901  C  CD2 . HIS A 1 113 ? -0.089  9.902   8.288   1.00 24.73 ? 113 HIS X CD2 1 
ATOM   902  C  CE1 . HIS A 1 113 ? 1.035   11.209  9.643   1.00 27.15 ? 113 HIS X CE1 1 
ATOM   903  N  NE2 . HIS A 1 113 ? -0.125  11.055  9.027   1.00 27.59 ? 113 HIS X NE2 1 
ATOM   904  N  N   . VAL A 1 114 ? -0.794  6.325   8.265   1.00 13.83 ? 114 VAL X N   1 
ATOM   905  C  CA  . VAL A 1 114 ? -2.225  6.105   8.474   1.00 13.80 ? 114 VAL X CA  1 
ATOM   906  C  C   . VAL A 1 114 ? -2.567  5.119   9.633   1.00 13.49 ? 114 VAL X C   1 
ATOM   907  O  O   . VAL A 1 114 ? -3.553  5.311   10.381  1.00 13.39 ? 114 VAL X O   1 
ATOM   908  C  CB  . VAL A 1 114 ? -2.928  5.625   7.167   1.00 13.32 ? 114 VAL X CB  1 
ATOM   909  C  CG1 . VAL A 1 114 ? -4.344  5.199   7.495   1.00 13.31 ? 114 VAL X CG1 1 
ATOM   910  C  CG2 . VAL A 1 114 ? -2.945  6.757   6.119   1.00 13.84 ? 114 VAL X CG2 1 
ATOM   911  N  N   . LEU A 1 115 ? -1.782  4.046   9.784   1.00 13.64 ? 115 LEU X N   1 
ATOM   912  C  CA  . LEU A 1 115 ? -2.008  3.155   10.924  1.00 14.10 ? 115 LEU X CA  1 
ATOM   913  C  C   . LEU A 1 115 ? -1.813  3.907   12.271  1.00 14.82 ? 115 LEU X C   1 
ATOM   914  O  O   . LEU A 1 115 ? -2.610  3.765   13.192  1.00 13.16 ? 115 LEU X O   1 
ATOM   915  C  CB  . LEU A 1 115 ? -1.080  1.914   10.874  1.00 15.01 ? 115 LEU X CB  1 
ATOM   916  C  CG  . LEU A 1 115 ? -1.459  0.911   9.799   1.00 15.73 ? 115 LEU X CG  1 
ATOM   917  C  CD1 . LEU A 1 115 ? -0.342  -0.144  9.558   1.00 14.45 ? 115 LEU X CD1 1 
ATOM   918  C  CD2 . LEU A 1 115 ? -2.797  0.300   10.200  1.00 18.14 ? 115 LEU X CD2 1 
ATOM   919  N  N   . HIS A 1 116 ? -0.775  4.723   12.346  1.00 14.61 ? 116 HIS X N   1 
ATOM   920  C  CA  . HIS A 1 116 ? -0.549  5.559   13.548  1.00 16.39 ? 116 HIS X CA  1 
ATOM   921  C  C   . HIS A 1 116 ? -1.697  6.586   13.712  1.00 16.96 ? 116 HIS X C   1 
ATOM   922  O  O   . HIS A 1 116 ? -2.227  6.775   14.845  1.00 15.46 ? 116 HIS X O   1 
ATOM   923  C  CB  . HIS A 1 116 ? 0.834   6.248   13.483  1.00 16.07 ? 116 HIS X CB  1 
ATOM   924  C  CG  . HIS A 1 116 ? 1.978   5.369   13.948  1.00 18.17 ? 116 HIS X CG  1 
ATOM   925  N  ND1 . HIS A 1 116 ? 2.072   4.874   15.238  1.00 12.21 ? 116 HIS X ND1 1 
ATOM   926  C  CD2 . HIS A 1 116 ? 3.071   4.902   13.287  1.00 16.60 ? 116 HIS X CD2 1 
ATOM   927  C  CE1 . HIS A 1 116 ? 3.163   4.145   15.347  1.00 14.44 ? 116 HIS X CE1 1 
ATOM   928  N  NE2 . HIS A 1 116 ? 3.800   4.161   14.186  1.00 14.82 ? 116 HIS X NE2 1 
ATOM   929  N  N   . SER A 1 117 ? -2.080  7.225   12.586  1.00 17.34 ? 117 SER X N   1 
ATOM   930  C  CA  . SER A 1 117 ? -3.120  8.280   12.622  1.00 19.31 ? 117 SER X CA  1 
ATOM   931  C  C   . SER A 1 117 ? -4.479  7.741   13.110  1.00 19.80 ? 117 SER X C   1 
ATOM   932  O  O   . SER A 1 117 ? -5.187  8.380   13.925  1.00 16.76 ? 117 SER X O   1 
ATOM   933  C  CB  . SER A 1 117 ? -3.293  8.908   11.243  1.00 18.50 ? 117 SER X CB  1 
ATOM   934  O  OG  . SER A 1 117 ? -4.151  10.033  11.315  1.00 22.56 ? 117 SER X OG  1 
ATOM   935  N  N   . LYS A 1 118 ? -4.826  6.548   12.615  1.00 19.30 ? 118 LYS X N   1 
ATOM   936  C  CA  . LYS A 1 118 ? -6.130  5.925   12.933  1.00 20.24 ? 118 LYS X CA  1 
ATOM   937  C  C   . LYS A 1 118 ? -6.079  5.072   14.204  1.00 19.67 ? 118 LYS X C   1 
ATOM   938  O  O   . LYS A 1 118 ? -7.123  4.803   14.794  1.00 19.48 ? 118 LYS X O   1 
ATOM   939  C  CB  . LYS A 1 118 ? -6.659  5.091   11.741  1.00 18.77 ? 118 LYS X CB  1 
ATOM   940  C  CG  . LYS A 1 118 ? -7.048  5.963   10.567  1.00 19.49 ? 118 LYS X CG  1 
ATOM   941  C  CD  . LYS A 1 118 ? -7.358  5.172   9.295   1.00 21.78 ? 118 LYS X CD  1 
ATOM   942  C  CE  . LYS A 1 118 ? -8.861  4.891   9.173   1.00 27.99 ? 118 LYS X CE  1 
ATOM   943  N  NZ  . LYS A 1 118 ? -9.720  6.130   9.214   1.00 25.27 ? 118 LYS X NZ  1 
ATOM   944  N  N   . HIS A 1 119 ? -4.882  4.670   14.637  1.00 19.22 ? 119 HIS X N   1 
ATOM   945  C  CA  . HIS A 1 119 ? -4.738  3.822   15.854  1.00 19.94 ? 119 HIS X CA  1 
ATOM   946  C  C   . HIS A 1 119 ? -3.660  4.368   16.818  1.00 19.66 ? 119 HIS X C   1 
ATOM   947  O  O   . HIS A 1 119 ? -2.723  3.666   17.162  1.00 19.55 ? 119 HIS X O   1 
ATOM   948  C  CB  . HIS A 1 119 ? -4.496  2.352   15.459  1.00 18.98 ? 119 HIS X CB  1 
ATOM   949  C  CG  . HIS A 1 119 ? -5.378  1.913   14.323  1.00 20.55 ? 119 HIS X CG  1 
ATOM   950  N  ND1 . HIS A 1 119 ? -6.668  1.453   14.514  1.00 17.05 ? 119 HIS X ND1 1 
ATOM   951  C  CD2 . HIS A 1 119 ? -5.187  1.950   12.980  1.00 20.31 ? 119 HIS X CD2 1 
ATOM   952  C  CE1 . HIS A 1 119 ? -7.220  1.201   13.336  1.00 19.66 ? 119 HIS X CE1 1 
ATOM   953  N  NE2 . HIS A 1 119 ? -6.338  1.478   12.391  1.00 20.16 ? 119 HIS X NE2 1 
ATOM   954  N  N   . PRO A 1 120 ? -3.783  5.664   17.187  1.00 20.80 ? 120 PRO X N   1 
ATOM   955  C  CA  . PRO A 1 120 ? -2.717  6.340   17.994  1.00 20.48 ? 120 PRO X CA  1 
ATOM   956  C  C   . PRO A 1 120 ? -2.534  5.580   19.308  1.00 22.05 ? 120 PRO X C   1 
ATOM   957  O  O   . PRO A 1 120 ? -3.525  5.272   19.959  1.00 22.38 ? 120 PRO X O   1 
ATOM   958  C  CB  . PRO A 1 120 ? -3.288  7.726   18.231  1.00 20.14 ? 120 PRO X CB  1 
ATOM   959  C  CG  . PRO A 1 120 ? -4.801  7.593   18.043  1.00 19.87 ? 120 PRO X CG  1 
ATOM   960  C  CD  . PRO A 1 120 ? -4.932  6.566   16.918  1.00 19.01 ? 120 PRO X CD  1 
ATOM   961  N  N   . GLY A 1 121 ? -1.323  5.166   19.645  1.00 22.11 ? 121 GLY X N   1 
ATOM   962  C  CA  . GLY A 1 121 ? -1.192  4.376   20.895  1.00 24.52 ? 121 GLY X CA  1 
ATOM   963  C  C   . GLY A 1 121 ? -1.715  2.937   20.892  1.00 24.20 ? 121 GLY X C   1 
ATOM   964  O  O   . GLY A 1 121 ? -1.478  2.183   21.854  1.00 24.22 ? 121 GLY X O   1 
ATOM   965  N  N   . ASP A 1 122 ? -2.377  2.535   19.797  1.00 24.61 ? 122 ASP X N   1 
ATOM   966  C  CA  . ASP A 1 122 ? -2.798  1.171   19.586  1.00 23.82 ? 122 ASP X CA  1 
ATOM   967  C  C   . ASP A 1 122 ? -1.940  0.501   18.488  1.00 23.83 ? 122 ASP X C   1 
ATOM   968  O  O   . ASP A 1 122 ? -2.346  -0.498  17.959  1.00 23.76 ? 122 ASP X O   1 
ATOM   969  C  CB  . ASP A 1 122 ? -4.294  1.110   19.156  1.00 25.66 ? 122 ASP X CB  1 
ATOM   970  C  CG  . ASP A 1 122 ? -4.769  -0.325  18.920  1.00 26.66 ? 122 ASP X CG  1 
ATOM   971  O  OD1 . ASP A 1 122 ? -4.396  -1.224  19.698  1.00 30.49 ? 122 ASP X OD1 1 
ATOM   972  O  OD2 . ASP A 1 122 ? -5.460  -0.601  17.943  1.00 30.91 ? 122 ASP X OD2 1 
ATOM   973  N  N   . PHE A 1 123 ? -0.777  1.065   18.111  1.00 22.54 ? 123 PHE X N   1 
ATOM   974  C  CA  . PHE A 1 123 ? 0.063   0.436   17.039  1.00 21.23 ? 123 PHE X CA  1 
ATOM   975  C  C   . PHE A 1 123 ? 1.505   0.563   17.539  1.00 20.62 ? 123 PHE X C   1 
ATOM   976  O  O   . PHE A 1 123 ? 2.217   1.543   17.268  1.00 19.69 ? 123 PHE X O   1 
ATOM   977  C  CB  . PHE A 1 123 ? -0.293  1.049   15.646  1.00 21.42 ? 123 PHE X CB  1 
ATOM   978  C  CG  . PHE A 1 123 ? 0.630   0.678   14.486  1.00 22.21 ? 123 PHE X CG  1 
ATOM   979  C  CD1 . PHE A 1 123 ? 0.814   -0.648  14.097  1.00 19.46 ? 123 PHE X CD1 1 
ATOM   980  C  CD2 . PHE A 1 123 ? 1.266   1.698   13.745  1.00 18.45 ? 123 PHE X CD2 1 
ATOM   981  C  CE1 . PHE A 1 123 ? 1.663   -0.992  13.014  1.00 17.80 ? 123 PHE X CE1 1 
ATOM   982  C  CE2 . PHE A 1 123 ? 2.113   1.373   12.653  1.00 19.59 ? 123 PHE X CE2 1 
ATOM   983  C  CZ  . PHE A 1 123 ? 2.306   0.024   12.278  1.00 17.33 ? 123 PHE X CZ  1 
ATOM   984  N  N   . GLY A 1 124 ? 1.884   -0.464  18.306  1.00 18.91 ? 124 GLY X N   1 
ATOM   985  C  CA  . GLY A 1 124 ? 3.057   -0.420  19.151  1.00 19.30 ? 124 GLY X CA  1 
ATOM   986  C  C   . GLY A 1 124 ? 4.336   -0.645  18.372  1.00 17.82 ? 124 GLY X C   1 
ATOM   987  O  O   . GLY A 1 124 ? 4.314   -0.904  17.178  1.00 18.41 ? 124 GLY X O   1 
ATOM   988  N  N   . ALA A 1 125 ? 5.444   -0.544  19.089  1.00 16.78 ? 125 ALA X N   1 
ATOM   989  C  CA  . ALA A 1 125 ? 6.757   -0.569  18.545  1.00 15.10 ? 125 ALA X CA  1 
ATOM   990  C  C   . ALA A 1 125 ? 7.000   -1.901  17.828  1.00 15.82 ? 125 ALA X C   1 
ATOM   991  O  O   . ALA A 1 125 ? 7.537   -1.889  16.731  1.00 15.38 ? 125 ALA X O   1 
ATOM   992  C  CB  . ALA A 1 125 ? 7.812   -0.307  19.687  1.00 16.89 ? 125 ALA X CB  1 
ATOM   993  N  N   . ASP A 1 126 ? 6.558   -3.014  18.435  1.00 15.03 ? 126 ASP X N   1 
ATOM   994  C  CA  . ASP A 1 126 ? 6.649   -4.358  17.840  1.00 17.17 ? 126 ASP X CA  1 
ATOM   995  C  C   . ASP A 1 126 ? 5.871   -4.444  16.518  1.00 15.78 ? 126 ASP X C   1 
ATOM   996  O  O   . ASP A 1 126 ? 6.396   -4.888  15.503  1.00 13.99 ? 126 ASP X O   1 
ATOM   997  C  CB  . ASP A 1 126 ? 6.211   -5.469  18.826  1.00 17.99 ? 126 ASP X CB  1 
ATOM   998  C  CG  . ASP A 1 126 ? 4.800   -5.251  19.472  1.00 23.09 ? 126 ASP X CG  1 
ATOM   999  O  OD1 . ASP A 1 126 ? 4.054   -4.263  19.160  1.00 29.28 ? 126 ASP X OD1 1 
ATOM   1000 O  OD2 . ASP A 1 126 ? 4.429   -6.139  20.328  1.00 27.58 ? 126 ASP X OD2 1 
ATOM   1001 N  N   . ALA A 1 127 ? 4.646   -3.922  16.553  1.00 15.50 ? 127 ALA X N   1 
ATOM   1002 C  CA  . ALA A 1 127 ? 3.732   -3.977  15.404  1.00 16.04 ? 127 ALA X CA  1 
ATOM   1003 C  C   . ALA A 1 127 ? 4.228   -3.158  14.162  1.00 16.92 ? 127 ALA X C   1 
ATOM   1004 O  O   . ALA A 1 127 ? 4.138   -3.606  12.973  1.00 15.96 ? 127 ALA X O   1 
ATOM   1005 C  CB  . ALA A 1 127 ? 2.377   -3.552  15.859  1.00 16.72 ? 127 ALA X CB  1 
ATOM   1006 N  N   . GLN A 1 128 ? 4.696   -1.954  14.446  1.00 16.47 ? 128 GLN X N   1 
ATOM   1007 C  CA  . GLN A 1 128 ? 5.395   -1.140  13.468  1.00 17.19 ? 128 GLN X CA  1 
ATOM   1008 C  C   . GLN A 1 128 ? 6.545   -1.886  12.794  1.00 16.68 ? 128 GLN X C   1 
ATOM   1009 O  O   . GLN A 1 128 ? 6.573   -1.957  11.555  1.00 15.82 ? 128 GLN X O   1 
ATOM   1010 C  CB  . GLN A 1 128 ? 5.884   0.202   14.023  1.00 17.54 ? 128 GLN X CB  1 
ATOM   1011 C  CG  . GLN A 1 128 ? 6.470   1.025   12.858  1.00 18.24 ? 128 GLN X CG  1 
ATOM   1012 C  CD  . GLN A 1 128 ? 6.893   2.454   13.164  1.00 17.79 ? 128 GLN X CD  1 
ATOM   1013 O  OE1 . GLN A 1 128 ? 7.750   3.030   12.437  1.00 23.03 ? 128 GLN X OE1 1 
ATOM   1014 N  NE2 . GLN A 1 128 ? 6.340   3.039   14.206  1.00 19.46 ? 128 GLN X NE2 1 
ATOM   1015 N  N   . GLY A 1 129 ? 7.496   -2.373  13.605  1.00 16.58 ? 129 GLY X N   1 
ATOM   1016 C  CA  . GLY A 1 129 ? 8.564   -3.289  13.142  1.00 17.22 ? 129 GLY X CA  1 
ATOM   1017 C  C   . GLY A 1 129 ? 8.093   -4.420  12.220  1.00 17.02 ? 129 GLY X C   1 
ATOM   1018 O  O   . GLY A 1 129 ? 8.633   -4.608  11.118  1.00 17.57 ? 129 GLY X O   1 
ATOM   1019 N  N   . ALA A 1 130 ? 7.101   -5.191  12.647  1.00 16.77 ? 130 ALA X N   1 
ATOM   1020 C  CA  . ALA A 1 130 ? 6.694   -6.370  11.888  1.00 16.39 ? 130 ALA X CA  1 
ATOM   1021 C  C   . ALA A 1 130 ? 6.040   -5.907  10.580  1.00 15.90 ? 130 ALA X C   1 
ATOM   1022 O  O   . ALA A 1 130 ? 6.371   -6.405  9.530   1.00 16.37 ? 130 ALA X O   1 
ATOM   1023 C  CB  . ALA A 1 130 ? 5.743   -7.285  12.732  1.00 15.43 ? 130 ALA X CB  1 
ATOM   1024 N  N   . MET A 1 131 ? 5.142   -4.920  10.654  1.00 16.85 ? 131 MET X N   1 
ATOM   1025 C  CA  . MET A 1 131 ? 4.463   -4.360  9.454   1.00 16.71 ? 131 MET X CA  1 
ATOM   1026 C  C   . MET A 1 131 ? 5.452   -3.697  8.439   1.00 17.28 ? 131 MET X C   1 
ATOM   1027 O  O   . MET A 1 131 ? 5.293   -3.830  7.219   1.00 13.76 ? 131 MET X O   1 
ATOM   1028 C  CB  . MET A 1 131 ? 3.388   -3.328  9.867   1.00 17.00 ? 131 MET X CB  1 
ATOM   1029 C  CG  . MET A 1 131 ? 2.590   -2.799  8.668   1.00 17.75 ? 131 MET X CG  1 
ATOM   1030 S  SD  . MET A 1 131 ? 1.795   -4.067  7.581   1.00 22.40 ? 131 MET X SD  1 
ATOM   1031 C  CE  . MET A 1 131 ? 0.628   -4.796  8.680   1.00 17.19 ? 131 MET X CE  1 
ATOM   1032 N  N   . THR A 1 132 ? 6.446   -2.987  8.975   1.00 15.32 ? 132 THR X N   1 
ATOM   1033 C  CA  . THR A 1 132 ? 7.561   -2.408  8.154   1.00 16.40 ? 132 THR X CA  1 
ATOM   1034 C  C   . THR A 1 132 ? 8.337   -3.484  7.399   1.00 17.31 ? 132 THR X C   1 
ATOM   1035 O  O   . THR A 1 132 ? 8.550   -3.363  6.178   1.00 17.40 ? 132 THR X O   1 
ATOM   1036 C  CB  . THR A 1 132 ? 8.539   -1.560  9.020   1.00 16.51 ? 132 THR X CB  1 
ATOM   1037 O  OG1 . THR A 1 132 ? 7.819   -0.465  9.590   1.00 16.00 ? 132 THR X OG1 1 
ATOM   1038 C  CG2 . THR A 1 132 ? 9.747   -1.004  8.163   1.00 14.60 ? 132 THR X CG2 1 
ATOM   1039 N  N   . LYS A 1 133 ? 8.736   -4.548  8.113   1.00 17.64 ? 133 LYS X N   1 
ATOM   1040 C  CA  . LYS A 1 133 ? 9.293   -5.753  7.448   1.00 18.13 ? 133 LYS X CA  1 
ATOM   1041 C  C   . LYS A 1 133 ? 8.440   -6.323  6.359   1.00 16.68 ? 133 LYS X C   1 
ATOM   1042 O  O   . LYS A 1 133 ? 8.975   -6.712  5.327   1.00 16.32 ? 133 LYS X O   1 
ATOM   1043 C  CB  . LYS A 1 133 ? 9.622   -6.899  8.427   1.00 17.45 ? 133 LYS X CB  1 
ATOM   1044 C  CG  . LYS A 1 133 ? 11.013  -6.766  8.991   1.00 22.00 ? 133 LYS X CG  1 
ATOM   1045 C  CD  . LYS A 1 133 ? 11.339  -7.822  10.037  1.00 23.20 ? 133 LYS X CD  1 
ATOM   1046 C  CE  . LYS A 1 133 ? 11.813  -9.130  9.373   1.00 27.21 ? 133 LYS X CE  1 
ATOM   1047 N  NZ  . LYS A 1 133 ? 12.551  -10.077 10.350  1.00 29.71 ? 133 LYS X NZ  1 
ATOM   1048 N  N   . ALA A 1 134 ? 7.145   -6.491  6.623   1.00 15.85 ? 134 ALA X N   1 
ATOM   1049 C  CA  . ALA A 1 134 ? 6.232   -7.042  5.607   1.00 15.48 ? 134 ALA X CA  1 
ATOM   1050 C  C   . ALA A 1 134 ? 6.196   -6.166  4.368   1.00 15.41 ? 134 ALA X C   1 
ATOM   1051 O  O   . ALA A 1 134 ? 6.158   -6.689  3.255   1.00 15.14 ? 134 ALA X O   1 
ATOM   1052 C  CB  . ALA A 1 134 ? 4.799   -7.253  6.170   1.00 15.46 ? 134 ALA X CB  1 
ATOM   1053 N  N   . LEU A 1 135 ? 6.152   -4.850  4.574   1.00 15.09 ? 135 LEU X N   1 
ATOM   1054 C  CA  . LEU A 1 135 ? 6.056   -3.886  3.484   1.00 14.66 ? 135 LEU X CA  1 
ATOM   1055 C  C   . LEU A 1 135 ? 7.356   -3.802  2.691   1.00 14.21 ? 135 LEU X C   1 
ATOM   1056 O  O   . LEU A 1 135 ? 7.339   -3.642  1.468   1.00 14.69 ? 135 LEU X O   1 
ATOM   1057 C  CB  . LEU A 1 135 ? 5.632   -2.506  3.998   1.00 13.66 ? 135 LEU X CB  1 
ATOM   1058 C  CG  . LEU A 1 135 ? 4.166   -2.451  4.475   1.00 13.70 ? 135 LEU X CG  1 
ATOM   1059 C  CD1 . LEU A 1 135 ? 3.854   -1.057  5.179   1.00 14.03 ? 135 LEU X CD1 1 
ATOM   1060 C  CD2 . LEU A 1 135 ? 3.106   -2.812  3.356   1.00 12.55 ? 135 LEU X CD2 1 
ATOM   1061 N  N   . GLU A 1 136 ? 8.476   -3.925  3.392   1.00 13.33 ? 136 GLU X N   1 
ATOM   1062 C  CA  . GLU A 1 136 ? 9.788   -4.019  2.720   1.00 13.68 ? 136 GLU X CA  1 
ATOM   1063 C  C   . GLU A 1 136 ? 9.875   -5.287  1.882   1.00 13.09 ? 136 GLU X C   1 
ATOM   1064 O  O   . GLU A 1 136 ? 10.403  -5.217  0.782   1.00 12.90 ? 136 GLU X O   1 
ATOM   1065 C  CB  . GLU A 1 136 ? 10.940  -3.981  3.747   1.00 13.74 ? 136 GLU X CB  1 
ATOM   1066 C  CG  . GLU A 1 136 ? 11.041  -2.632  4.388   1.00 16.10 ? 136 GLU X CG  1 
ATOM   1067 C  CD  . GLU A 1 136 ? 12.070  -2.570  5.515   1.00 18.82 ? 136 GLU X CD  1 
ATOM   1068 O  OE1 . GLU A 1 136 ? 12.329  -3.583  6.163   1.00 20.27 ? 136 GLU X OE1 1 
ATOM   1069 O  OE2 . GLU A 1 136 ? 12.582  -1.475  5.777   1.00 23.13 ? 136 GLU X OE2 1 
ATOM   1070 N  N   . LEU A 1 137 ? 9.418   -6.441  2.410   1.00 12.84 ? 137 LEU X N   1 
ATOM   1071 C  CA  . LEU A 1 137 ? 9.414   -7.719  1.631   1.00 13.72 ? 137 LEU X CA  1 
ATOM   1072 C  C   . LEU A 1 137 ? 8.598   -7.562  0.343   1.00 12.37 ? 137 LEU X C   1 
ATOM   1073 O  O   . LEU A 1 137 ? 9.071   -7.930  -0.719  1.00 12.88 ? 137 LEU X O   1 
ATOM   1074 C  CB  . LEU A 1 137 ? 8.918   -8.946  2.428   1.00 12.34 ? 137 LEU X CB  1 
ATOM   1075 C  CG  . LEU A 1 137 ? 8.861   -10.369 1.805   1.00 15.15 ? 137 LEU X CG  1 
ATOM   1076 C  CD1 . LEU A 1 137 ? 10.243  -10.884 1.293   1.00 15.93 ? 137 LEU X CD1 1 
ATOM   1077 C  CD2 . LEU A 1 137 ? 8.275   -11.381 2.808   1.00 14.62 ? 137 LEU X CD2 1 
ATOM   1078 N  N   . PHE A 1 138 ? 7.391   -7.006  0.465   1.00 13.52 ? 138 PHE X N   1 
ATOM   1079 C  CA  . PHE A 1 138 ? 6.514   -6.689  -0.677  1.00 13.59 ? 138 PHE X CA  1 
ATOM   1080 C  C   . PHE A 1 138 ? 7.244   -5.854  -1.743  1.00 13.97 ? 138 PHE X C   1 
ATOM   1081 O  O   . PHE A 1 138 ? 7.313   -6.226  -2.912  1.00 13.21 ? 138 PHE X O   1 
ATOM   1082 C  CB  . PHE A 1 138 ? 5.321   -5.896  -0.133  1.00 14.00 ? 138 PHE X CB  1 
ATOM   1083 C  CG  . PHE A 1 138 ? 4.396   -5.288  -1.188  1.00 15.30 ? 138 PHE X CG  1 
ATOM   1084 C  CD1 . PHE A 1 138 ? 3.562   -6.092  -1.974  1.00 19.37 ? 138 PHE X CD1 1 
ATOM   1085 C  CD2 . PHE A 1 138 ? 4.330   -3.902  -1.350  1.00 17.01 ? 138 PHE X CD2 1 
ATOM   1086 C  CE1 . PHE A 1 138 ? 2.659   -5.528  -2.897  1.00 18.51 ? 138 PHE X CE1 1 
ATOM   1087 C  CE2 . PHE A 1 138 ? 3.419   -3.323  -2.265  1.00 19.28 ? 138 PHE X CE2 1 
ATOM   1088 C  CZ  . PHE A 1 138 ? 2.597   -4.140  -3.051  1.00 17.60 ? 138 PHE X CZ  1 
ATOM   1089 N  N   . ARG A 1 139 ? 7.783   -4.739  -1.306  1.00 13.94 ? 139 ARG X N   1 
ATOM   1090 C  CA  . ARG A 1 139 ? 8.507   -3.769  -2.144  1.00 15.48 ? 139 ARG X CA  1 
ATOM   1091 C  C   . ARG A 1 139 ? 9.766   -4.386  -2.798  1.00 15.93 ? 139 ARG X C   1 
ATOM   1092 O  O   . ARG A 1 139 ? 10.036  -4.147  -3.984  1.00 16.79 ? 139 ARG X O   1 
ATOM   1093 C  CB  . ARG A 1 139 ? 8.935   -2.613  -1.254  1.00 16.19 ? 139 ARG X CB  1 
ATOM   1094 C  CG  . ARG A 1 139 ? 9.215   -1.383  -1.965  1.00 20.47 ? 139 ARG X CG  1 
ATOM   1095 C  CD  . ARG A 1 139 ? 9.042   -0.154  -1.086  1.00 21.01 ? 139 ARG X CD  1 
ATOM   1096 N  NE  . ARG A 1 139 ? 10.112  0.105   -0.075  1.00 16.56 ? 139 ARG X NE  1 
ATOM   1097 C  CZ  . ARG A 1 139 ? 9.923   0.100   1.232   1.00 18.22 ? 139 ARG X CZ  1 
ATOM   1098 N  NH1 . ARG A 1 139 ? 8.741   -0.220  1.753   1.00 18.24 ? 139 ARG X NH1 1 
ATOM   1099 N  NH2 . ARG A 1 139 ? 10.930  0.368   2.040   1.00 20.14 ? 139 ARG X NH2 1 
ATOM   1100 N  N   . ASN A 1 140 ? 10.506  -5.180  -2.007  1.00 15.60 ? 140 ASN X N   1 
ATOM   1101 C  CA  . ASN A 1 140 ? 11.714  -5.870  -2.469  1.00 16.50 ? 140 ASN X CA  1 
ATOM   1102 C  C   . ASN A 1 140 ? 11.400  -6.940  -3.537  1.00 16.13 ? 140 ASN X C   1 
ATOM   1103 O  O   . ASN A 1 140 ? 12.167  -7.120  -4.487  1.00 15.40 ? 140 ASN X O   1 
ATOM   1104 C  CB  . ASN A 1 140 ? 12.511  -6.485  -1.298  1.00 15.29 ? 140 ASN X CB  1 
ATOM   1105 C  CG  . ASN A 1 140 ? 13.978  -6.788  -1.692  1.00 19.97 ? 140 ASN X CG  1 
ATOM   1106 O  OD1 . ASN A 1 140 ? 14.730  -5.891  -2.130  1.00 22.76 ? 140 ASN X OD1 1 
ATOM   1107 N  ND2 . ASN A 1 140 ? 14.355  -8.045  -1.596  1.00 21.33 ? 140 ASN X ND2 1 
ATOM   1108 N  N   . ASP A 1 141 ? 10.285  -7.651  -3.362  1.00 15.17 ? 141 ASP X N   1 
ATOM   1109 C  CA  . ASP A 1 141 ? 9.884   -8.676  -4.331  1.00 15.49 ? 141 ASP X CA  1 
ATOM   1110 C  C   . ASP A 1 141 ? 9.386   -8.070  -5.651  1.00 16.52 ? 141 ASP X C   1 
ATOM   1111 O  O   . ASP A 1 141 ? 9.648   -8.627  -6.724  1.00 16.94 ? 141 ASP X O   1 
ATOM   1112 C  CB  . ASP A 1 141 ? 8.909   -9.698  -3.708  1.00 13.11 ? 141 ASP X CB  1 
ATOM   1113 C  CG  . ASP A 1 141 ? 9.609   -10.693 -2.760  1.00 15.18 ? 141 ASP X CG  1 
ATOM   1114 O  OD1 . ASP A 1 141 ? 10.847  -10.710 -2.686  1.00 14.28 ? 141 ASP X OD1 1 
ATOM   1115 O  OD2 . ASP A 1 141 ? 8.921   -11.434 -2.016  1.00 16.72 ? 141 ASP X OD2 1 
ATOM   1116 N  N   . ILE A 1 142 ? 8.701   -6.927  -5.577  1.00 15.91 ? 142 ILE X N   1 
ATOM   1117 C  CA  . ILE A 1 142 ? 8.320   -6.144  -6.759  1.00 15.98 ? 142 ILE X CA  1 
ATOM   1118 C  C   . ILE A 1 142 ? 9.613   -5.595  -7.389  1.00 15.83 ? 142 ILE X C   1 
ATOM   1119 O  O   . ILE A 1 142 ? 9.749   -5.632  -8.607  1.00 15.01 ? 142 ILE X O   1 
ATOM   1120 C  CB  . ILE A 1 142 ? 7.387   -4.952  -6.395  1.00 15.56 ? 142 ILE X CB  1 
ATOM   1121 C  CG1 . ILE A 1 142 ? 5.992   -5.443  -5.980  1.00 17.07 ? 142 ILE X CG1 1 
ATOM   1122 C  CG2 . ILE A 1 142 ? 7.380   -3.918  -7.536  1.00 14.58 ? 142 ILE X CG2 1 
ATOM   1123 C  CD1 . ILE A 1 142 ? 5.158   -4.331  -5.351  1.00 17.74 ? 142 ILE X CD1 1 
ATOM   1124 N  N   . ALA A 1 143 ? 10.568  -5.114  -6.563  1.00 14.55 ? 143 ALA X N   1 
ATOM   1125 C  CA  . ALA A 1 143 ? 11.828  -4.548  -7.128  1.00 16.04 ? 143 ALA X CA  1 
ATOM   1126 C  C   . ALA A 1 143 ? 12.519  -5.623  -7.980  1.00 16.87 ? 143 ALA X C   1 
ATOM   1127 O  O   . ALA A 1 143 ? 13.085  -5.330  -9.032  1.00 16.78 ? 143 ALA X O   1 
ATOM   1128 C  CB  . ALA A 1 143 ? 12.805  -4.060  -6.017  1.00 16.21 ? 143 ALA X CB  1 
ATOM   1129 N  N   . ALA A 1 144 ? 12.526  -6.844  -7.460  1.00 17.89 ? 144 ALA X N   1 
ATOM   1130 C  CA  . ALA A 1 144 ? 13.146  -7.952  -8.134  1.00 18.26 ? 144 ALA X CA  1 
ATOM   1131 C  C   . ALA A 1 144 ? 12.508  -8.168  -9.564  1.00 18.83 ? 144 ALA X C   1 
ATOM   1132 O  O   . ALA A 1 144 ? 13.244  -8.343  -10.544 1.00 19.15 ? 144 ALA X O   1 
ATOM   1133 C  CB  . ALA A 1 144 ? 13.064  -9.190  -7.233  1.00 17.43 ? 144 ALA X CB  1 
ATOM   1134 N  N   . LYS A 1 145 ? 11.173  -8.162  -9.672  1.00 17.34 ? 145 LYS X N   1 
ATOM   1135 C  CA  . LYS A 1 145 ? 10.469  -8.253  -10.969 1.00 18.49 ? 145 LYS X CA  1 
ATOM   1136 C  C   . LYS A 1 145 ? 10.713  -7.028  -11.883 1.00 18.52 ? 145 LYS X C   1 
ATOM   1137 O  O   . LYS A 1 145 ? 10.863  -7.172  -13.116 1.00 16.42 ? 145 LYS X O   1 
ATOM   1138 C  CB  . LYS A 1 145 ? 8.973   -8.464  -10.774 1.00 18.38 ? 145 LYS X CB  1 
ATOM   1139 C  CG  . LYS A 1 145 ? 8.634   -9.613  -9.863  1.00 22.86 ? 145 LYS X CG  1 
ATOM   1140 C  CD  . LYS A 1 145 ? 9.278   -10.931 -10.313 1.00 29.43 ? 145 LYS X CD  1 
ATOM   1141 C  CE  . LYS A 1 145 ? 8.788   -12.092 -9.424  1.00 34.47 ? 145 LYS X CE  1 
ATOM   1142 N  NZ  . LYS A 1 145 ? 9.703   -13.263 -9.393  1.00 36.75 ? 145 LYS X NZ  1 
ATOM   1143 N  N   . TYR A 1 146 ? 10.828  -5.844  -11.273 1.00 16.75 ? 146 TYR X N   1 
ATOM   1144 C  CA  . TYR A 1 146 ? 11.172  -4.618  -12.037 1.00 16.79 ? 146 TYR X CA  1 
ATOM   1145 C  C   . TYR A 1 146 ? 12.543  -4.739  -12.663 1.00 17.19 ? 146 TYR X C   1 
ATOM   1146 O  O   . TYR A 1 146 ? 12.725  -4.342  -13.836 1.00 16.00 ? 146 TYR X O   1 
ATOM   1147 C  CB  . TYR A 1 146 ? 11.200  -3.396  -11.138 1.00 17.68 ? 146 TYR X CB  1 
ATOM   1148 C  CG  . TYR A 1 146 ? 9.860   -2.749  -10.901 1.00 17.21 ? 146 TYR X CG  1 
ATOM   1149 C  CD1 . TYR A 1 146 ? 8.660   -3.422  -11.159 1.00 17.12 ? 146 TYR X CD1 1 
ATOM   1150 C  CD2 . TYR A 1 146 ? 9.796   -1.444  -10.411 1.00 20.48 ? 146 TYR X CD2 1 
ATOM   1151 C  CE1 . TYR A 1 146 ? 7.401   -2.828  -10.903 1.00 17.46 ? 146 TYR X CE1 1 
ATOM   1152 C  CE2 . TYR A 1 146 ? 8.555   -0.834  -10.142 1.00 17.44 ? 146 TYR X CE2 1 
ATOM   1153 C  CZ  . TYR A 1 146 ? 7.365   -1.522  -10.389 1.00 19.51 ? 146 TYR X CZ  1 
ATOM   1154 O  OH  . TYR A 1 146 ? 6.152   -0.839  -10.145 1.00 18.77 ? 146 TYR X OH  1 
ATOM   1155 N  N   . LYS A 1 147 ? 13.515  -5.243  -11.881 1.00 16.41 ? 147 LYS X N   1 
ATOM   1156 C  CA  . LYS A 1 147 ? 14.872  -5.400  -12.430 1.00 17.06 ? 147 LYS X CA  1 
ATOM   1157 C  C   . LYS A 1 147 ? 14.890  -6.332  -13.645 1.00 17.73 ? 147 LYS X C   1 
ATOM   1158 O  O   . LYS A 1 147 ? 15.544  -6.031  -14.645 1.00 17.25 ? 147 LYS X O   1 
ATOM   1159 C  CB  . LYS A 1 147 ? 15.873  -5.903  -11.419 1.00 16.00 ? 147 LYS X CB  1 
ATOM   1160 C  CG  . LYS A 1 147 ? 17.264  -5.945  -12.064 1.00 17.12 ? 147 LYS X CG  1 
ATOM   1161 C  CD  . LYS A 1 147 ? 18.219  -6.654  -11.194 1.00 22.66 ? 147 LYS X CD  1 
ATOM   1162 C  CE  . LYS A 1 147 ? 19.537  -6.922  -11.959 1.00 25.44 ? 147 LYS X CE  1 
ATOM   1163 N  NZ  . LYS A 1 147 ? 20.425  -7.775  -11.124 1.00 30.58 ? 147 LYS X NZ  1 
ATOM   1164 N  N   . GLU A 1 148 ? 14.150  -7.430  -13.521 1.00 18.02 ? 148 GLU X N   1 
ATOM   1165 C  CA  . GLU A 1 148 ? 13.968  -8.421  -14.575 1.00 20.97 ? 148 GLU X CA  1 
ATOM   1166 C  C   . GLU A 1 148 ? 13.449  -7.755  -15.875 1.00 20.55 ? 148 GLU X C   1 
ATOM   1167 O  O   . GLU A 1 148 ? 13.983  -8.000  -16.987 1.00 20.12 ? 148 GLU X O   1 
ATOM   1168 C  CB  . GLU A 1 148 ? 13.117  -9.583  -13.991 1.00 19.95 ? 148 GLU X CB  1 
ATOM   1169 C  CG  . GLU A 1 148 ? 12.154  -10.257 -14.887 1.00 26.04 ? 148 GLU X CG  1 
ATOM   1170 C  CD  . GLU A 1 148 ? 11.421  -11.460 -14.197 1.00 25.12 ? 148 GLU X CD  1 
ATOM   1171 O  OE1 . GLU A 1 148 ? 11.393  -11.538 -12.961 1.00 29.38 ? 148 GLU X OE1 1 
ATOM   1172 O  OE2 . GLU A 1 148 ? 10.855  -12.318 -14.916 1.00 34.18 ? 148 GLU X OE2 1 
ATOM   1173 N  N   . LEU A 1 149 ? 12.461  -6.873  -15.721 1.00 18.47 ? 149 LEU X N   1 
ATOM   1174 C  CA  . LEU A 1 149 ? 11.944  -6.075  -16.815 1.00 18.63 ? 149 LEU X CA  1 
ATOM   1175 C  C   . LEU A 1 149 ? 12.855  -4.885  -17.210 1.00 18.07 ? 149 LEU X C   1 
ATOM   1176 O  O   . LEU A 1 149 ? 12.619  -4.275  -18.213 1.00 17.05 ? 149 LEU X O   1 
ATOM   1177 C  CB  . LEU A 1 149 ? 10.539  -5.550  -16.478 1.00 18.92 ? 149 LEU X CB  1 
ATOM   1178 C  CG  . LEU A 1 149 ? 9.486   -6.622  -16.095 1.00 18.68 ? 149 LEU X CG  1 
ATOM   1179 C  CD1 . LEU A 1 149 ? 8.262   -5.971  -15.475 1.00 19.29 ? 149 LEU X CD1 1 
ATOM   1180 C  CD2 . LEU A 1 149 ? 9.048   -7.545  -17.276 1.00 17.27 ? 149 LEU X CD2 1 
ATOM   1181 N  N   . GLY A 1 150 ? 13.881  -4.558  -16.430 1.00 18.59 ? 150 GLY X N   1 
ATOM   1182 C  CA  . GLY A 1 150 ? 14.697  -3.384  -16.749 1.00 19.53 ? 150 GLY X CA  1 
ATOM   1183 C  C   . GLY A 1 150 ? 13.884  -2.106  -16.580 1.00 21.11 ? 150 GLY X C   1 
ATOM   1184 O  O   . GLY A 1 150 ? 14.174  -1.099  -17.196 1.00 19.85 ? 150 GLY X O   1 
ATOM   1185 N  N   . PHE A 1 151 ? 12.857  -2.161  -15.731 1.00 22.13 ? 151 PHE X N   1 
ATOM   1186 C  CA  . PHE A 1 151 ? 12.037  -0.980  -15.518 1.00 24.53 ? 151 PHE X CA  1 
ATOM   1187 C  C   . PHE A 1 151 ? 12.643  -0.059  -14.488 1.00 26.97 ? 151 PHE X C   1 
ATOM   1188 O  O   . PHE A 1 151 ? 12.960  -0.502  -13.361 1.00 27.03 ? 151 PHE X O   1 
ATOM   1189 C  CB  . PHE A 1 151 ? 10.622  -1.346  -15.093 1.00 23.34 ? 151 PHE X CB  1 
ATOM   1190 C  CG  . PHE A 1 151 ? 9.758   -0.147  -14.809 1.00 22.29 ? 151 PHE X CG  1 
ATOM   1191 C  CD1 . PHE A 1 151 ? 9.321   0.667   -15.838 1.00 23.35 ? 151 PHE X CD1 1 
ATOM   1192 C  CD2 . PHE A 1 151 ? 9.350   0.129   -13.517 1.00 23.41 ? 151 PHE X CD2 1 
ATOM   1193 C  CE1 . PHE A 1 151 ? 8.508   1.776   -15.595 1.00 23.48 ? 151 PHE X CE1 1 
ATOM   1194 C  CE2 . PHE A 1 151 ? 8.525   1.230   -13.258 1.00 22.47 ? 151 PHE X CE2 1 
ATOM   1195 C  CZ  . PHE A 1 151 ? 8.132   2.068   -14.304 1.00 23.25 ? 151 PHE X CZ  1 
ATOM   1196 N  N   . GLN A 1 152 ? 12.768  1.219   -14.904 1.00 29.89 ? 152 GLN X N   1 
ATOM   1197 C  CA  . GLN A 1 152 ? 13.405  2.352   -14.152 1.00 32.54 ? 152 GLN X CA  1 
ATOM   1198 C  C   . GLN A 1 152 ? 14.940  2.382   -14.008 1.00 33.51 ? 152 GLN X C   1 
ATOM   1199 O  O   . GLN A 1 152 ? 15.659  1.613   -14.672 1.00 34.31 ? 152 GLN X O   1 
ATOM   1200 C  CB  . GLN A 1 152 ? 12.701  2.589   -12.807 1.00 33.49 ? 152 GLN X CB  1 
ATOM   1201 C  CG  . GLN A 1 152 ? 11.781  3.824   -12.748 1.00 34.52 ? 152 GLN X CG  1 
ATOM   1202 C  CD  . GLN A 1 152 ? 11.059  4.150   -14.054 1.00 38.56 ? 152 GLN X CD  1 
ATOM   1203 O  OE1 . GLN A 1 152 ? 11.376  3.617   -15.109 1.00 40.60 ? 152 GLN X OE1 1 
ATOM   1204 N  NE2 . GLN A 1 152 ? 10.079  5.042   -13.976 1.00 39.94 ? 152 GLN X NE2 1 
HETATM 1205 S  S   . SO4 B 2 .   ? -16.720 10.580  -7.344  1.00 37.03 ? 157 SO4 X S   1 
HETATM 1206 O  O1  . SO4 B 2 .   ? -15.626 11.517  -7.637  1.00 38.89 ? 157 SO4 X O1  1 
HETATM 1207 O  O2  . SO4 B 2 .   ? -17.682 10.514  -8.453  1.00 40.05 ? 157 SO4 X O2  1 
HETATM 1208 O  O3  . SO4 B 2 .   ? -16.118 9.263   -7.270  1.00 38.13 ? 157 SO4 X O3  1 
HETATM 1209 O  O4  . SO4 B 2 .   ? -17.408 10.884  -6.083  1.00 34.85 ? 157 SO4 X O4  1 
HETATM 1210 S  S   . SO4 C 2 .   ? 6.466   -18.728 -3.404  1.00 37.95 ? 158 SO4 X S   1 
HETATM 1211 O  O1  . SO4 C 2 .   ? 7.675   -18.108 -2.830  1.00 36.03 ? 158 SO4 X O1  1 
HETATM 1212 O  O2  . SO4 C 2 .   ? 6.152   -19.864 -2.521  1.00 37.76 ? 158 SO4 X O2  1 
HETATM 1213 O  O3  . SO4 C 2 .   ? 5.340   -17.796 -3.403  1.00 35.03 ? 158 SO4 X O3  1 
HETATM 1214 O  O4  . SO4 C 2 .   ? 6.753   -19.170 -4.794  1.00 36.30 ? 158 SO4 X O4  1 
HETATM 1215 MN MN  . MNH D 3 .   ? -1.736  0.228   -7.965  1.00 17.25 ? 154 MNH X MN  1 
HETATM 1216 C  CHA . MNH D 3 .   ? -4.209  -0.242  -10.408 1.00 13.16 ? 154 MNH X CHA 1 
HETATM 1217 C  CHB . MNH D 3 .   ? -2.689  -2.626  -6.294  1.00 11.71 ? 154 MNH X CHB 1 
HETATM 1218 C  CHC . MNH D 3 .   ? 0.426   0.975   -5.503  1.00 12.95 ? 154 MNH X CHC 1 
HETATM 1219 C  CHD . MNH D 3 .   ? -0.881  3.291   -9.410  1.00 14.27 ? 154 MNH X CHD 1 
HETATM 1220 N  NA  . MNH D 3 .   ? -3.383  -1.031  -8.143  1.00 17.43 ? 154 MNH X NA  1 
HETATM 1221 C  C1A . MNH D 3 .   ? -4.090  -1.223  -9.304  1.00 14.11 ? 154 MNH X C1A 1 
HETATM 1222 C  C2A . MNH D 3 .   ? -4.860  -2.385  -9.294  1.00 15.27 ? 154 MNH X C2A 1 
HETATM 1223 C  C3A . MNH D 3 .   ? -4.466  -3.107  -8.091  1.00 13.64 ? 154 MNH X C3A 1 
HETATM 1224 C  C4A . MNH D 3 .   ? -3.450  -2.236  -7.492  1.00 15.05 ? 154 MNH X C4A 1 
HETATM 1225 C  CMA . MNH D 3 .   ? -5.051  -4.425  -7.559  1.00 10.27 ? 154 MNH X CMA 1 
HETATM 1226 C  CAA . MNH D 3 .   ? -5.854  -2.827  -10.349 1.00 12.18 ? 154 MNH X CAA 1 
HETATM 1227 C  CBA . MNH D 3 .   ? -5.199  -3.977  -11.128 1.00 17.12 ? 154 MNH X CBA 1 
HETATM 1228 C  CGA . MNH D 3 .   ? -3.957  -3.586  -11.908 1.00 22.65 ? 154 MNH X CGA 1 
HETATM 1229 O  O1A . MNH D 3 .   ? -4.060  -2.689  -12.770 1.00 21.30 ? 154 MNH X O1A 1 
HETATM 1230 O  O2A . MNH D 3 .   ? -2.869  -4.196  -11.687 1.00 22.59 ? 154 MNH X O2A 1 
HETATM 1231 N  NB  . MNH D 3 .   ? -1.153  -0.672  -6.157  1.00 18.04 ? 154 MNH X NB  1 
HETATM 1232 C  C1B . MNH D 3 .   ? -1.682  -1.805  -5.595  1.00 14.87 ? 154 MNH X C1B 1 
HETATM 1233 C  C2B . MNH D 3 .   ? -1.137  -2.179  -4.369  1.00 13.74 ? 154 MNH X C2B 1 
HETATM 1234 C  C3B . MNH D 3 .   ? -0.172  -1.089  -4.129  1.00 15.46 ? 154 MNH X C3B 1 
HETATM 1235 C  C4B . MNH D 3 .   ? -0.280  -0.148  -5.274  1.00 14.13 ? 154 MNH X C4B 1 
HETATM 1236 C  CMB . MNH D 3 .   ? -1.425  -3.394  -3.497  1.00 12.76 ? 154 MNH X CMB 1 
HETATM 1237 C  CAB . MNH D 3 .   ? 0.692   -0.950  -2.941  1.00 10.93 ? 154 MNH X CAB 1 
HETATM 1238 C  CBB . MNH D 3 .   ? 0.314   -1.269  -1.681  1.00 19.19 ? 154 MNH X CBB 1 
HETATM 1239 N  NC  . MNH D 3 .   ? -0.469  1.791   -7.524  1.00 16.15 ? 154 MNH X NC  1 
HETATM 1240 C  C1C . MNH D 3 .   ? 0.345   1.863   -6.432  1.00 10.63 ? 154 MNH X C1C 1 
HETATM 1241 C  C2C . MNH D 3 .   ? 1.156   3.122   -6.390  1.00 14.35 ? 154 MNH X C2C 1 
HETATM 1242 C  C3C . MNH D 3 .   ? 0.822   3.798   -7.684  1.00 16.05 ? 154 MNH X C3C 1 
HETATM 1243 C  C4C . MNH D 3 .   ? -0.295  2.943   -8.238  1.00 14.46 ? 154 MNH X C4C 1 
HETATM 1244 C  CMC . MNH D 3 .   ? 2.191   3.547   -5.360  1.00 14.15 ? 154 MNH X CMC 1 
HETATM 1245 C  CAC . MNH D 3 .   ? 0.963   5.268   -8.046  1.00 15.00 ? 154 MNH X CAC 1 
HETATM 1246 C  CBC . MNH D 3 .   ? 1.875   6.081   -7.558  1.00 19.74 ? 154 MNH X CBC 1 
HETATM 1247 N  ND  . MNH D 3 .   ? -2.397  1.356   -9.619  1.00 16.58 ? 154 MNH X ND  1 
HETATM 1248 C  C1D . MNH D 3 .   ? -1.939  2.534   -10.096 1.00 15.69 ? 154 MNH X C1D 1 
HETATM 1249 C  C2D . MNH D 3 .   ? -2.656  2.979   -11.342 1.00 18.98 ? 154 MNH X C2D 1 
HETATM 1250 C  C3D . MNH D 3 .   ? -3.654  1.933   -11.538 1.00 18.68 ? 154 MNH X C3D 1 
HETATM 1251 C  C4D . MNH D 3 .   ? -3.393  0.960   -10.454 1.00 15.88 ? 154 MNH X C4D 1 
HETATM 1252 C  CMD . MNH D 3 .   ? -2.446  4.231   -12.190 1.00 14.39 ? 154 MNH X CMD 1 
HETATM 1253 C  CAD . MNH D 3 .   ? -4.789  1.974   -12.559 1.00 19.40 ? 154 MNH X CAD 1 
HETATM 1254 C  CBD . MNH D 3 .   ? -5.872  2.835   -11.916 1.00 23.64 ? 154 MNH X CBD 1 
HETATM 1255 C  CGD . MNH D 3 .   ? -7.165  2.818   -12.732 1.00 26.00 ? 154 MNH X CGD 1 
HETATM 1256 O  O1D . MNH D 3 .   ? -8.012  1.930   -12.534 1.00 27.38 ? 154 MNH X O1D 1 
HETATM 1257 O  O2D . MNH D 3 .   ? -7.368  3.734   -13.543 1.00 25.87 ? 154 MNH X O2D 1 
HETATM 1258 N  N   . NO  E 4 .   ? -3.186  2.009   -6.908  0.70 15.67 ? 155 NO  X N   1 
HETATM 1259 O  O   . NO  E 4 .   ? -2.886  2.938   -6.037  0.70 17.49 ? 155 NO  X O   1 
HETATM 1260 O  O   . HOH F 5 .   ? -6.465  -10.104 -2.258  1.00 20.34 ? 159 HOH X O   1 
HETATM 1261 O  O   . HOH F 5 .   ? 4.217   9.303   4.724   1.00 26.67 ? 160 HOH X O   1 
HETATM 1262 O  O   . HOH F 5 .   ? -12.317 9.635   -0.698  1.00 26.80 ? 161 HOH X O   1 
HETATM 1263 O  O   . HOH F 5 .   ? 6.421   15.628  -4.401  1.00 22.52 ? 162 HOH X O   1 
HETATM 1264 O  O   . HOH F 5 .   ? 12.193  4.745   -8.164  1.00 25.24 ? 163 HOH X O   1 
HETATM 1265 O  O   . HOH F 5 .   ? 3.420   -11.617 2.073   1.00 19.08 ? 164 HOH X O   1 
HETATM 1266 O  O   . HOH F 5 .   ? -2.564  3.243   -16.439 1.00 23.65 ? 165 HOH X O   1 
HETATM 1267 O  O   . HOH F 5 .   ? 5.175   -9.089  1.861   1.00 15.30 ? 166 HOH X O   1 
HETATM 1268 O  O   . HOH F 5 .   ? 8.644   -16.253 16.118  1.00 33.44 ? 167 HOH X O   1 
HETATM 1269 O  O   . HOH F 5 .   ? -12.025 3.151   -8.496  1.00 24.47 ? 168 HOH X O   1 
HETATM 1270 O  O   . HOH F 5 .   ? -6.555  6.276   -13.078 1.00 26.12 ? 169 HOH X O   1 
HETATM 1271 O  O   . HOH F 5 .   ? -8.193  -6.088  -5.088  1.00 15.79 ? 170 HOH X O   1 
HETATM 1272 O  O   . HOH F 5 .   ? 11.648  1.846   -10.372 1.00 26.23 ? 171 HOH X O   1 
HETATM 1273 O  O   . HOH F 5 .   ? 9.111   0.141   16.152  1.00 17.68 ? 172 HOH X O   1 
HETATM 1274 O  O   . HOH F 5 .   ? 11.214  -3.513  10.858  1.00 21.11 ? 173 HOH X O   1 
HETATM 1275 O  O   . HOH F 5 .   ? 9.808   -6.867  13.424  1.00 18.86 ? 174 HOH X O   1 
HETATM 1276 O  O   . HOH F 5 .   ? 7.853   13.054  -3.810  1.00 20.35 ? 175 HOH X O   1 
HETATM 1277 O  O   . HOH F 5 .   ? 10.233  -11.313 -6.594  1.00 23.11 ? 176 HOH X O   1 
HETATM 1278 O  O   . HOH F 5 .   ? 14.669  6.323   0.062   1.00 25.88 ? 177 HOH X O   1 
HETATM 1279 O  O   . HOH F 5 .   ? -12.560 0.767   -10.646 1.00 28.88 ? 178 HOH X O   1 
HETATM 1280 O  O   . HOH F 5 .   ? -2.466  12.967  9.962   1.00 30.21 ? 179 HOH X O   1 
HETATM 1281 O  O   . HOH F 5 .   ? 0.481   -15.373 -10.960 1.00 18.57 ? 180 HOH X O   1 
HETATM 1282 O  O   . HOH F 5 .   ? -14.842 14.730  -5.429  1.00 28.48 ? 181 HOH X O   1 
HETATM 1283 O  O   . HOH F 5 .   ? -2.181  -12.592 13.635  1.00 26.94 ? 182 HOH X O   1 
HETATM 1284 O  O   . HOH F 5 .   ? 8.953   -9.541  -13.893 1.00 24.22 ? 183 HOH X O   1 
HETATM 1285 O  O   . HOH F 5 .   ? 7.538   2.478   16.705  1.00 27.17 ? 184 HOH X O   1 
HETATM 1286 O  O   . HOH F 5 .   ? -0.010  -8.295  -14.813 1.00 22.79 ? 185 HOH X O   1 
HETATM 1287 O  O   . HOH F 5 .   ? 3.290   8.689   1.170   1.00 32.06 ? 186 HOH X O   1 
HETATM 1288 O  O   . HOH F 5 .   ? -9.195  12.773  -13.118 1.00 34.48 ? 187 HOH X O   1 
HETATM 1289 O  O   . HOH F 5 .   ? -14.197 13.700  -7.456  1.00 35.74 ? 188 HOH X O   1 
HETATM 1290 O  O   . HOH F 5 .   ? 8.177   -0.258  4.313   1.00 25.08 ? 189 HOH X O   1 
HETATM 1291 O  O   . HOH F 5 .   ? -0.561  16.339  -9.288  1.00 24.50 ? 190 HOH X O   1 
HETATM 1292 O  O   . HOH F 5 .   ? -0.244  5.423   -15.138 1.00 21.17 ? 191 HOH X O   1 
HETATM 1293 O  O   . HOH F 5 .   ? -6.827  -7.466  14.843  1.00 21.17 ? 192 HOH X O   1 
HETATM 1294 O  O   . HOH F 5 .   ? 9.028   -14.233 5.041   1.00 27.40 ? 193 HOH X O   1 
HETATM 1295 O  O   . HOH F 5 .   ? -11.257 -7.001  11.195  1.00 22.82 ? 194 HOH X O   1 
HETATM 1296 O  O   . HOH F 5 .   ? -8.293  0.024   -10.663 1.00 26.14 ? 195 HOH X O   1 
HETATM 1297 O  O   . HOH F 5 .   ? 2.849   -20.120 5.879   1.00 36.62 ? 196 HOH X O   1 
HETATM 1298 O  O   . HOH F 5 .   ? -3.346  -17.292 -1.522  1.00 35.43 ? 197 HOH X O   1 
HETATM 1299 O  O   . HOH F 5 .   ? 5.424   6.733   7.748   1.00 27.57 ? 198 HOH X O   1 
HETATM 1300 O  O   . HOH F 5 .   ? 11.719  -7.644  5.242   1.00 25.68 ? 199 HOH X O   1 
HETATM 1301 O  O   . HOH F 5 .   ? 8.259   -6.721  15.734  1.00 28.29 ? 200 HOH X O   1 
HETATM 1302 O  O   . HOH F 5 .   ? 10.868  1.076   4.781   1.00 21.28 ? 201 HOH X O   1 
HETATM 1303 O  O   . HOH F 5 .   ? 13.192  -3.147  8.854   1.00 24.93 ? 202 HOH X O   1 
HETATM 1304 O  O   . HOH F 5 .   ? 13.262  -5.973  6.330   1.00 40.81 ? 203 HOH X O   1 
HETATM 1305 O  O   . HOH F 5 .   ? 6.786   -9.528  16.111  1.00 28.38 ? 204 HOH X O   1 
HETATM 1306 O  O   . HOH F 5 .   ? -15.174 0.994   -1.299  1.00 29.51 ? 205 HOH X O   1 
HETATM 1307 O  O   . HOH F 5 .   ? 4.344   10.880  -11.698 1.00 29.53 ? 206 HOH X O   1 
HETATM 1308 O  O   . HOH F 5 .   ? -5.563  -10.659 8.985   1.00 26.02 ? 207 HOH X O   1 
HETATM 1309 O  O   . HOH F 5 .   ? -15.881 8.952   0.933   1.00 34.51 ? 208 HOH X O   1 
HETATM 1310 O  O   . HOH F 5 .   ? -4.550  10.734  4.757   1.00 25.46 ? 209 HOH X O   1 
HETATM 1311 O  O   . HOH F 5 .   ? 6.091   -2.971  21.416  1.00 28.35 ? 210 HOH X O   1 
HETATM 1312 O  O   . HOH F 5 .   ? -14.645 16.976  1.408   1.00 37.01 ? 211 HOH X O   1 
HETATM 1313 O  O   . HOH F 5 .   ? 2.950   -17.238 13.072  1.00 30.41 ? 212 HOH X O   1 
HETATM 1314 O  O   . HOH F 5 .   ? 3.372   -15.769 -14.862 1.00 37.55 ? 213 HOH X O   1 
HETATM 1315 O  O   . HOH F 5 .   ? -3.146  12.858  4.307   1.00 30.41 ? 214 HOH X O   1 
HETATM 1316 O  O   . HOH F 5 .   ? 8.916   2.030   9.871   1.00 18.91 ? 215 HOH X O   1 
HETATM 1317 O  O   . HOH F 5 .   ? -6.732  -3.008  -13.945 1.00 25.96 ? 216 HOH X O   1 
HETATM 1318 O  O   . HOH F 5 .   ? -10.348 1.239   -8.809  1.00 28.45 ? 217 HOH X O   1 
HETATM 1319 O  O   . HOH F 5 .   ? -13.731 7.083   -12.597 1.00 30.52 ? 218 HOH X O   1 
HETATM 1320 O  O   . HOH F 5 .   ? -16.856 4.957   -8.405  1.00 24.92 ? 219 HOH X O   1 
HETATM 1321 O  O   . HOH F 5 .   ? -6.354  4.596   19.520  1.00 26.36 ? 220 HOH X O   1 
HETATM 1322 O  O   . HOH F 5 .   ? -11.421 19.249  -11.599 1.00 42.38 ? 221 HOH X O   1 
HETATM 1323 O  O   . HOH F 5 .   ? 0.685   4.322   18.051  1.00 31.69 ? 222 HOH X O   1 
HETATM 1324 O  O   . HOH F 5 .   ? -3.290  -3.776  -15.365 1.00 31.44 ? 223 HOH X O   1 
HETATM 1325 O  O   . HOH F 5 .   ? 5.473   -18.058 5.395   1.00 33.77 ? 224 HOH X O   1 
HETATM 1326 O  O   . HOH F 5 .   ? -3.911  6.350   -15.133 1.00 24.96 ? 225 HOH X O   1 
HETATM 1327 O  O   . HOH F 5 .   ? 4.909   2.345   17.541  1.00 30.70 ? 226 HOH X O   1 
HETATM 1328 O  O   . HOH F 5 .   ? -18.107 5.031   -1.561  1.00 41.38 ? 227 HOH X O   1 
HETATM 1329 O  O   . HOH F 5 .   ? 15.651  -2.225  -13.780 1.00 33.77 ? 228 HOH X O   1 
HETATM 1330 O  O   . HOH F 5 .   ? -16.345 2.827   -0.017  1.00 30.75 ? 229 HOH X O   1 
HETATM 1331 O  O   . HOH F 5 .   ? -13.951 -3.058  6.033   1.00 25.56 ? 230 HOH X O   1 
HETATM 1332 O  O   . HOH F 5 .   ? -7.839  -9.200  1.436   1.00 36.79 ? 231 HOH X O   1 
HETATM 1333 O  O   . HOH F 5 .   ? 9.624   -18.206 12.687  1.00 36.25 ? 232 HOH X O   1 
HETATM 1334 O  O   . HOH F 5 .   ? -9.045  4.246   -15.279 1.00 31.97 ? 233 HOH X O   1 
HETATM 1335 O  O   . HOH F 5 .   ? 9.458   1.666   13.955  1.00 49.61 ? 234 HOH X O   1 
HETATM 1336 O  O   . HOH F 5 .   ? 7.821   -12.883 -5.156  1.00 29.29 ? 235 HOH X O   1 
HETATM 1337 O  O   . HOH F 5 .   ? -9.714  5.108   13.466  1.00 30.71 ? 236 HOH X O   1 
HETATM 1338 O  O   . HOH F 5 .   ? -6.693  9.391   10.597  1.00 32.09 ? 237 HOH X O   1 
HETATM 1339 O  O   . HOH F 5 .   ? 7.609   2.369   5.793   1.00 34.47 ? 238 HOH X O   1 
HETATM 1340 O  O   . HOH F 5 .   ? -14.678 3.028   -10.767 1.00 37.00 ? 239 HOH X O   1 
HETATM 1341 O  O   . HOH F 5 .   ? -14.754 -1.479  1.509   1.00 41.20 ? 240 HOH X O   1 
HETATM 1342 O  O   . HOH F 5 .   ? -5.868  0.560   -15.741 1.00 32.96 ? 241 HOH X O   1 
HETATM 1343 O  O   . HOH F 5 .   ? -11.212 7.994   6.466   1.00 38.98 ? 242 HOH X O   1 
HETATM 1344 O  O   . HOH F 5 .   ? -11.743 -8.934  9.331   1.00 37.01 ? 243 HOH X O   1 
HETATM 1345 O  O   . HOH F 5 .   ? 14.378  1.233   -18.555 1.00 32.17 ? 244 HOH X O   1 
HETATM 1346 O  O   . HOH F 5 .   ? -6.234  0.716   -20.170 1.00 34.00 ? 245 HOH X O   1 
HETATM 1347 O  O   . HOH F 5 .   ? -12.073 -6.108  0.431   1.00 30.03 ? 246 HOH X O   1 
HETATM 1348 O  O   . HOH F 5 .   ? 19.635  -10.143 -9.629  1.00 27.72 ? 247 HOH X O   1 
HETATM 1349 O  O   . HOH F 5 .   ? -5.698  3.257   -15.653 1.00 29.95 ? 248 HOH X O   1 
HETATM 1350 O  O   . HOH F 5 .   ? -7.485  11.548  4.814   1.00 40.66 ? 249 HOH X O   1 
HETATM 1351 O  O   . HOH F 5 .   ? 6.864   0.196   -18.601 1.00 41.70 ? 250 HOH X O   1 
HETATM 1352 O  O   . HOH F 5 .   ? 7.981   -15.366 -2.444  1.00 40.01 ? 251 HOH X O   1 
HETATM 1353 O  O   . HOH F 5 .   ? 9.079   -13.937 -0.218  1.00 29.31 ? 252 HOH X O   1 
HETATM 1354 O  O   . HOH F 5 .   ? -3.819  16.976  -10.619 1.00 40.11 ? 253 HOH X O   1 
HETATM 1355 O  O   . HOH F 5 .   ? 14.584  -2.517  -9.181  1.00 33.78 ? 254 HOH X O   1 
HETATM 1356 O  O   . HOH F 5 .   ? 2.095   -10.834 -15.402 1.00 33.29 ? 256 HOH X O   1 
HETATM 1357 O  O   . HOH F 5 .   ? 12.150  -10.499 4.976   1.00 39.88 ? 257 HOH X O   1 
HETATM 1358 O  O   . HOH F 5 .   ? -15.490 0.205   5.066   1.00 36.23 ? 258 HOH X O   1 
HETATM 1359 O  O   . HOH F 5 .   ? -15.447 3.579   4.760   1.00 33.86 ? 259 HOH X O   1 
HETATM 1360 O  O   . HOH F 5 .   ? -4.174  18.666  -8.549  1.00 46.63 ? 260 HOH X O   1 
HETATM 1361 O  O   . HOH F 5 .   ? 11.910  2.380   -17.637 1.00 33.64 ? 261 HOH X O   1 
HETATM 1362 O  O   . HOH F 5 .   ? 3.037   -18.298 -5.160  1.00 27.00 ? 262 HOH X O   1 
HETATM 1363 O  O   . HOH F 5 .   ? -16.561 4.159   -2.784  1.00 31.18 ? 263 HOH X O   1 
HETATM 1364 O  O   . HOH F 5 .   ? -3.668  9.993   7.839   1.00 34.51 ? 264 HOH X O   1 
HETATM 1365 O  O   . HOH F 5 .   ? 12.152  -11.729 -4.883  1.00 32.90 ? 265 HOH X O   1 
HETATM 1366 O  O   . HOH F 5 .   ? -14.121 10.660  -9.648  1.00 42.36 ? 266 HOH X O   1 
HETATM 1367 O  O   . HOH F 5 .   ? 2.489   -1.147  22.664  1.00 31.84 ? 267 HOH X O   1 
HETATM 1368 O  O   . HOH F 5 .   ? 3.896   11.600  -14.397 1.00 46.95 ? 268 HOH X O   1 
HETATM 1369 O  O   . HOH F 5 .   ? 8.101   -16.740 -13.011 1.00 41.11 ? 269 HOH X O   1 
HETATM 1370 O  O   . HOH F 5 .   ? 0.596   -6.321  -17.217 1.00 45.11 ? 270 HOH X O   1 
HETATM 1371 O  O   . HOH F 5 .   ? -12.710 7.172   -14.836 1.00 32.77 ? 271 HOH X O   1 
HETATM 1372 O  O   . HOH F 5 .   ? -18.205 6.959   -7.809  1.00 36.15 ? 273 HOH X O   1 
HETATM 1373 O  O   . HOH F 5 .   ? -6.134  -1.021  -17.604 1.00 40.28 ? 274 HOH X O   1 
HETATM 1374 O  O   . HOH F 5 .   ? -20.583 10.023  -5.739  1.00 32.73 ? 275 HOH X O   1 
HETATM 1375 O  O   . HOH F 5 .   ? -6.093  23.228  -6.943  1.00 35.13 ? 276 HOH X O   1 
HETATM 1376 O  O   . HOH F 5 .   ? -19.101 12.130  -1.554  1.00 31.79 ? 277 HOH X O   1 
HETATM 1377 O  O   . HOH F 5 .   ? 14.125  -10.338 -4.181  1.00 33.50 ? 278 HOH X O   1 
HETATM 1378 O  O   . HOH F 5 .   ? 9.391   4.114   -17.736 1.00 34.00 ? 279 HOH X O   1 
HETATM 1379 O  O   . HOH F 5 .   ? -11.739 4.351   -11.192 1.00 38.49 ? 280 HOH X O   1 
HETATM 1380 O  O   . HOH F 5 .   ? -8.738  8.883   13.096  1.00 35.67 ? 281 HOH X O   1 
HETATM 1381 O  O   . HOH F 5 .   ? -1.078  -3.804  16.862  1.00 38.15 ? 282 HOH X O   1 
HETATM 1382 O  O   . HOH F 5 .   ? -10.427 -0.071  12.212  1.00 28.78 ? 283 HOH X O   1 
HETATM 1383 O  O   . HOH F 5 .   ? -1.858  16.631  -4.135  1.00 40.51 ? 284 HOH X O   1 
HETATM 1384 O  O   . HOH F 5 .   ? 13.146  -0.638  -9.707  1.00 47.72 ? 285 HOH X O   1 
HETATM 1385 O  O   . HOH F 5 .   ? -1.754  13.057  6.523   1.00 35.10 ? 286 HOH X O   1 
HETATM 1386 O  O   . HOH F 5 .   ? -14.947 15.569  4.152   1.00 40.83 ? 287 HOH X O   1 
HETATM 1387 O  O   . HOH F 5 .   ? 2.038   -3.990  19.681  1.00 34.76 ? 288 HOH X O   1 
HETATM 1388 O  O   . HOH F 5 .   ? 4.536   -9.002  -18.976 1.00 38.61 ? 289 HOH X O   1 
HETATM 1389 O  O   . HOH F 5 .   ? 14.398  -1.925  -11.740 1.00 35.99 ? 290 HOH X O   1 
HETATM 1390 O  O   . HOH F 5 .   ? -13.693 12.931  6.525   1.00 50.15 ? 291 HOH X O   1 
HETATM 1391 O  O   . HOH F 5 .   ? -12.657 17.591  -8.487  1.00 47.64 ? 292 HOH X O   1 
HETATM 1392 O  O   . HOH F 5 .   ? 13.387  -11.816 1.372   1.00 42.46 ? 293 HOH X O   1 
HETATM 1393 O  O   . HOH F 5 .   ? 10.135  -9.110  4.858   1.00 56.49 ? 294 HOH X O   1 
HETATM 1394 O  O   . HOH F 5 .   ? 8.954   7.533   1.095   1.00 60.06 ? 295 HOH X O   1 
HETATM 1395 O  O   . HOH F 5 .   ? 9.667   -12.985 16.121  1.00 33.91 ? 296 HOH X O   1 
HETATM 1396 O  O   . HOH F 5 .   ? -4.215  -14.943 0.601   1.00 34.65 ? 297 HOH X O   1 
HETATM 1397 O  O   . HOH F 5 .   ? 8.949   -19.879 14.715  1.00 42.64 ? 298 HOH X O   1 
HETATM 1398 O  O   . HOH F 5 .   ? 3.238   -12.051 17.617  1.00 37.70 ? 299 HOH X O   1 
HETATM 1399 O  O   . HOH F 5 .   ? 7.677   -21.274 10.940  1.00 37.51 ? 300 HOH X O   1 
HETATM 1400 O  O   . HOH F 5 .   ? -12.272 8.805   -10.246 1.00 48.48 ? 301 HOH X O   1 
HETATM 1401 O  O   . HOH F 5 .   ? 5.122   -21.249 8.820   1.00 34.12 ? 302 HOH X O   1 
HETATM 1402 O  O   . HOH F 5 .   ? 1.446   -19.157 2.724   1.00 43.71 ? 303 HOH X O   1 
HETATM 1403 O  O   . HOH F 5 .   ? 9.823   -16.482 -6.371  1.00 43.64 ? 304 HOH X O   1 
HETATM 1404 O  O   . HOH F 5 .   ? 7.650   7.261   -14.316 1.00 40.79 ? 305 HOH X O   1 
HETATM 1405 O  O   . HOH F 5 .   ? 16.844  -9.066  -1.207  1.00 39.93 ? 306 HOH X O   1 
HETATM 1406 O  O   . HOH F 5 .   ? 3.155   -7.297  -17.970 1.00 40.71 ? 307 HOH X O   1 
HETATM 1407 O  O   . HOH F 5 .   ? 4.640   1.493   -23.848 1.00 43.63 ? 308 HOH X O   1 
HETATM 1408 O  O   . HOH F 5 .   ? 0.238   -0.445  21.793  1.00 36.57 ? 309 HOH X O   1 
HETATM 1409 O  O   . HOH F 5 .   ? -12.831 -6.942  5.881   1.00 40.46 ? 310 HOH X O   1 
HETATM 1410 O  O   . HOH F 5 .   ? -16.634 3.670   2.615   1.00 34.62 ? 311 HOH X O   1 
HETATM 1411 O  O   . HOH F 5 .   ? 3.966   -2.188  -22.162 1.00 43.20 ? 312 HOH X O   1 
HETATM 1412 O  O   . HOH F 5 .   ? 0.431   14.322  3.569   1.00 39.34 ? 313 HOH X O   1 
HETATM 1413 O  O   . HOH F 5 .   ? 4.516   -3.722  -9.437  1.00 40.10 ? 314 HOH X O   1 
HETATM 1414 O  O   . HOH F 5 .   ? 4.651   -7.534  23.525  1.00 35.41 ? 315 HOH X O   1 
HETATM 1415 O  O   . HOH F 5 .   ? -6.887  -10.346 11.687  1.00 43.71 ? 316 HOH X O   1 
HETATM 1416 O  O   . HOH F 5 .   ? -15.016 6.045   4.150   1.00 40.59 ? 317 HOH X O   1 
HETATM 1417 O  O   . HOH F 5 .   ? 3.176   10.959  1.901   1.00 47.38 ? 318 HOH X O   1 
HETATM 1418 O  O   . HOH F 5 .   ? 15.069  -7.314  -4.943  1.00 38.42 ? 319 HOH X O   1 
HETATM 1419 O  O   . HOH F 5 .   ? 4.408   -0.371  -0.577  1.00 88.29 ? 320 HOH X O   1 
HETATM 1420 O  O   . HOH F 5 .   ? -16.930 1.649   -3.767  1.00 78.33 ? 321 HOH X O   1 
HETATM 1421 O  O   . HOH F 5 .   ? 12.863  -12.525 11.604  1.00 32.69 ? 322 HOH X O   1 
HETATM 1422 O  O   . HOH F 5 .   ? 9.177   -13.930 -13.197 1.00 45.64 ? 323 HOH X O   1 
# 
